data_3IYB
# 
_entry.id   3IYB 
# 
_audit_conform.dict_name       mmcif_pdbx.dic 
_audit_conform.dict_version    5.387 
_audit_conform.dict_location   http://mmcif.pdb.org/dictionaries/ascii/mmcif_pdbx.dic 
# 
loop_
_database_2.database_id 
_database_2.database_code 
_database_2.pdbx_database_accession 
_database_2.pdbx_DOI 
PDB   3IYB         pdb_00003iyb 10.2210/pdb3iyb/pdb 
RCSB  RCSB160017   ?            ?                   
WWPDB D_1000160017 ?            ?                   
# 
loop_
_pdbx_audit_revision_history.ordinal 
_pdbx_audit_revision_history.data_content_type 
_pdbx_audit_revision_history.major_revision 
_pdbx_audit_revision_history.minor_revision 
_pdbx_audit_revision_history.revision_date 
1 'Structure model' 1 0 2010-03-16 
2 'Structure model' 1 1 2011-07-13 
3 'Structure model' 1 2 2015-01-28 
4 'Structure model' 1 3 2016-11-09 
5 'Structure model' 1 4 2018-07-18 
6 'Structure model' 1 5 2024-02-21 
# 
_pdbx_audit_revision_details.ordinal             1 
_pdbx_audit_revision_details.revision_ordinal    1 
_pdbx_audit_revision_details.data_content_type   'Structure model' 
_pdbx_audit_revision_details.provider            repository 
_pdbx_audit_revision_details.type                'Initial release' 
_pdbx_audit_revision_details.description         ? 
_pdbx_audit_revision_details.details             ? 
# 
loop_
_pdbx_audit_revision_group.ordinal 
_pdbx_audit_revision_group.revision_ordinal 
_pdbx_audit_revision_group.data_content_type 
_pdbx_audit_revision_group.group 
1 2 'Structure model' 'Version format compliance' 
2 3 'Structure model' 'Database references'       
3 4 'Structure model' Other                       
4 5 'Structure model' 'Data collection'           
5 6 'Structure model' 'Data collection'           
6 6 'Structure model' 'Database references'       
7 6 'Structure model' 'Derived calculations'      
8 6 'Structure model' 'Refinement description'    
# 
loop_
_pdbx_audit_revision_category.ordinal 
_pdbx_audit_revision_category.revision_ordinal 
_pdbx_audit_revision_category.data_content_type 
_pdbx_audit_revision_category.category 
1 5 'Structure model' em_image_scans                
2 5 'Structure model' em_software                   
3 6 'Structure model' chem_comp_atom                
4 6 'Structure model' chem_comp_bond                
5 6 'Structure model' database_2                    
6 6 'Structure model' em_3d_fitting_list            
7 6 'Structure model' pdbx_initial_refinement_model 
8 6 'Structure model' pdbx_struct_oper_list         
# 
loop_
_pdbx_audit_revision_item.ordinal 
_pdbx_audit_revision_item.revision_ordinal 
_pdbx_audit_revision_item.data_content_type 
_pdbx_audit_revision_item.item 
1  5 'Structure model' '_em_software.image_processing_id'                
2  6 'Structure model' '_database_2.pdbx_DOI'                            
3  6 'Structure model' '_database_2.pdbx_database_accession'             
4  6 'Structure model' '_em_3d_fitting_list.accession_code'              
5  6 'Structure model' '_em_3d_fitting_list.initial_refinement_model_id' 
6  6 'Structure model' '_em_3d_fitting_list.source_name'                 
7  6 'Structure model' '_em_3d_fitting_list.type'                        
8  6 'Structure model' '_pdbx_struct_oper_list.name'                     
9  6 'Structure model' '_pdbx_struct_oper_list.symmetry_operation'       
10 6 'Structure model' '_pdbx_struct_oper_list.type'                     
# 
_pdbx_database_status.status_code                     REL 
_pdbx_database_status.entry_id                        3IYB 
_pdbx_database_status.recvd_initial_deposition_date   2009-07-21 
_pdbx_database_status.deposit_site                    RCSB 
_pdbx_database_status.process_site                    RCSB 
_pdbx_database_status.status_code_sf                  ? 
_pdbx_database_status.status_code_mr                  ? 
_pdbx_database_status.SG_entry                        ? 
_pdbx_database_status.status_code_cs                  ? 
_pdbx_database_status.pdb_format_compatible           Y 
_pdbx_database_status.methods_development_category    ? 
_pdbx_database_status.status_code_nmr_data            ? 
# 
loop_
_pdbx_database_related.db_name 
_pdbx_database_related.db_id 
_pdbx_database_related.content_type 
_pdbx_database_related.details 
EMDB EMD-5123 'associated EM volume' . 
EMDB EMD-5122 'other EM volume'      . 
PDB  3IYC     unspecified            . 
# 
loop_
_audit_author.name 
_audit_author.pdbx_ordinal 
'Levy, H.C.'   1 
'Bostina, M.'  2 
'Filman, D.J.' 3 
'Hogle, J.M.'  4 
# 
_citation.id                        primary 
_citation.title                     
'Catching a virus in the act of RNA release: a novel poliovirus uncoating intermediate characterized by cryo-electron microscopy.' 
_citation.journal_abbrev            J.Virol. 
_citation.journal_volume            84 
_citation.page_first                4426 
_citation.page_last                 4441 
_citation.year                      2010 
_citation.journal_id_ASTM           JOVIAM 
_citation.country                   US 
_citation.journal_id_ISSN           0022-538X 
_citation.journal_id_CSD            0825 
_citation.book_publisher            ? 
_citation.pdbx_database_id_PubMed   20181687 
_citation.pdbx_database_id_DOI      10.1128/JVI.02393-09 
# 
loop_
_citation_author.citation_id 
_citation_author.name 
_citation_author.ordinal 
_citation_author.identifier_ORCID 
primary 'Levy, H.C.'   1 ? 
primary 'Bostina, M.'  2 ? 
primary 'Filman, D.J.' 3 ? 
primary 'Hogle, J.M.'  4 ? 
# 
loop_
_entity.id 
_entity.type 
_entity.src_method 
_entity.pdbx_description 
_entity.formula_weight 
_entity.pdbx_number_of_molecules 
_entity.pdbx_ec 
_entity.pdbx_mutation 
_entity.pdbx_fragment 
_entity.details 
1 polymer man 'Genome polyprotein'    26558.979 1 '3.4.22.29, 3.6.1.15, 3.4.22.28, 2.7.7.48' ? ? ? 
2 polymer man 'Genome polyprotein'    1518.665  1 '3.4.22.29, 3.6.1.15, 3.4.22.28, 2.7.7.48' ? ? ? 
3 polymer man 'Precursor polyprotein' 25777.613 1 ?                                          ? ? ? 
4 polymer man 'Genome polyprotein'    27181.639 1 '3.4.22.29, 3.6.1.15, 3.4.22.28, 2.7.7.48' ? ? ? 
5 polymer man 'VP1 core'              954.168   1 ?                                          ? ? ? 
# 
loop_
_entity_name_com.entity_id 
_entity_name_com.name 
1 
;Protein VP0, VP4-VP2, Protein VP4, Virion protein 4, P1A, Protein VP2, Virion protein 2, P1B, Protein VP3, Virion protein 3, P1C, Protein VP1, Virion protein 1, P1D, Picornain 2A, Protein 2A, P2A, Protein 2B, P2B, Protein 2C, P2C, Protein 3A, P3A, Protein 3B, P3B, VPg, Picornain 3C, Protease 3C, P3C, RNA-directed RNA polymerase 3D-POL, P3D-POL
;
2 
;Protein VP0, VP4-VP2, Protein VP4, Virion protein 4, P1A, Protein VP2, Virion protein 2, P1B, Protein VP3, Virion protein 3, P1C, Protein VP1, Virion protein 1, P1D, Picornain 2A, Protein 2A, P2A, Protein 2B, P2B, Protein 2C, P2C, Protein 3A, P3A, Protein 3B, P3B, VPg, Picornain 3C, Protease 3C, P3C, RNA-directed RNA polymerase 3D-POL, P3D-POL
;
4 
;Protein VP0, VP4-VP2, Protein VP4, Virion protein 4, P1A, Protein VP2, Virion protein 2, P1B, Protein VP3, Virion protein 3, P1C, Protein VP1, Virion protein 1, P1D, Picornain 2A, Protein 2A, P2A, Protein 2B, P2B, Protein 2C, P2C, Protein 3A, P3A, Protein 3B, P3B, VPg, Picornain 3C, Protease 3C, P3C, RNA-directed RNA polymerase 3D-POL, P3D-POL
;
# 
loop_
_entity_poly.entity_id 
_entity_poly.type 
_entity_poly.nstd_linkage 
_entity_poly.nstd_monomer 
_entity_poly.pdbx_seq_one_letter_code 
_entity_poly.pdbx_seq_one_letter_code_can 
_entity_poly.pdbx_strand_id 
_entity_poly.pdbx_target_identifier 
1 'polypeptide(L)' no no 
;QHRSRSESSIESFFARGACVTIMTVDNPASTTNKDKLFAVWKITYKDTVQLRRKLEFFTYSRFDMELTFVVTANFTETNN
GHALNQVYQIMYVPPGAPVPEKWDDYTWQTSSNPSIFYTYGTAPARISVPYVGISNAYSHFYDGFSKVPLKDQSAALGDS
LYGAASLNDFGILAVRVVNDHNPTKVTSKIRVYLKPKHIRVWCPRPPRAVAYYGPGVDYKDGTLTPLSTKDLTTY
;
;QHRSRSESSIESFFARGACVTIMTVDNPASTTNKDKLFAVWKITYKDTVQLRRKLEFFTYSRFDMELTFVVTANFTETNN
GHALNQVYQIMYVPPGAPVPEKWDDYTWQTSSNPSIFYTYGTAPARISVPYVGISNAYSHFYDGFSKVPLKDQSAALGDS
LYGAASLNDFGILAVRVVNDHNPTKVTSKIRVYLKPKHIRVWCPRPPRAVAYYGPGVDYKDGTLTPLSTKDLTTY
;
1 ? 
2 'polypeptide(L)' no no LQLTLGNSTITTQE LQLTLGNSTITTQE 2 ? 
3 'polypeptide(L)' no no 
;GLPVMNTPGSNQYLTADNFQSPCALPEFDVTPPIDIPGEVKNMMELAEIDTMIPFDLSATKKNTMEMYRVRLSDKPHTDD
PILCLSLSPASDPRLSHTMLGEILNYYTHWAGSLKFTFLFCGSMMATGKLLVSYAPPGADPPKKRKEAMLGTHVIWDIGL
QSSCTMVVPWISNTTYRQTIDDSFTEGGYISVFYQTRIVVPLSTPREMDILGFVSACNDFSVRLLRDTTHI
;
;GLPVMNTPGSNQYLTADNFQSPCALPEFDVTPPIDIPGEVKNMMELAEIDTMIPFDLSATKKNTMEMYRVRLSDKPHTDD
PILCLSLSPASDPRLSHTMLGEILNYYTHWAGSLKFTFLFCGSMMATGKLLVSYAPPGADPPKKRKEAMLGTHVIWDIGL
QSSCTMVVPWISNTTYRQTIDDSFTEGGYISVFYQTRIVVPLSTPREMDILGFVSACNDFSVRLLRDTTHI
;
3 ? 
4 'polypeptide(L)' no no 
;AANSVVAYGRWPEYLRDSEANPVDQPTEPDVAACRFYTLDTVSWTKESRGWWWKLPDALRDMGLFGQNMYYHYLGRSGYT
VHVQCNASKFHQGALGVFAVPEMCLAGDSNTTTMHTSYQNANPGEKGGTFTGTFTPDNNQTSPARRFCPVDYLLGNGTLL
GNAFVFPHQIINLRTNNCATLVLPYVNSLSIDSMVKHNNWGIAILPLAPLNFASESSPEIPITLTIAPMCCEFNGLRNIT
LPRLQ
;
;AANSVVAYGRWPEYLRDSEANPVDQPTEPDVAACRFYTLDTVSWTKESRGWWWKLPDALRDMGLFGQNMYYHYLGRSGYT
VHVQCNASKFHQGALGVFAVPEMCLAGDSNTTTMHTSYQNANPGEKGGTFTGTFTPDNNQTSPARRFCPVDYLLGNGTLL
GNAFVFPHQIINLRTNNCATLVLPYVNSLSIDSMVKHNNWGIAILPLAPLNFASESSPEIPITLTIAPMCCEFNGLRNIT
LPRLQ
;
4 ? 
5 'polypeptide(L)' no no '(UNK)(UNK)(UNK)(UNK)(UNK)(UNK)(UNK)(UNK)(UNK)(UNK)(UNK)' XXXXXXXXXXX 7 ? 
# 
loop_
_entity_poly_seq.entity_id 
_entity_poly_seq.num 
_entity_poly_seq.mon_id 
_entity_poly_seq.hetero 
1 1   GLN n 
1 2   HIS n 
1 3   ARG n 
1 4   SER n 
1 5   ARG n 
1 6   SER n 
1 7   GLU n 
1 8   SER n 
1 9   SER n 
1 10  ILE n 
1 11  GLU n 
1 12  SER n 
1 13  PHE n 
1 14  PHE n 
1 15  ALA n 
1 16  ARG n 
1 17  GLY n 
1 18  ALA n 
1 19  CYS n 
1 20  VAL n 
1 21  THR n 
1 22  ILE n 
1 23  MET n 
1 24  THR n 
1 25  VAL n 
1 26  ASP n 
1 27  ASN n 
1 28  PRO n 
1 29  ALA n 
1 30  SER n 
1 31  THR n 
1 32  THR n 
1 33  ASN n 
1 34  LYS n 
1 35  ASP n 
1 36  LYS n 
1 37  LEU n 
1 38  PHE n 
1 39  ALA n 
1 40  VAL n 
1 41  TRP n 
1 42  LYS n 
1 43  ILE n 
1 44  THR n 
1 45  TYR n 
1 46  LYS n 
1 47  ASP n 
1 48  THR n 
1 49  VAL n 
1 50  GLN n 
1 51  LEU n 
1 52  ARG n 
1 53  ARG n 
1 54  LYS n 
1 55  LEU n 
1 56  GLU n 
1 57  PHE n 
1 58  PHE n 
1 59  THR n 
1 60  TYR n 
1 61  SER n 
1 62  ARG n 
1 63  PHE n 
1 64  ASP n 
1 65  MET n 
1 66  GLU n 
1 67  LEU n 
1 68  THR n 
1 69  PHE n 
1 70  VAL n 
1 71  VAL n 
1 72  THR n 
1 73  ALA n 
1 74  ASN n 
1 75  PHE n 
1 76  THR n 
1 77  GLU n 
1 78  THR n 
1 79  ASN n 
1 80  ASN n 
1 81  GLY n 
1 82  HIS n 
1 83  ALA n 
1 84  LEU n 
1 85  ASN n 
1 86  GLN n 
1 87  VAL n 
1 88  TYR n 
1 89  GLN n 
1 90  ILE n 
1 91  MET n 
1 92  TYR n 
1 93  VAL n 
1 94  PRO n 
1 95  PRO n 
1 96  GLY n 
1 97  ALA n 
1 98  PRO n 
1 99  VAL n 
1 100 PRO n 
1 101 GLU n 
1 102 LYS n 
1 103 TRP n 
1 104 ASP n 
1 105 ASP n 
1 106 TYR n 
1 107 THR n 
1 108 TRP n 
1 109 GLN n 
1 110 THR n 
1 111 SER n 
1 112 SER n 
1 113 ASN n 
1 114 PRO n 
1 115 SER n 
1 116 ILE n 
1 117 PHE n 
1 118 TYR n 
1 119 THR n 
1 120 TYR n 
1 121 GLY n 
1 122 THR n 
1 123 ALA n 
1 124 PRO n 
1 125 ALA n 
1 126 ARG n 
1 127 ILE n 
1 128 SER n 
1 129 VAL n 
1 130 PRO n 
1 131 TYR n 
1 132 VAL n 
1 133 GLY n 
1 134 ILE n 
1 135 SER n 
1 136 ASN n 
1 137 ALA n 
1 138 TYR n 
1 139 SER n 
1 140 HIS n 
1 141 PHE n 
1 142 TYR n 
1 143 ASP n 
1 144 GLY n 
1 145 PHE n 
1 146 SER n 
1 147 LYS n 
1 148 VAL n 
1 149 PRO n 
1 150 LEU n 
1 151 LYS n 
1 152 ASP n 
1 153 GLN n 
1 154 SER n 
1 155 ALA n 
1 156 ALA n 
1 157 LEU n 
1 158 GLY n 
1 159 ASP n 
1 160 SER n 
1 161 LEU n 
1 162 TYR n 
1 163 GLY n 
1 164 ALA n 
1 165 ALA n 
1 166 SER n 
1 167 LEU n 
1 168 ASN n 
1 169 ASP n 
1 170 PHE n 
1 171 GLY n 
1 172 ILE n 
1 173 LEU n 
1 174 ALA n 
1 175 VAL n 
1 176 ARG n 
1 177 VAL n 
1 178 VAL n 
1 179 ASN n 
1 180 ASP n 
1 181 HIS n 
1 182 ASN n 
1 183 PRO n 
1 184 THR n 
1 185 LYS n 
1 186 VAL n 
1 187 THR n 
1 188 SER n 
1 189 LYS n 
1 190 ILE n 
1 191 ARG n 
1 192 VAL n 
1 193 TYR n 
1 194 LEU n 
1 195 LYS n 
1 196 PRO n 
1 197 LYS n 
1 198 HIS n 
1 199 ILE n 
1 200 ARG n 
1 201 VAL n 
1 202 TRP n 
1 203 CYS n 
1 204 PRO n 
1 205 ARG n 
1 206 PRO n 
1 207 PRO n 
1 208 ARG n 
1 209 ALA n 
1 210 VAL n 
1 211 ALA n 
1 212 TYR n 
1 213 TYR n 
1 214 GLY n 
1 215 PRO n 
1 216 GLY n 
1 217 VAL n 
1 218 ASP n 
1 219 TYR n 
1 220 LYS n 
1 221 ASP n 
1 222 GLY n 
1 223 THR n 
1 224 LEU n 
1 225 THR n 
1 226 PRO n 
1 227 LEU n 
1 228 SER n 
1 229 THR n 
1 230 LYS n 
1 231 ASP n 
1 232 LEU n 
1 233 THR n 
1 234 THR n 
1 235 TYR n 
2 1   LEU n 
2 2   GLN n 
2 3   LEU n 
2 4   THR n 
2 5   LEU n 
2 6   GLY n 
2 7   ASN n 
2 8   SER n 
2 9   THR n 
2 10  ILE n 
2 11  THR n 
2 12  THR n 
2 13  GLN n 
2 14  GLU n 
3 1   GLY n 
3 2   LEU n 
3 3   PRO n 
3 4   VAL n 
3 5   MET n 
3 6   ASN n 
3 7   THR n 
3 8   PRO n 
3 9   GLY n 
3 10  SER n 
3 11  ASN n 
3 12  GLN n 
3 13  TYR n 
3 14  LEU n 
3 15  THR n 
3 16  ALA n 
3 17  ASP n 
3 18  ASN n 
3 19  PHE n 
3 20  GLN n 
3 21  SER n 
3 22  PRO n 
3 23  CYS n 
3 24  ALA n 
3 25  LEU n 
3 26  PRO n 
3 27  GLU n 
3 28  PHE n 
3 29  ASP n 
3 30  VAL n 
3 31  THR n 
3 32  PRO n 
3 33  PRO n 
3 34  ILE n 
3 35  ASP n 
3 36  ILE n 
3 37  PRO n 
3 38  GLY n 
3 39  GLU n 
3 40  VAL n 
3 41  LYS n 
3 42  ASN n 
3 43  MET n 
3 44  MET n 
3 45  GLU n 
3 46  LEU n 
3 47  ALA n 
3 48  GLU n 
3 49  ILE n 
3 50  ASP n 
3 51  THR n 
3 52  MET n 
3 53  ILE n 
3 54  PRO n 
3 55  PHE n 
3 56  ASP n 
3 57  LEU n 
3 58  SER n 
3 59  ALA n 
3 60  THR n 
3 61  LYS n 
3 62  LYS n 
3 63  ASN n 
3 64  THR n 
3 65  MET n 
3 66  GLU n 
3 67  MET n 
3 68  TYR n 
3 69  ARG n 
3 70  VAL n 
3 71  ARG n 
3 72  LEU n 
3 73  SER n 
3 74  ASP n 
3 75  LYS n 
3 76  PRO n 
3 77  HIS n 
3 78  THR n 
3 79  ASP n 
3 80  ASP n 
3 81  PRO n 
3 82  ILE n 
3 83  LEU n 
3 84  CYS n 
3 85  LEU n 
3 86  SER n 
3 87  LEU n 
3 88  SER n 
3 89  PRO n 
3 90  ALA n 
3 91  SER n 
3 92  ASP n 
3 93  PRO n 
3 94  ARG n 
3 95  LEU n 
3 96  SER n 
3 97  HIS n 
3 98  THR n 
3 99  MET n 
3 100 LEU n 
3 101 GLY n 
3 102 GLU n 
3 103 ILE n 
3 104 LEU n 
3 105 ASN n 
3 106 TYR n 
3 107 TYR n 
3 108 THR n 
3 109 HIS n 
3 110 TRP n 
3 111 ALA n 
3 112 GLY n 
3 113 SER n 
3 114 LEU n 
3 115 LYS n 
3 116 PHE n 
3 117 THR n 
3 118 PHE n 
3 119 LEU n 
3 120 PHE n 
3 121 CYS n 
3 122 GLY n 
3 123 SER n 
3 124 MET n 
3 125 MET n 
3 126 ALA n 
3 127 THR n 
3 128 GLY n 
3 129 LYS n 
3 130 LEU n 
3 131 LEU n 
3 132 VAL n 
3 133 SER n 
3 134 TYR n 
3 135 ALA n 
3 136 PRO n 
3 137 PRO n 
3 138 GLY n 
3 139 ALA n 
3 140 ASP n 
3 141 PRO n 
3 142 PRO n 
3 143 LYS n 
3 144 LYS n 
3 145 ARG n 
3 146 LYS n 
3 147 GLU n 
3 148 ALA n 
3 149 MET n 
3 150 LEU n 
3 151 GLY n 
3 152 THR n 
3 153 HIS n 
3 154 VAL n 
3 155 ILE n 
3 156 TRP n 
3 157 ASP n 
3 158 ILE n 
3 159 GLY n 
3 160 LEU n 
3 161 GLN n 
3 162 SER n 
3 163 SER n 
3 164 CYS n 
3 165 THR n 
3 166 MET n 
3 167 VAL n 
3 168 VAL n 
3 169 PRO n 
3 170 TRP n 
3 171 ILE n 
3 172 SER n 
3 173 ASN n 
3 174 THR n 
3 175 THR n 
3 176 TYR n 
3 177 ARG n 
3 178 GLN n 
3 179 THR n 
3 180 ILE n 
3 181 ASP n 
3 182 ASP n 
3 183 SER n 
3 184 PHE n 
3 185 THR n 
3 186 GLU n 
3 187 GLY n 
3 188 GLY n 
3 189 TYR n 
3 190 ILE n 
3 191 SER n 
3 192 VAL n 
3 193 PHE n 
3 194 TYR n 
3 195 GLN n 
3 196 THR n 
3 197 ARG n 
3 198 ILE n 
3 199 VAL n 
3 200 VAL n 
3 201 PRO n 
3 202 LEU n 
3 203 SER n 
3 204 THR n 
3 205 PRO n 
3 206 ARG n 
3 207 GLU n 
3 208 MET n 
3 209 ASP n 
3 210 ILE n 
3 211 LEU n 
3 212 GLY n 
3 213 PHE n 
3 214 VAL n 
3 215 SER n 
3 216 ALA n 
3 217 CYS n 
3 218 ASN n 
3 219 ASP n 
3 220 PHE n 
3 221 SER n 
3 222 VAL n 
3 223 ARG n 
3 224 LEU n 
3 225 LEU n 
3 226 ARG n 
3 227 ASP n 
3 228 THR n 
3 229 THR n 
3 230 HIS n 
3 231 ILE n 
4 1   ALA n 
4 2   ALA n 
4 3   ASN n 
4 4   SER n 
4 5   VAL n 
4 6   VAL n 
4 7   ALA n 
4 8   TYR n 
4 9   GLY n 
4 10  ARG n 
4 11  TRP n 
4 12  PRO n 
4 13  GLU n 
4 14  TYR n 
4 15  LEU n 
4 16  ARG n 
4 17  ASP n 
4 18  SER n 
4 19  GLU n 
4 20  ALA n 
4 21  ASN n 
4 22  PRO n 
4 23  VAL n 
4 24  ASP n 
4 25  GLN n 
4 26  PRO n 
4 27  THR n 
4 28  GLU n 
4 29  PRO n 
4 30  ASP n 
4 31  VAL n 
4 32  ALA n 
4 33  ALA n 
4 34  CYS n 
4 35  ARG n 
4 36  PHE n 
4 37  TYR n 
4 38  THR n 
4 39  LEU n 
4 40  ASP n 
4 41  THR n 
4 42  VAL n 
4 43  SER n 
4 44  TRP n 
4 45  THR n 
4 46  LYS n 
4 47  GLU n 
4 48  SER n 
4 49  ARG n 
4 50  GLY n 
4 51  TRP n 
4 52  TRP n 
4 53  TRP n 
4 54  LYS n 
4 55  LEU n 
4 56  PRO n 
4 57  ASP n 
4 58  ALA n 
4 59  LEU n 
4 60  ARG n 
4 61  ASP n 
4 62  MET n 
4 63  GLY n 
4 64  LEU n 
4 65  PHE n 
4 66  GLY n 
4 67  GLN n 
4 68  ASN n 
4 69  MET n 
4 70  TYR n 
4 71  TYR n 
4 72  HIS n 
4 73  TYR n 
4 74  LEU n 
4 75  GLY n 
4 76  ARG n 
4 77  SER n 
4 78  GLY n 
4 79  TYR n 
4 80  THR n 
4 81  VAL n 
4 82  HIS n 
4 83  VAL n 
4 84  GLN n 
4 85  CYS n 
4 86  ASN n 
4 87  ALA n 
4 88  SER n 
4 89  LYS n 
4 90  PHE n 
4 91  HIS n 
4 92  GLN n 
4 93  GLY n 
4 94  ALA n 
4 95  LEU n 
4 96  GLY n 
4 97  VAL n 
4 98  PHE n 
4 99  ALA n 
4 100 VAL n 
4 101 PRO n 
4 102 GLU n 
4 103 MET n 
4 104 CYS n 
4 105 LEU n 
4 106 ALA n 
4 107 GLY n 
4 108 ASP n 
4 109 SER n 
4 110 ASN n 
4 111 THR n 
4 112 THR n 
4 113 THR n 
4 114 MET n 
4 115 HIS n 
4 116 THR n 
4 117 SER n 
4 118 TYR n 
4 119 GLN n 
4 120 ASN n 
4 121 ALA n 
4 122 ASN n 
4 123 PRO n 
4 124 GLY n 
4 125 GLU n 
4 126 LYS n 
4 127 GLY n 
4 128 GLY n 
4 129 THR n 
4 130 PHE n 
4 131 THR n 
4 132 GLY n 
4 133 THR n 
4 134 PHE n 
4 135 THR n 
4 136 PRO n 
4 137 ASP n 
4 138 ASN n 
4 139 ASN n 
4 140 GLN n 
4 141 THR n 
4 142 SER n 
4 143 PRO n 
4 144 ALA n 
4 145 ARG n 
4 146 ARG n 
4 147 PHE n 
4 148 CYS n 
4 149 PRO n 
4 150 VAL n 
4 151 ASP n 
4 152 TYR n 
4 153 LEU n 
4 154 LEU n 
4 155 GLY n 
4 156 ASN n 
4 157 GLY n 
4 158 THR n 
4 159 LEU n 
4 160 LEU n 
4 161 GLY n 
4 162 ASN n 
4 163 ALA n 
4 164 PHE n 
4 165 VAL n 
4 166 PHE n 
4 167 PRO n 
4 168 HIS n 
4 169 GLN n 
4 170 ILE n 
4 171 ILE n 
4 172 ASN n 
4 173 LEU n 
4 174 ARG n 
4 175 THR n 
4 176 ASN n 
4 177 ASN n 
4 178 CYS n 
4 179 ALA n 
4 180 THR n 
4 181 LEU n 
4 182 VAL n 
4 183 LEU n 
4 184 PRO n 
4 185 TYR n 
4 186 VAL n 
4 187 ASN n 
4 188 SER n 
4 189 LEU n 
4 190 SER n 
4 191 ILE n 
4 192 ASP n 
4 193 SER n 
4 194 MET n 
4 195 VAL n 
4 196 LYS n 
4 197 HIS n 
4 198 ASN n 
4 199 ASN n 
4 200 TRP n 
4 201 GLY n 
4 202 ILE n 
4 203 ALA n 
4 204 ILE n 
4 205 LEU n 
4 206 PRO n 
4 207 LEU n 
4 208 ALA n 
4 209 PRO n 
4 210 LEU n 
4 211 ASN n 
4 212 PHE n 
4 213 ALA n 
4 214 SER n 
4 215 GLU n 
4 216 SER n 
4 217 SER n 
4 218 PRO n 
4 219 GLU n 
4 220 ILE n 
4 221 PRO n 
4 222 ILE n 
4 223 THR n 
4 224 LEU n 
4 225 THR n 
4 226 ILE n 
4 227 ALA n 
4 228 PRO n 
4 229 MET n 
4 230 CYS n 
4 231 CYS n 
4 232 GLU n 
4 233 PHE n 
4 234 ASN n 
4 235 GLY n 
4 236 LEU n 
4 237 ARG n 
4 238 ASN n 
4 239 ILE n 
4 240 THR n 
4 241 LEU n 
4 242 PRO n 
4 243 ARG n 
4 244 LEU n 
4 245 GLN n 
5 1   UNK n 
5 2   UNK n 
5 3   UNK n 
5 4   UNK n 
5 5   UNK n 
5 6   UNK n 
5 7   UNK n 
5 8   UNK n 
5 9   UNK n 
5 10  UNK n 
5 11  UNK n 
# 
loop_
_entity_src_gen.entity_id 
_entity_src_gen.pdbx_src_id 
_entity_src_gen.pdbx_alt_source_flag 
_entity_src_gen.pdbx_seq_type 
_entity_src_gen.pdbx_beg_seq_num 
_entity_src_gen.pdbx_end_seq_num 
_entity_src_gen.gene_src_common_name 
_entity_src_gen.gene_src_genus 
_entity_src_gen.pdbx_gene_src_gene 
_entity_src_gen.gene_src_species 
_entity_src_gen.gene_src_strain 
_entity_src_gen.gene_src_tissue 
_entity_src_gen.gene_src_tissue_fraction 
_entity_src_gen.gene_src_details 
_entity_src_gen.pdbx_gene_src_fragment 
_entity_src_gen.pdbx_gene_src_scientific_name 
_entity_src_gen.pdbx_gene_src_ncbi_taxonomy_id 
_entity_src_gen.pdbx_gene_src_variant 
_entity_src_gen.pdbx_gene_src_cell_line 
_entity_src_gen.pdbx_gene_src_atcc 
_entity_src_gen.pdbx_gene_src_organ 
_entity_src_gen.pdbx_gene_src_organelle 
_entity_src_gen.pdbx_gene_src_cell 
_entity_src_gen.pdbx_gene_src_cellular_location 
_entity_src_gen.host_org_common_name 
_entity_src_gen.pdbx_host_org_scientific_name 
_entity_src_gen.pdbx_host_org_ncbi_taxonomy_id 
_entity_src_gen.host_org_genus 
_entity_src_gen.pdbx_host_org_gene 
_entity_src_gen.pdbx_host_org_organ 
_entity_src_gen.host_org_species 
_entity_src_gen.pdbx_host_org_tissue 
_entity_src_gen.pdbx_host_org_tissue_fraction 
_entity_src_gen.pdbx_host_org_strain 
_entity_src_gen.pdbx_host_org_variant 
_entity_src_gen.pdbx_host_org_cell_line 
_entity_src_gen.pdbx_host_org_atcc 
_entity_src_gen.pdbx_host_org_culture_collection 
_entity_src_gen.pdbx_host_org_cell 
_entity_src_gen.pdbx_host_org_organelle 
_entity_src_gen.pdbx_host_org_cellular_location 
_entity_src_gen.pdbx_host_org_vector_type 
_entity_src_gen.pdbx_host_org_vector 
_entity_src_gen.host_org_details 
_entity_src_gen.expression_system_id 
_entity_src_gen.plasmid_name 
_entity_src_gen.plasmid_details 
_entity_src_gen.pdbx_description 
1 1 sample ? ? ? ? ? ? ? ? ? ? ? ? 'Human poliovirus 1 Mahoney'                                 12081 ? ? ? ? ? ? ? ? ? ? ? ? ? ? 
? ? ? ? ? ? ? ? ? ? ? ? ? ? ? ? ? 
2 1 sample ? ? ? ? ? ? ? ? ? ? ? ? 'Poliovirus type 3 (strains P3/LEON/37 AND P3/LEON 12A[1]B)' 12088 ? ? ? ? ? ? ? ? ? ? ? ? ? ? 
? ? ? ? ? ? ? ? ? ? ? ? ? ? ? ? ? 
3 1 sample ? ? ? ? ? ? ? ? ? ? ? ? 'Human poliovirus 1'                                         12080 ? ? ? ? ? ? ? ? ? ? ? ? ? ? 
? ? ? ? ? ? ? ? ? ? ? ? ? ? ? ? ? 
4 1 sample ? ? ? ? ? ? ? ? ? ? ? ? 'Human poliovirus 1 Mahoney'                                 12081 ? ? ? ? ? ? ? ? ? ? ? ? ? ? 
? ? ? ? ? ? ? ? ? ? ? ? ? ? ? ? ? 
5 1 sample ? ? ? ? ? ? ? ? ? ? ? ? 'Human poliovirus 1'                                         12080 ? ? ? ? ? ? ? ? ? ? ? ? ? ? 
? ? ? ? ? ? ? ? ? ? ? ? ? ? ? ? ? 
# 
loop_
_chem_comp.id 
_chem_comp.type 
_chem_comp.mon_nstd_flag 
_chem_comp.name 
_chem_comp.pdbx_synonyms 
_chem_comp.formula 
_chem_comp.formula_weight 
ALA 'L-peptide linking' y ALANINE         ? 'C3 H7 N O2'     89.093  
ARG 'L-peptide linking' y ARGININE        ? 'C6 H15 N4 O2 1' 175.209 
ASN 'L-peptide linking' y ASPARAGINE      ? 'C4 H8 N2 O3'    132.118 
ASP 'L-peptide linking' y 'ASPARTIC ACID' ? 'C4 H7 N O4'     133.103 
CYS 'L-peptide linking' y CYSTEINE        ? 'C3 H7 N O2 S'   121.158 
GLN 'L-peptide linking' y GLUTAMINE       ? 'C5 H10 N2 O3'   146.144 
GLU 'L-peptide linking' y 'GLUTAMIC ACID' ? 'C5 H9 N O4'     147.129 
GLY 'peptide linking'   y GLYCINE         ? 'C2 H5 N O2'     75.067  
HIS 'L-peptide linking' y HISTIDINE       ? 'C6 H10 N3 O2 1' 156.162 
ILE 'L-peptide linking' y ISOLEUCINE      ? 'C6 H13 N O2'    131.173 
LEU 'L-peptide linking' y LEUCINE         ? 'C6 H13 N O2'    131.173 
LYS 'L-peptide linking' y LYSINE          ? 'C6 H15 N2 O2 1' 147.195 
MET 'L-peptide linking' y METHIONINE      ? 'C5 H11 N O2 S'  149.211 
PHE 'L-peptide linking' y PHENYLALANINE   ? 'C9 H11 N O2'    165.189 
PRO 'L-peptide linking' y PROLINE         ? 'C5 H9 N O2'     115.130 
SER 'L-peptide linking' y SERINE          ? 'C3 H7 N O3'     105.093 
THR 'L-peptide linking' y THREONINE       ? 'C4 H9 N O3'     119.119 
TRP 'L-peptide linking' y TRYPTOPHAN      ? 'C11 H12 N2 O2'  204.225 
TYR 'L-peptide linking' y TYROSINE        ? 'C9 H11 N O3'    181.189 
UNK 'L-peptide linking' . UNKNOWN         ? 'C4 H9 N O2'     103.120 
VAL 'L-peptide linking' y VALINE          ? 'C5 H11 N O2'    117.146 
# 
loop_
_pdbx_poly_seq_scheme.asym_id 
_pdbx_poly_seq_scheme.entity_id 
_pdbx_poly_seq_scheme.seq_id 
_pdbx_poly_seq_scheme.mon_id 
_pdbx_poly_seq_scheme.ndb_seq_num 
_pdbx_poly_seq_scheme.pdb_seq_num 
_pdbx_poly_seq_scheme.auth_seq_num 
_pdbx_poly_seq_scheme.pdb_mon_id 
_pdbx_poly_seq_scheme.auth_mon_id 
_pdbx_poly_seq_scheme.pdb_strand_id 
_pdbx_poly_seq_scheme.pdb_ins_code 
_pdbx_poly_seq_scheme.hetero 
A 1 1   GLN 1   68  68  GLN GLN 1 . n 
A 1 2   HIS 2   69  69  HIS HIS 1 . n 
A 1 3   ARG 3   70  70  ARG ARG 1 . n 
A 1 4   SER 4   71  71  SER SER 1 . n 
A 1 5   ARG 5   72  72  ARG ARG 1 . n 
A 1 6   SER 6   73  73  SER SER 1 . n 
A 1 7   GLU 7   74  74  GLU GLU 1 . n 
A 1 8   SER 8   75  75  SER SER 1 . n 
A 1 9   SER 9   76  76  SER SER 1 . n 
A 1 10  ILE 10  77  77  ILE ILE 1 . n 
A 1 11  GLU 11  78  78  GLU GLU 1 . n 
A 1 12  SER 12  79  79  SER SER 1 . n 
A 1 13  PHE 13  80  80  PHE PHE 1 . n 
A 1 14  PHE 14  81  81  PHE PHE 1 . n 
A 1 15  ALA 15  82  82  ALA ALA 1 . n 
A 1 16  ARG 16  83  83  ARG ARG 1 . n 
A 1 17  GLY 17  84  84  GLY GLY 1 . n 
A 1 18  ALA 18  85  85  ALA ALA 1 . n 
A 1 19  CYS 19  86  86  CYS CYS 1 . n 
A 1 20  VAL 20  87  87  VAL VAL 1 . n 
A 1 21  THR 21  88  88  THR THR 1 . n 
A 1 22  ILE 22  89  89  ILE ILE 1 . n 
A 1 23  MET 23  90  90  MET MET 1 . n 
A 1 24  THR 24  91  91  THR THR 1 . n 
A 1 25  VAL 25  92  92  VAL VAL 1 . n 
A 1 26  ASP 26  93  93  ASP ASP 1 . n 
A 1 27  ASN 27  94  94  ASN ASN 1 . n 
A 1 28  PRO 28  95  95  PRO PRO 1 . n 
A 1 29  ALA 29  96  96  ALA ALA 1 . n 
A 1 30  SER 30  97  97  SER SER 1 . n 
A 1 31  THR 31  98  98  THR THR 1 . n 
A 1 32  THR 32  99  99  THR THR 1 . n 
A 1 33  ASN 33  100 100 ASN ASN 1 . n 
A 1 34  LYS 34  101 101 LYS LYS 1 . n 
A 1 35  ASP 35  102 102 ASP ASP 1 . n 
A 1 36  LYS 36  103 103 LYS LYS 1 . n 
A 1 37  LEU 37  104 104 LEU LEU 1 . n 
A 1 38  PHE 38  105 105 PHE PHE 1 . n 
A 1 39  ALA 39  106 106 ALA ALA 1 . n 
A 1 40  VAL 40  107 107 VAL VAL 1 . n 
A 1 41  TRP 41  108 108 TRP TRP 1 . n 
A 1 42  LYS 42  109 109 LYS LYS 1 . n 
A 1 43  ILE 43  110 110 ILE ILE 1 . n 
A 1 44  THR 44  111 111 THR THR 1 . n 
A 1 45  TYR 45  112 112 TYR TYR 1 . n 
A 1 46  LYS 46  113 113 LYS LYS 1 . n 
A 1 47  ASP 47  114 114 ASP ASP 1 . n 
A 1 48  THR 48  115 115 THR THR 1 . n 
A 1 49  VAL 49  116 116 VAL VAL 1 . n 
A 1 50  GLN 50  117 117 GLN GLN 1 . n 
A 1 51  LEU 51  118 118 LEU LEU 1 . n 
A 1 52  ARG 52  119 119 ARG ARG 1 . n 
A 1 53  ARG 53  120 120 ARG ARG 1 . n 
A 1 54  LYS 54  121 121 LYS LYS 1 . n 
A 1 55  LEU 55  122 122 LEU LEU 1 . n 
A 1 56  GLU 56  123 123 GLU GLU 1 . n 
A 1 57  PHE 57  124 124 PHE PHE 1 . n 
A 1 58  PHE 58  125 125 PHE PHE 1 . n 
A 1 59  THR 59  126 126 THR THR 1 . n 
A 1 60  TYR 60  127 127 TYR TYR 1 . n 
A 1 61  SER 61  128 128 SER SER 1 . n 
A 1 62  ARG 62  129 129 ARG ARG 1 . n 
A 1 63  PHE 63  130 130 PHE PHE 1 . n 
A 1 64  ASP 64  131 131 ASP ASP 1 . n 
A 1 65  MET 65  132 132 MET MET 1 . n 
A 1 66  GLU 66  133 133 GLU GLU 1 . n 
A 1 67  LEU 67  134 134 LEU LEU 1 . n 
A 1 68  THR 68  135 135 THR THR 1 . n 
A 1 69  PHE 69  136 136 PHE PHE 1 . n 
A 1 70  VAL 70  137 137 VAL VAL 1 . n 
A 1 71  VAL 71  138 138 VAL VAL 1 . n 
A 1 72  THR 72  139 139 THR THR 1 . n 
A 1 73  ALA 73  140 140 ALA ALA 1 . n 
A 1 74  ASN 74  141 141 ASN ASN 1 . n 
A 1 75  PHE 75  142 142 PHE PHE 1 . n 
A 1 76  THR 76  143 143 THR THR 1 . n 
A 1 77  GLU 77  144 144 GLU GLU 1 . n 
A 1 78  THR 78  145 145 THR THR 1 . n 
A 1 79  ASN 79  146 146 ASN ASN 1 . n 
A 1 80  ASN 80  147 147 ASN ASN 1 . n 
A 1 81  GLY 81  148 148 GLY GLY 1 . n 
A 1 82  HIS 82  149 149 HIS HIS 1 . n 
A 1 83  ALA 83  150 150 ALA ALA 1 . n 
A 1 84  LEU 84  151 151 LEU LEU 1 . n 
A 1 85  ASN 85  152 152 ASN ASN 1 . n 
A 1 86  GLN 86  153 153 GLN GLN 1 . n 
A 1 87  VAL 87  154 154 VAL VAL 1 . n 
A 1 88  TYR 88  155 155 TYR TYR 1 . n 
A 1 89  GLN 89  156 156 GLN GLN 1 . n 
A 1 90  ILE 90  157 157 ILE ILE 1 . n 
A 1 91  MET 91  158 158 MET MET 1 . n 
A 1 92  TYR 92  159 159 TYR TYR 1 . n 
A 1 93  VAL 93  160 160 VAL VAL 1 . n 
A 1 94  PRO 94  161 161 PRO PRO 1 . n 
A 1 95  PRO 95  162 162 PRO PRO 1 . n 
A 1 96  GLY 96  163 163 GLY GLY 1 . n 
A 1 97  ALA 97  164 164 ALA ALA 1 . n 
A 1 98  PRO 98  165 165 PRO PRO 1 . n 
A 1 99  VAL 99  166 166 VAL VAL 1 . n 
A 1 100 PRO 100 167 167 PRO PRO 1 . n 
A 1 101 GLU 101 168 168 GLU GLU 1 . n 
A 1 102 LYS 102 169 169 LYS LYS 1 . n 
A 1 103 TRP 103 170 170 TRP TRP 1 . n 
A 1 104 ASP 104 171 171 ASP ASP 1 . n 
A 1 105 ASP 105 172 172 ASP ASP 1 . n 
A 1 106 TYR 106 173 173 TYR TYR 1 . n 
A 1 107 THR 107 174 174 THR THR 1 . n 
A 1 108 TRP 108 175 175 TRP TRP 1 . n 
A 1 109 GLN 109 176 176 GLN GLN 1 . n 
A 1 110 THR 110 177 177 THR THR 1 . n 
A 1 111 SER 111 178 178 SER SER 1 . n 
A 1 112 SER 112 179 179 SER SER 1 . n 
A 1 113 ASN 113 180 180 ASN ASN 1 . n 
A 1 114 PRO 114 181 181 PRO PRO 1 . n 
A 1 115 SER 115 182 182 SER SER 1 . n 
A 1 116 ILE 116 183 183 ILE ILE 1 . n 
A 1 117 PHE 117 184 184 PHE PHE 1 . n 
A 1 118 TYR 118 185 185 TYR TYR 1 . n 
A 1 119 THR 119 186 186 THR THR 1 . n 
A 1 120 TYR 120 187 187 TYR TYR 1 . n 
A 1 121 GLY 121 188 188 GLY GLY 1 . n 
A 1 122 THR 122 189 189 THR THR 1 . n 
A 1 123 ALA 123 190 190 ALA ALA 1 . n 
A 1 124 PRO 124 191 191 PRO PRO 1 . n 
A 1 125 ALA 125 192 192 ALA ALA 1 . n 
A 1 126 ARG 126 193 193 ARG ARG 1 . n 
A 1 127 ILE 127 194 194 ILE ILE 1 . n 
A 1 128 SER 128 195 195 SER SER 1 . n 
A 1 129 VAL 129 196 196 VAL VAL 1 . n 
A 1 130 PRO 130 197 197 PRO PRO 1 . n 
A 1 131 TYR 131 198 198 TYR TYR 1 . n 
A 1 132 VAL 132 199 199 VAL VAL 1 . n 
A 1 133 GLY 133 200 200 GLY GLY 1 . n 
A 1 134 ILE 134 201 201 ILE ILE 1 . n 
A 1 135 SER 135 202 202 SER SER 1 . n 
A 1 136 ASN 136 203 203 ASN ASN 1 . n 
A 1 137 ALA 137 204 204 ALA ALA 1 . n 
A 1 138 TYR 138 205 205 TYR TYR 1 . n 
A 1 139 SER 139 206 206 SER SER 1 . n 
A 1 140 HIS 140 207 207 HIS HIS 1 . n 
A 1 141 PHE 141 208 208 PHE PHE 1 . n 
A 1 142 TYR 142 209 209 TYR TYR 1 . n 
A 1 143 ASP 143 210 210 ASP ASP 1 . n 
A 1 144 GLY 144 211 211 GLY GLY 1 . n 
A 1 145 PHE 145 212 212 PHE PHE 1 . n 
A 1 146 SER 146 213 213 SER SER 1 . n 
A 1 147 LYS 147 214 214 LYS LYS 1 . n 
A 1 148 VAL 148 215 215 VAL VAL 1 . n 
A 1 149 PRO 149 216 216 PRO PRO 1 . n 
A 1 150 LEU 150 217 217 LEU LEU 1 . n 
A 1 151 LYS 151 218 218 LYS LYS 1 . n 
A 1 152 ASP 152 219 219 ASP ASP 1 . n 
A 1 153 GLN 153 220 220 GLN GLN 1 . n 
A 1 154 SER 154 221 221 SER SER 1 . n 
A 1 155 ALA 155 222 222 ALA ALA 1 . n 
A 1 156 ALA 156 223 223 ALA ALA 1 . n 
A 1 157 LEU 157 224 224 LEU LEU 1 . n 
A 1 158 GLY 158 225 225 GLY GLY 1 . n 
A 1 159 ASP 159 226 226 ASP ASP 1 . n 
A 1 160 SER 160 227 227 SER SER 1 . n 
A 1 161 LEU 161 228 228 LEU LEU 1 . n 
A 1 162 TYR 162 229 229 TYR TYR 1 . n 
A 1 163 GLY 163 230 230 GLY GLY 1 . n 
A 1 164 ALA 164 231 231 ALA ALA 1 . n 
A 1 165 ALA 165 232 232 ALA ALA 1 . n 
A 1 166 SER 166 233 233 SER SER 1 . n 
A 1 167 LEU 167 234 234 LEU LEU 1 . n 
A 1 168 ASN 168 235 235 ASN ASN 1 . n 
A 1 169 ASP 169 236 236 ASP ASP 1 . n 
A 1 170 PHE 170 237 237 PHE PHE 1 . n 
A 1 171 GLY 171 238 238 GLY GLY 1 . n 
A 1 172 ILE 172 239 239 ILE ILE 1 . n 
A 1 173 LEU 173 240 240 LEU LEU 1 . n 
A 1 174 ALA 174 241 241 ALA ALA 1 . n 
A 1 175 VAL 175 242 242 VAL VAL 1 . n 
A 1 176 ARG 176 243 243 ARG ARG 1 . n 
A 1 177 VAL 177 244 244 VAL VAL 1 . n 
A 1 178 VAL 178 245 245 VAL VAL 1 . n 
A 1 179 ASN 179 246 246 ASN ASN 1 . n 
A 1 180 ASP 180 247 247 ASP ASP 1 . n 
A 1 181 HIS 181 248 248 HIS HIS 1 . n 
A 1 182 ASN 182 249 249 ASN ASN 1 . n 
A 1 183 PRO 183 250 250 PRO PRO 1 . n 
A 1 184 THR 184 251 251 THR THR 1 . n 
A 1 185 LYS 185 252 252 LYS LYS 1 . n 
A 1 186 VAL 186 253 253 VAL VAL 1 . n 
A 1 187 THR 187 254 254 THR THR 1 . n 
A 1 188 SER 188 255 255 SER SER 1 . n 
A 1 189 LYS 189 256 256 LYS LYS 1 . n 
A 1 190 ILE 190 257 257 ILE ILE 1 . n 
A 1 191 ARG 191 258 258 ARG ARG 1 . n 
A 1 192 VAL 192 259 259 VAL VAL 1 . n 
A 1 193 TYR 193 260 260 TYR TYR 1 . n 
A 1 194 LEU 194 261 261 LEU LEU 1 . n 
A 1 195 LYS 195 262 262 LYS LYS 1 . n 
A 1 196 PRO 196 263 263 PRO PRO 1 . n 
A 1 197 LYS 197 264 264 LYS LYS 1 . n 
A 1 198 HIS 198 265 265 HIS HIS 1 . n 
A 1 199 ILE 199 266 266 ILE ILE 1 . n 
A 1 200 ARG 200 267 267 ARG ARG 1 . n 
A 1 201 VAL 201 268 268 VAL VAL 1 . n 
A 1 202 TRP 202 269 269 TRP TRP 1 . n 
A 1 203 CYS 203 270 270 CYS CYS 1 . n 
A 1 204 PRO 204 271 271 PRO PRO 1 . n 
A 1 205 ARG 205 272 272 ARG ARG 1 . n 
A 1 206 PRO 206 273 273 PRO PRO 1 . n 
A 1 207 PRO 207 274 274 PRO PRO 1 . n 
A 1 208 ARG 208 275 275 ARG ARG 1 . n 
A 1 209 ALA 209 276 276 ALA ALA 1 . n 
A 1 210 VAL 210 277 277 VAL VAL 1 . n 
A 1 211 ALA 211 278 278 ALA ALA 1 . n 
A 1 212 TYR 212 279 279 TYR TYR 1 . n 
A 1 213 TYR 213 280 280 TYR TYR 1 . n 
A 1 214 GLY 214 281 281 GLY GLY 1 . n 
A 1 215 PRO 215 282 282 PRO PRO 1 . n 
A 1 216 GLY 216 283 283 GLY GLY 1 . n 
A 1 217 VAL 217 284 284 VAL VAL 1 . n 
A 1 218 ASP 218 285 285 ASP ASP 1 . n 
A 1 219 TYR 219 286 286 TYR TYR 1 . n 
A 1 220 LYS 220 287 287 LYS LYS 1 . n 
A 1 221 ASP 221 288 288 ASP ASP 1 . n 
A 1 222 GLY 222 289 289 GLY GLY 1 . n 
A 1 223 THR 223 290 290 THR THR 1 . n 
A 1 224 LEU 224 291 291 LEU LEU 1 . n 
A 1 225 THR 225 292 292 THR THR 1 . n 
A 1 226 PRO 226 293 293 PRO PRO 1 . n 
A 1 227 LEU 227 294 294 LEU LEU 1 . n 
A 1 228 SER 228 295 295 SER SER 1 . n 
A 1 229 THR 229 296 296 THR THR 1 . n 
A 1 230 LYS 230 297 297 LYS LYS 1 . n 
A 1 231 ASP 231 298 298 ASP ASP 1 . n 
A 1 232 LEU 232 299 299 LEU LEU 1 . n 
A 1 233 THR 233 300 300 THR THR 1 . n 
A 1 234 THR 234 301 301 THR THR 1 . n 
A 1 235 TYR 235 302 302 TYR TYR 1 . n 
B 2 1   LEU 1   83  83  LEU LEU 2 . n 
B 2 2   GLN 2   84  84  GLN GLN 2 . n 
B 2 3   LEU 3   85  85  LEU LEU 2 . n 
B 2 4   THR 4   86  86  THR THR 2 . n 
B 2 5   LEU 5   87  87  LEU LEU 2 . n 
B 2 6   GLY 6   88  88  GLY GLY 2 . n 
B 2 7   ASN 7   89  89  ASN ASN 2 . n 
B 2 8   SER 8   90  90  SER SER 2 . n 
B 2 9   THR 9   91  91  THR THR 2 . n 
B 2 10  ILE 10  92  92  ILE ILE 2 . n 
B 2 11  THR 11  93  93  THR THR 2 . n 
B 2 12  THR 12  94  94  THR THR 2 . n 
B 2 13  GLN 13  95  95  GLN GLN 2 . n 
B 2 14  GLU 14  96  96  GLU GLU 2 . n 
C 3 1   GLY 1   1   1   GLY GLY 3 . n 
C 3 2   LEU 2   2   2   LEU LEU 3 . n 
C 3 3   PRO 3   3   3   PRO PRO 3 . n 
C 3 4   VAL 4   4   4   VAL VAL 3 . n 
C 3 5   MET 5   5   5   MET MET 3 . n 
C 3 6   ASN 6   6   6   ASN ASN 3 . n 
C 3 7   THR 7   7   7   THR THR 3 . n 
C 3 8   PRO 8   8   8   PRO PRO 3 . n 
C 3 9   GLY 9   9   9   GLY GLY 3 . n 
C 3 10  SER 10  10  10  SER SER 3 . n 
C 3 11  ASN 11  11  11  ASN ASN 3 . n 
C 3 12  GLN 12  12  12  GLN GLN 3 . n 
C 3 13  TYR 13  13  13  TYR TYR 3 . n 
C 3 14  LEU 14  14  14  LEU LEU 3 . n 
C 3 15  THR 15  15  15  THR THR 3 . n 
C 3 16  ALA 16  16  16  ALA ALA 3 . n 
C 3 17  ASP 17  17  17  ASP ASP 3 . n 
C 3 18  ASN 18  18  18  ASN ASN 3 . n 
C 3 19  PHE 19  19  19  PHE PHE 3 . n 
C 3 20  GLN 20  20  20  GLN GLN 3 . n 
C 3 21  SER 21  21  21  SER SER 3 . n 
C 3 22  PRO 22  22  22  PRO PRO 3 . n 
C 3 23  CYS 23  23  23  CYS CYS 3 . n 
C 3 24  ALA 24  24  24  ALA ALA 3 . n 
C 3 25  LEU 25  25  25  LEU LEU 3 . n 
C 3 26  PRO 26  26  26  PRO PRO 3 . n 
C 3 27  GLU 27  27  27  GLU GLU 3 . n 
C 3 28  PHE 28  28  28  PHE PHE 3 . n 
C 3 29  ASP 29  29  29  ASP ASP 3 . n 
C 3 30  VAL 30  30  30  VAL VAL 3 . n 
C 3 31  THR 31  31  31  THR THR 3 . n 
C 3 32  PRO 32  32  32  PRO PRO 3 . n 
C 3 33  PRO 33  33  33  PRO PRO 3 . n 
C 3 34  ILE 34  34  34  ILE ILE 3 . n 
C 3 35  ASP 35  35  35  ASP ASP 3 . n 
C 3 36  ILE 36  36  36  ILE ILE 3 . n 
C 3 37  PRO 37  37  37  PRO PRO 3 . n 
C 3 38  GLY 38  38  38  GLY GLY 3 . n 
C 3 39  GLU 39  39  39  GLU GLU 3 . n 
C 3 40  VAL 40  40  40  VAL VAL 3 . n 
C 3 41  LYS 41  41  41  LYS LYS 3 . n 
C 3 42  ASN 42  42  42  ASN ASN 3 . n 
C 3 43  MET 43  43  43  MET MET 3 . n 
C 3 44  MET 44  44  44  MET MET 3 . n 
C 3 45  GLU 45  45  45  GLU GLU 3 . n 
C 3 46  LEU 46  46  46  LEU LEU 3 . n 
C 3 47  ALA 47  47  47  ALA ALA 3 . n 
C 3 48  GLU 48  48  48  GLU GLU 3 . n 
C 3 49  ILE 49  49  49  ILE ILE 3 . n 
C 3 50  ASP 50  50  50  ASP ASP 3 . n 
C 3 51  THR 51  51  51  THR THR 3 . n 
C 3 52  MET 52  52  52  MET MET 3 . n 
C 3 53  ILE 53  53  53  ILE ILE 3 . n 
C 3 54  PRO 54  54  54  PRO PRO 3 . n 
C 3 55  PHE 55  55  55  PHE PHE 3 . n 
C 3 56  ASP 56  56  56  ASP ASP 3 . n 
C 3 57  LEU 57  57  57  LEU LEU 3 . n 
C 3 58  SER 58  58  58  SER SER 3 . n 
C 3 59  ALA 59  59  59  ALA ALA 3 . n 
C 3 60  THR 60  60  60  THR THR 3 . n 
C 3 61  LYS 61  61  61  LYS LYS 3 . n 
C 3 62  LYS 62  62  62  LYS LYS 3 . n 
C 3 63  ASN 63  63  63  ASN ASN 3 . n 
C 3 64  THR 64  64  64  THR THR 3 . n 
C 3 65  MET 65  65  65  MET MET 3 . n 
C 3 66  GLU 66  66  66  GLU GLU 3 . n 
C 3 67  MET 67  67  67  MET MET 3 . n 
C 3 68  TYR 68  68  68  TYR TYR 3 . n 
C 3 69  ARG 69  69  69  ARG ARG 3 . n 
C 3 70  VAL 70  70  70  VAL VAL 3 . n 
C 3 71  ARG 71  71  71  ARG ARG 3 . n 
C 3 72  LEU 72  72  72  LEU LEU 3 . n 
C 3 73  SER 73  73  73  SER SER 3 . n 
C 3 74  ASP 74  74  74  ASP ASP 3 . n 
C 3 75  LYS 75  75  75  LYS LYS 3 . n 
C 3 76  PRO 76  76  76  PRO PRO 3 . n 
C 3 77  HIS 77  77  77  HIS HIS 3 . n 
C 3 78  THR 78  78  78  THR THR 3 . n 
C 3 79  ASP 79  79  79  ASP ASP 3 . n 
C 3 80  ASP 80  80  80  ASP ASP 3 . n 
C 3 81  PRO 81  81  81  PRO PRO 3 . n 
C 3 82  ILE 82  82  82  ILE ILE 3 . n 
C 3 83  LEU 83  83  83  LEU LEU 3 . n 
C 3 84  CYS 84  84  84  CYS CYS 3 . n 
C 3 85  LEU 85  85  85  LEU LEU 3 . n 
C 3 86  SER 86  86  86  SER SER 3 . n 
C 3 87  LEU 87  87  87  LEU LEU 3 . n 
C 3 88  SER 88  88  88  SER SER 3 . n 
C 3 89  PRO 89  89  89  PRO PRO 3 . n 
C 3 90  ALA 90  90  90  ALA ALA 3 . n 
C 3 91  SER 91  91  91  SER SER 3 . n 
C 3 92  ASP 92  92  92  ASP ASP 3 . n 
C 3 93  PRO 93  93  93  PRO PRO 3 . n 
C 3 94  ARG 94  94  94  ARG ARG 3 . n 
C 3 95  LEU 95  95  95  LEU LEU 3 . n 
C 3 96  SER 96  96  96  SER SER 3 . n 
C 3 97  HIS 97  97  97  HIS HIS 3 . n 
C 3 98  THR 98  98  98  THR THR 3 . n 
C 3 99  MET 99  99  99  MET MET 3 . n 
C 3 100 LEU 100 100 100 LEU LEU 3 . n 
C 3 101 GLY 101 101 101 GLY GLY 3 . n 
C 3 102 GLU 102 102 102 GLU GLU 3 . n 
C 3 103 ILE 103 103 103 ILE ILE 3 . n 
C 3 104 LEU 104 104 104 LEU LEU 3 . n 
C 3 105 ASN 105 105 105 ASN ASN 3 . n 
C 3 106 TYR 106 106 106 TYR TYR 3 . n 
C 3 107 TYR 107 107 107 TYR TYR 3 . n 
C 3 108 THR 108 108 108 THR THR 3 . n 
C 3 109 HIS 109 109 109 HIS HIS 3 . n 
C 3 110 TRP 110 110 110 TRP TRP 3 . n 
C 3 111 ALA 111 111 111 ALA ALA 3 . n 
C 3 112 GLY 112 112 112 GLY GLY 3 . n 
C 3 113 SER 113 113 113 SER SER 3 . n 
C 3 114 LEU 114 114 114 LEU LEU 3 . n 
C 3 115 LYS 115 115 115 LYS LYS 3 . n 
C 3 116 PHE 116 116 116 PHE PHE 3 . n 
C 3 117 THR 117 117 117 THR THR 3 . n 
C 3 118 PHE 118 118 118 PHE PHE 3 . n 
C 3 119 LEU 119 119 119 LEU LEU 3 . n 
C 3 120 PHE 120 120 120 PHE PHE 3 . n 
C 3 121 CYS 121 121 121 CYS CYS 3 . n 
C 3 122 GLY 122 122 122 GLY GLY 3 . n 
C 3 123 SER 123 123 123 SER SER 3 . n 
C 3 124 MET 124 124 124 MET MET 3 . n 
C 3 125 MET 125 125 125 MET MET 3 . n 
C 3 126 ALA 126 126 126 ALA ALA 3 . n 
C 3 127 THR 127 127 127 THR THR 3 . n 
C 3 128 GLY 128 128 128 GLY GLY 3 . n 
C 3 129 LYS 129 129 129 LYS LYS 3 . n 
C 3 130 LEU 130 130 130 LEU LEU 3 . n 
C 3 131 LEU 131 131 131 LEU LEU 3 . n 
C 3 132 VAL 132 132 132 VAL VAL 3 . n 
C 3 133 SER 133 133 133 SER SER 3 . n 
C 3 134 TYR 134 134 134 TYR TYR 3 . n 
C 3 135 ALA 135 135 135 ALA ALA 3 . n 
C 3 136 PRO 136 136 136 PRO PRO 3 . n 
C 3 137 PRO 137 137 137 PRO PRO 3 . n 
C 3 138 GLY 138 138 138 GLY GLY 3 . n 
C 3 139 ALA 139 139 139 ALA ALA 3 . n 
C 3 140 ASP 140 140 140 ASP ASP 3 . n 
C 3 141 PRO 141 141 141 PRO PRO 3 . n 
C 3 142 PRO 142 142 142 PRO PRO 3 . n 
C 3 143 LYS 143 143 143 LYS LYS 3 . n 
C 3 144 LYS 144 144 144 LYS LYS 3 . n 
C 3 145 ARG 145 145 145 ARG ARG 3 . n 
C 3 146 LYS 146 146 146 LYS LYS 3 . n 
C 3 147 GLU 147 147 147 GLU GLU 3 . n 
C 3 148 ALA 148 148 148 ALA ALA 3 . n 
C 3 149 MET 149 149 149 MET MET 3 . n 
C 3 150 LEU 150 150 150 LEU LEU 3 . n 
C 3 151 GLY 151 151 151 GLY GLY 3 . n 
C 3 152 THR 152 152 152 THR THR 3 . n 
C 3 153 HIS 153 153 153 HIS HIS 3 . n 
C 3 154 VAL 154 154 154 VAL VAL 3 . n 
C 3 155 ILE 155 155 155 ILE ILE 3 . n 
C 3 156 TRP 156 156 156 TRP TRP 3 . n 
C 3 157 ASP 157 157 157 ASP ASP 3 . n 
C 3 158 ILE 158 158 158 ILE ILE 3 . n 
C 3 159 GLY 159 159 159 GLY GLY 3 . n 
C 3 160 LEU 160 160 160 LEU LEU 3 . n 
C 3 161 GLN 161 161 161 GLN GLN 3 . n 
C 3 162 SER 162 162 162 SER SER 3 . n 
C 3 163 SER 163 163 163 SER SER 3 . n 
C 3 164 CYS 164 164 164 CYS CYS 3 . n 
C 3 165 THR 165 165 165 THR THR 3 . n 
C 3 166 MET 166 166 166 MET MET 3 . n 
C 3 167 VAL 167 167 167 VAL VAL 3 . n 
C 3 168 VAL 168 168 168 VAL VAL 3 . n 
C 3 169 PRO 169 169 169 PRO PRO 3 . n 
C 3 170 TRP 170 170 170 TRP TRP 3 . n 
C 3 171 ILE 171 171 171 ILE ILE 3 . n 
C 3 172 SER 172 172 172 SER SER 3 . n 
C 3 173 ASN 173 173 173 ASN ASN 3 . n 
C 3 174 THR 174 174 174 THR THR 3 . n 
C 3 175 THR 175 175 175 THR THR 3 . n 
C 3 176 TYR 176 176 176 TYR TYR 3 . n 
C 3 177 ARG 177 177 177 ARG ARG 3 . n 
C 3 178 GLN 178 178 178 GLN GLN 3 . n 
C 3 179 THR 179 179 179 THR THR 3 . n 
C 3 180 ILE 180 180 180 ILE ILE 3 . n 
C 3 181 ASP 181 181 181 ASP ASP 3 . n 
C 3 182 ASP 182 182 182 ASP ASP 3 . n 
C 3 183 SER 183 183 183 SER SER 3 . n 
C 3 184 PHE 184 184 184 PHE PHE 3 . n 
C 3 185 THR 185 185 185 THR THR 3 . n 
C 3 186 GLU 186 186 186 GLU GLU 3 . n 
C 3 187 GLY 187 187 187 GLY GLY 3 . n 
C 3 188 GLY 188 188 188 GLY GLY 3 . n 
C 3 189 TYR 189 189 189 TYR TYR 3 . n 
C 3 190 ILE 190 190 190 ILE ILE 3 . n 
C 3 191 SER 191 191 191 SER SER 3 . n 
C 3 192 VAL 192 192 192 VAL VAL 3 . n 
C 3 193 PHE 193 193 193 PHE PHE 3 . n 
C 3 194 TYR 194 194 194 TYR TYR 3 . n 
C 3 195 GLN 195 195 195 GLN GLN 3 . n 
C 3 196 THR 196 196 196 THR THR 3 . n 
C 3 197 ARG 197 197 197 ARG ARG 3 . n 
C 3 198 ILE 198 198 198 ILE ILE 3 . n 
C 3 199 VAL 199 199 199 VAL VAL 3 . n 
C 3 200 VAL 200 200 200 VAL VAL 3 . n 
C 3 201 PRO 201 201 201 PRO PRO 3 . n 
C 3 202 LEU 202 202 202 LEU LEU 3 . n 
C 3 203 SER 203 203 203 SER SER 3 . n 
C 3 204 THR 204 204 204 THR THR 3 . n 
C 3 205 PRO 205 205 205 PRO PRO 3 . n 
C 3 206 ARG 206 206 206 ARG ARG 3 . n 
C 3 207 GLU 207 207 207 GLU GLU 3 . n 
C 3 208 MET 208 208 208 MET MET 3 . n 
C 3 209 ASP 209 209 209 ASP ASP 3 . n 
C 3 210 ILE 210 210 210 ILE ILE 3 . n 
C 3 211 LEU 211 211 211 LEU LEU 3 . n 
C 3 212 GLY 212 212 212 GLY GLY 3 . n 
C 3 213 PHE 213 213 213 PHE PHE 3 . n 
C 3 214 VAL 214 214 214 VAL VAL 3 . n 
C 3 215 SER 215 215 215 SER SER 3 . n 
C 3 216 ALA 216 216 216 ALA ALA 3 . n 
C 3 217 CYS 217 217 217 CYS CYS 3 . n 
C 3 218 ASN 218 218 218 ASN ASN 3 . n 
C 3 219 ASP 219 219 219 ASP ASP 3 . n 
C 3 220 PHE 220 220 220 PHE PHE 3 . n 
C 3 221 SER 221 221 221 SER SER 3 . n 
C 3 222 VAL 222 222 222 VAL VAL 3 . n 
C 3 223 ARG 223 223 223 ARG ARG 3 . n 
C 3 224 LEU 224 224 224 LEU LEU 3 . n 
C 3 225 LEU 225 225 225 LEU LEU 3 . n 
C 3 226 ARG 226 226 226 ARG ARG 3 . n 
C 3 227 ASP 227 227 227 ASP ASP 3 . n 
C 3 228 THR 228 228 228 THR THR 3 . n 
C 3 229 THR 229 229 229 THR THR 3 . n 
C 3 230 HIS 230 230 230 HIS HIS 3 . n 
C 3 231 ILE 231 231 231 ILE ILE 3 . n 
D 4 1   ALA 1   97  97  ALA ALA 4 . n 
D 4 2   ALA 2   98  98  ALA ALA 4 . n 
D 4 3   ASN 3   99  99  ASN ASN 4 . n 
D 4 4   SER 4   100 100 SER SER 4 . n 
D 4 5   VAL 5   101 101 VAL VAL 4 . n 
D 4 6   VAL 6   102 102 VAL VAL 4 . n 
D 4 7   ALA 7   103 103 ALA ALA 4 . n 
D 4 8   TYR 8   104 104 TYR TYR 4 . n 
D 4 9   GLY 9   105 105 GLY GLY 4 . n 
D 4 10  ARG 10  106 106 ARG ARG 4 . n 
D 4 11  TRP 11  107 107 TRP TRP 4 . n 
D 4 12  PRO 12  108 108 PRO PRO 4 . n 
D 4 13  GLU 13  109 109 GLU GLU 4 . n 
D 4 14  TYR 14  110 110 TYR TYR 4 . n 
D 4 15  LEU 15  111 111 LEU LEU 4 . n 
D 4 16  ARG 16  112 112 ARG ARG 4 . n 
D 4 17  ASP 17  113 113 ASP ASP 4 . n 
D 4 18  SER 18  114 ?   ?   ?   4 . n 
D 4 19  GLU 19  115 ?   ?   ?   4 . n 
D 4 20  ALA 20  116 ?   ?   ?   4 . n 
D 4 21  ASN 21  117 ?   ?   ?   4 . n 
D 4 22  PRO 22  118 ?   ?   ?   4 . n 
D 4 23  VAL 23  119 ?   ?   ?   4 . n 
D 4 24  ASP 24  120 ?   ?   ?   4 . n 
D 4 25  GLN 25  121 ?   ?   ?   4 . n 
D 4 26  PRO 26  122 ?   ?   ?   4 . n 
D 4 27  THR 27  123 ?   ?   ?   4 . n 
D 4 28  GLU 28  124 ?   ?   ?   4 . n 
D 4 29  PRO 29  125 ?   ?   ?   4 . n 
D 4 30  ASP 30  126 ?   ?   ?   4 . n 
D 4 31  VAL 31  127 127 VAL VAL 4 . n 
D 4 32  ALA 32  128 128 ALA ALA 4 . n 
D 4 33  ALA 33  129 129 ALA ALA 4 . n 
D 4 34  CYS 34  130 130 CYS CYS 4 . n 
D 4 35  ARG 35  131 131 ARG ARG 4 . n 
D 4 36  PHE 36  132 132 PHE PHE 4 . n 
D 4 37  TYR 37  133 133 TYR TYR 4 . n 
D 4 38  THR 38  134 134 THR THR 4 . n 
D 4 39  LEU 39  135 135 LEU LEU 4 . n 
D 4 40  ASP 40  136 136 ASP ASP 4 . n 
D 4 41  THR 41  137 137 THR THR 4 . n 
D 4 42  VAL 42  138 138 VAL VAL 4 . n 
D 4 43  SER 43  139 139 SER SER 4 . n 
D 4 44  TRP 44  140 140 TRP TRP 4 . n 
D 4 45  THR 45  141 141 THR THR 4 . n 
D 4 46  LYS 46  142 142 LYS LYS 4 . n 
D 4 47  GLU 47  143 143 GLU GLU 4 . n 
D 4 48  SER 48  144 144 SER SER 4 . n 
D 4 49  ARG 49  145 145 ARG ARG 4 . n 
D 4 50  GLY 50  146 146 GLY GLY 4 . n 
D 4 51  TRP 51  147 147 TRP TRP 4 . n 
D 4 52  TRP 52  148 148 TRP TRP 4 . n 
D 4 53  TRP 53  149 149 TRP TRP 4 . n 
D 4 54  LYS 54  150 150 LYS LYS 4 . n 
D 4 55  LEU 55  151 151 LEU LEU 4 . n 
D 4 56  PRO 56  152 152 PRO PRO 4 . n 
D 4 57  ASP 57  153 153 ASP ASP 4 . n 
D 4 58  ALA 58  154 154 ALA ALA 4 . n 
D 4 59  LEU 59  155 155 LEU LEU 4 . n 
D 4 60  ARG 60  156 156 ARG ARG 4 . n 
D 4 61  ASP 61  157 157 ASP ASP 4 . n 
D 4 62  MET 62  158 158 MET MET 4 . n 
D 4 63  GLY 63  159 159 GLY GLY 4 . n 
D 4 64  LEU 64  160 160 LEU LEU 4 . n 
D 4 65  PHE 65  161 161 PHE PHE 4 . n 
D 4 66  GLY 66  162 162 GLY GLY 4 . n 
D 4 67  GLN 67  163 163 GLN GLN 4 . n 
D 4 68  ASN 68  164 164 ASN ASN 4 . n 
D 4 69  MET 69  165 165 MET MET 4 . n 
D 4 70  TYR 70  166 166 TYR TYR 4 . n 
D 4 71  TYR 71  167 167 TYR TYR 4 . n 
D 4 72  HIS 72  168 168 HIS HIS 4 . n 
D 4 73  TYR 73  169 169 TYR TYR 4 . n 
D 4 74  LEU 74  170 170 LEU LEU 4 . n 
D 4 75  GLY 75  171 171 GLY GLY 4 . n 
D 4 76  ARG 76  172 172 ARG ARG 4 . n 
D 4 77  SER 77  173 173 SER SER 4 . n 
D 4 78  GLY 78  174 174 GLY GLY 4 . n 
D 4 79  TYR 79  175 175 TYR TYR 4 . n 
D 4 80  THR 80  176 176 THR THR 4 . n 
D 4 81  VAL 81  177 177 VAL VAL 4 . n 
D 4 82  HIS 82  178 178 HIS HIS 4 . n 
D 4 83  VAL 83  179 179 VAL VAL 4 . n 
D 4 84  GLN 84  180 180 GLN GLN 4 . n 
D 4 85  CYS 85  181 181 CYS CYS 4 . n 
D 4 86  ASN 86  182 182 ASN ASN 4 . n 
D 4 87  ALA 87  183 183 ALA ALA 4 . n 
D 4 88  SER 88  184 184 SER SER 4 . n 
D 4 89  LYS 89  185 185 LYS LYS 4 . n 
D 4 90  PHE 90  186 186 PHE PHE 4 . n 
D 4 91  HIS 91  187 187 HIS HIS 4 . n 
D 4 92  GLN 92  188 188 GLN GLN 4 . n 
D 4 93  GLY 93  189 189 GLY GLY 4 . n 
D 4 94  ALA 94  190 190 ALA ALA 4 . n 
D 4 95  LEU 95  191 191 LEU LEU 4 . n 
D 4 96  GLY 96  192 192 GLY GLY 4 . n 
D 4 97  VAL 97  193 193 VAL VAL 4 . n 
D 4 98  PHE 98  194 194 PHE PHE 4 . n 
D 4 99  ALA 99  195 195 ALA ALA 4 . n 
D 4 100 VAL 100 196 196 VAL VAL 4 . n 
D 4 101 PRO 101 197 197 PRO PRO 4 . n 
D 4 102 GLU 102 198 198 GLU GLU 4 . n 
D 4 103 MET 103 199 199 MET MET 4 . n 
D 4 104 CYS 104 200 200 CYS CYS 4 . n 
D 4 105 LEU 105 201 201 LEU LEU 4 . n 
D 4 106 ALA 106 202 202 ALA ALA 4 . n 
D 4 107 GLY 107 203 203 GLY GLY 4 . n 
D 4 108 ASP 108 204 204 ASP ASP 4 . n 
D 4 109 SER 109 205 205 SER SER 4 . n 
D 4 110 ASN 110 206 206 ASN ASN 4 . n 
D 4 111 THR 111 207 207 THR THR 4 . n 
D 4 112 THR 112 208 208 THR THR 4 . n 
D 4 113 THR 113 209 209 THR THR 4 . n 
D 4 114 MET 114 210 210 MET MET 4 . n 
D 4 115 HIS 115 211 211 HIS HIS 4 . n 
D 4 116 THR 116 212 212 THR THR 4 . n 
D 4 117 SER 117 213 213 SER SER 4 . n 
D 4 118 TYR 118 214 214 TYR TYR 4 . n 
D 4 119 GLN 119 215 215 GLN GLN 4 . n 
D 4 120 ASN 120 216 216 ASN ASN 4 . n 
D 4 121 ALA 121 217 217 ALA ALA 4 . n 
D 4 122 ASN 122 218 218 ASN ASN 4 . n 
D 4 123 PRO 123 219 219 PRO PRO 4 . n 
D 4 124 GLY 124 220 220 GLY GLY 4 . n 
D 4 125 GLU 125 221 221 GLU GLU 4 . n 
D 4 126 LYS 126 222 222 LYS LYS 4 . n 
D 4 127 GLY 127 223 223 GLY GLY 4 . n 
D 4 128 GLY 128 224 224 GLY GLY 4 . n 
D 4 129 THR 129 225 225 THR THR 4 . n 
D 4 130 PHE 130 226 226 PHE PHE 4 . n 
D 4 131 THR 131 227 227 THR THR 4 . n 
D 4 132 GLY 132 228 228 GLY GLY 4 . n 
D 4 133 THR 133 229 229 THR THR 4 . n 
D 4 134 PHE 134 230 230 PHE PHE 4 . n 
D 4 135 THR 135 231 231 THR THR 4 . n 
D 4 136 PRO 136 232 232 PRO PRO 4 . n 
D 4 137 ASP 137 233 233 ASP ASP 4 . n 
D 4 138 ASN 138 234 234 ASN ASN 4 . n 
D 4 139 ASN 139 235 235 ASN ASN 4 . n 
D 4 140 GLN 140 236 236 GLN GLN 4 . n 
D 4 141 THR 141 237 237 THR THR 4 . n 
D 4 142 SER 142 238 238 SER SER 4 . n 
D 4 143 PRO 143 239 239 PRO PRO 4 . n 
D 4 144 ALA 144 240 240 ALA ALA 4 . n 
D 4 145 ARG 145 241 241 ARG ARG 4 . n 
D 4 146 ARG 146 242 242 ARG ARG 4 . n 
D 4 147 PHE 147 243 243 PHE PHE 4 . n 
D 4 148 CYS 148 244 244 CYS CYS 4 . n 
D 4 149 PRO 149 245 245 PRO PRO 4 . n 
D 4 150 VAL 150 246 246 VAL VAL 4 . n 
D 4 151 ASP 151 247 247 ASP ASP 4 . n 
D 4 152 TYR 152 248 248 TYR TYR 4 . n 
D 4 153 LEU 153 249 249 LEU LEU 4 . n 
D 4 154 LEU 154 250 250 LEU LEU 4 . n 
D 4 155 GLY 155 251 251 GLY GLY 4 . n 
D 4 156 ASN 156 252 252 ASN ASN 4 . n 
D 4 157 GLY 157 253 253 GLY GLY 4 . n 
D 4 158 THR 158 254 254 THR THR 4 . n 
D 4 159 LEU 159 255 255 LEU LEU 4 . n 
D 4 160 LEU 160 256 256 LEU LEU 4 . n 
D 4 161 GLY 161 257 257 GLY GLY 4 . n 
D 4 162 ASN 162 258 258 ASN ASN 4 . n 
D 4 163 ALA 163 259 259 ALA ALA 4 . n 
D 4 164 PHE 164 260 260 PHE PHE 4 . n 
D 4 165 VAL 165 261 261 VAL VAL 4 . n 
D 4 166 PHE 166 262 262 PHE PHE 4 . n 
D 4 167 PRO 167 263 263 PRO PRO 4 . n 
D 4 168 HIS 168 264 264 HIS HIS 4 . n 
D 4 169 GLN 169 265 265 GLN GLN 4 . n 
D 4 170 ILE 170 266 266 ILE ILE 4 . n 
D 4 171 ILE 171 267 267 ILE ILE 4 . n 
D 4 172 ASN 172 268 268 ASN ASN 4 . n 
D 4 173 LEU 173 269 269 LEU LEU 4 . n 
D 4 174 ARG 174 270 270 ARG ARG 4 . n 
D 4 175 THR 175 271 271 THR THR 4 . n 
D 4 176 ASN 176 272 272 ASN ASN 4 . n 
D 4 177 ASN 177 273 273 ASN ASN 4 . n 
D 4 178 CYS 178 274 274 CYS CYS 4 . n 
D 4 179 ALA 179 275 275 ALA ALA 4 . n 
D 4 180 THR 180 276 276 THR THR 4 . n 
D 4 181 LEU 181 277 277 LEU LEU 4 . n 
D 4 182 VAL 182 278 278 VAL VAL 4 . n 
D 4 183 LEU 183 279 279 LEU LEU 4 . n 
D 4 184 PRO 184 280 280 PRO PRO 4 . n 
D 4 185 TYR 185 281 281 TYR TYR 4 . n 
D 4 186 VAL 186 282 282 VAL VAL 4 . n 
D 4 187 ASN 187 283 283 ASN ASN 4 . n 
D 4 188 SER 188 284 284 SER SER 4 . n 
D 4 189 LEU 189 285 285 LEU LEU 4 . n 
D 4 190 SER 190 286 286 SER SER 4 . n 
D 4 191 ILE 191 287 287 ILE ILE 4 . n 
D 4 192 ASP 192 288 288 ASP ASP 4 . n 
D 4 193 SER 193 289 289 SER SER 4 . n 
D 4 194 MET 194 290 290 MET MET 4 . n 
D 4 195 VAL 195 291 291 VAL VAL 4 . n 
D 4 196 LYS 196 292 292 LYS LYS 4 . n 
D 4 197 HIS 197 293 293 HIS HIS 4 . n 
D 4 198 ASN 198 294 294 ASN ASN 4 . n 
D 4 199 ASN 199 295 295 ASN ASN 4 . n 
D 4 200 TRP 200 296 296 TRP TRP 4 . n 
D 4 201 GLY 201 297 297 GLY GLY 4 . n 
D 4 202 ILE 202 298 298 ILE ILE 4 . n 
D 4 203 ALA 203 299 299 ALA ALA 4 . n 
D 4 204 ILE 204 300 300 ILE ILE 4 . n 
D 4 205 LEU 205 301 301 LEU LEU 4 . n 
D 4 206 PRO 206 302 302 PRO PRO 4 . n 
D 4 207 LEU 207 303 303 LEU LEU 4 . n 
D 4 208 ALA 208 304 304 ALA ALA 4 . n 
D 4 209 PRO 209 305 305 PRO PRO 4 . n 
D 4 210 LEU 210 306 306 LEU LEU 4 . n 
D 4 211 ASN 211 307 307 ASN ASN 4 . n 
D 4 212 PHE 212 308 308 PHE PHE 4 . n 
D 4 213 ALA 213 309 309 ALA ALA 4 . n 
D 4 214 SER 214 310 310 SER SER 4 . n 
D 4 215 GLU 215 311 311 GLU GLU 4 . n 
D 4 216 SER 216 312 312 SER SER 4 . n 
D 4 217 SER 217 313 313 SER SER 4 . n 
D 4 218 PRO 218 314 314 PRO PRO 4 . n 
D 4 219 GLU 219 315 315 GLU GLU 4 . n 
D 4 220 ILE 220 316 316 ILE ILE 4 . n 
D 4 221 PRO 221 317 317 PRO PRO 4 . n 
D 4 222 ILE 222 318 318 ILE ILE 4 . n 
D 4 223 THR 223 319 319 THR THR 4 . n 
D 4 224 LEU 224 320 320 LEU LEU 4 . n 
D 4 225 THR 225 321 321 THR THR 4 . n 
D 4 226 ILE 226 322 322 ILE ILE 4 . n 
D 4 227 ALA 227 323 323 ALA ALA 4 . n 
D 4 228 PRO 228 324 324 PRO PRO 4 . n 
D 4 229 MET 229 325 325 MET MET 4 . n 
D 4 230 CYS 230 326 326 CYS CYS 4 . n 
D 4 231 CYS 231 327 327 CYS CYS 4 . n 
D 4 232 GLU 232 328 328 GLU GLU 4 . n 
D 4 233 PHE 233 329 329 PHE PHE 4 . n 
D 4 234 ASN 234 330 330 ASN ASN 4 . n 
D 4 235 GLY 235 331 331 GLY GLY 4 . n 
D 4 236 LEU 236 332 332 LEU LEU 4 . n 
D 4 237 ARG 237 333 333 ARG ARG 4 . n 
D 4 238 ASN 238 334 334 ASN ASN 4 . n 
D 4 239 ILE 239 335 335 ILE ILE 4 . n 
D 4 240 THR 240 336 336 THR THR 4 . n 
D 4 241 LEU 241 337 337 LEU LEU 4 . n 
D 4 242 PRO 242 338 338 PRO PRO 4 . n 
D 4 243 ARG 243 339 339 ARG ARG 4 . n 
D 4 244 LEU 244 340 340 LEU LEU 4 . n 
D 4 245 GLN 245 341 341 GLN GLN 4 . n 
E 5 1   UNK 1   42  42  UNK UNK 7 . n 
E 5 2   UNK 2   43  43  UNK UNK 7 . n 
E 5 3   UNK 3   44  44  UNK UNK 7 . n 
E 5 4   UNK 4   45  45  UNK UNK 7 . n 
E 5 5   UNK 5   46  46  UNK UNK 7 . n 
E 5 6   UNK 6   47  47  UNK UNK 7 . n 
E 5 7   UNK 7   48  48  UNK UNK 7 . n 
E 5 8   UNK 8   49  49  UNK UNK 7 . n 
E 5 9   UNK 9   50  50  UNK UNK 7 . n 
E 5 10  UNK 10  51  51  UNK UNK 7 . n 
E 5 11  UNK 11  52  52  UNK UNK 7 . n 
# 
_cell.entry_id           3IYB 
_cell.length_a           1 
_cell.length_b           1 
_cell.length_c           1 
_cell.angle_alpha        90 
_cell.angle_beta         90 
_cell.angle_gamma        90 
_cell.Z_PDB              1 
_cell.pdbx_unique_axis   ? 
_cell.length_a_esd       ? 
_cell.length_b_esd       ? 
_cell.length_c_esd       ? 
_cell.angle_alpha_esd    ? 
_cell.angle_beta_esd     ? 
_cell.angle_gamma_esd    ? 
# 
_symmetry.entry_id                         3IYB 
_symmetry.space_group_name_H-M             'P 1' 
_symmetry.pdbx_full_space_group_name_H-M   ? 
_symmetry.cell_setting                     ? 
_symmetry.Int_Tables_number                1 
_symmetry.space_group_name_Hall            ? 
# 
_exptl.entry_id          3IYB 
_exptl.method            'ELECTRON MICROSCOPY' 
_exptl.crystals_number   ? 
# 
_exptl_crystal.id                    1 
_exptl_crystal.density_meas          ? 
_exptl_crystal.density_Matthews      ? 
_exptl_crystal.density_percent_sol   ? 
_exptl_crystal.description           ? 
# 
_diffrn.id                     1 
_diffrn.ambient_temp           ? 
_diffrn.ambient_temp_details   ? 
_diffrn.crystal_id             1 
# 
_refine_hist.pdbx_refine_id                   'ELECTRON MICROSCOPY' 
_refine_hist.cycle_id                         LAST 
_refine_hist.pdbx_number_atoms_protein        723 
_refine_hist.pdbx_number_atoms_nucleic_acid   0 
_refine_hist.pdbx_number_atoms_ligand         0 
_refine_hist.number_atoms_solvent             0 
_refine_hist.number_atoms_total               723 
_refine_hist.d_res_high                       . 
_refine_hist.d_res_low                        . 
# 
_struct.entry_id                  3IYB 
_struct.title                     'Poliovirus early RNA-release intermediate' 
_struct.pdbx_model_details        ? 
_struct.pdbx_CASP_flag            ? 
_struct.pdbx_model_type_details   ? 
# 
_struct_keywords.entry_id        3IYB 
_struct_keywords.pdbx_keywords   'VIRAL PROTEIN' 
_struct_keywords.text            
;Picornavirus, poliovirus, intermediate, RNA release, 80S, ATP-binding, Capsid protein, Covalent protein-RNA linkage, Cytoplasmic vesicle, Helicase, Host-virus interaction, Hydrolase, Lipoprotein, Membrane, Myristate, Nucleotide-binding, Nucleotidyltransferase, Phosphoprotein, Protease, RNA replication, RNA-binding, RNA-directed RNA polymerase, Thiol protease, Transferase, Virion, VIRAL PROTEIN
;
# 
loop_
_struct_asym.id 
_struct_asym.pdbx_blank_PDB_chainid_flag 
_struct_asym.pdbx_modified 
_struct_asym.entity_id 
_struct_asym.details 
A N N 1 ? 
B N N 2 ? 
C N N 3 ? 
D N N 4 ? 
E N N 5 ? 
# 
loop_
_struct_ref.id 
_struct_ref.db_name 
_struct_ref.db_code 
_struct_ref.pdbx_db_accession 
_struct_ref.entity_id 
_struct_ref.pdbx_seq_one_letter_code 
_struct_ref.pdbx_align_begin 
_struct_ref.pdbx_db_isoform 
1 UNP POLG_POL1M   P03300 1 
;QHRSRSESSIESFFARGACVTIMTVDNPASTTNKDKLFAVWKITYKDTVQLRRKLEFFTYSRFDMELTFVVTANFTETNN
GHALNQVYQIMYVPPGAPVPEKWDDYTWQTSSNPSIFYTYGTAPARISVPYVGISNAYSHFYDGFSKVPLKDQSAALGDS
LYGAASLNDFGILAVRVVNDHNPTKVTSKIRVYLKPKHIRVWCPRPPRAVAYYGPGVDYKDGTLTPLSTKDLTTY
;
647 ? 
2 UNP POLG_POL3L   P03302 2 LQLTLGNSTITTQE 83  ? 
3 UNP Q9E912_9ENTO Q9E912 3 
;GLPVMNTPGSNQYLTADNFQSPCALPEFDVTPPIDIPGEVKNMMELAEIDTMIPFDLSATKKNTMEMYRVRLSDKPHTDD
PILCLSLSPASDPRLSHTMLGEILNYYTHWAGSLKFTFLFCGSMMATGKLLVSYAPPGADPPKKRKEAMLGTHVIWDIGL
QSSCTMVVPWISNTTYRQTIDDSFTEGGYISVFYQTRIVVPLSTPREMDILGFVSACNDFSVRLLRDTTHI
;
342 ? 
4 UNP POLG_POL1M   P03300 4 
;AANSVVAYGRWPEYLRDSEANPVDQPTEPDVAACRFYTLDTVSWTKESRGWWWKLPDALRDMGLFGQNMYYHYLGRSGYT
VHVQCNASKFHQGALGVFAVPEMCLAGDSNTTTMHTSYQNANPGEKGGTFTGTFTPDNNQTSPARRFCPVDYLLGNGTLL
GNAFVFPHQIINLRTNNCATLVLPYVNSLSIDSMVKHNNWGIAILPLAPLNFASESSPEIPITLTIAPMCCEFNGLRNIT
LPRLQ
;
97  ? 
5 PDB 3IYB         3IYB   5 ? 1   ? 
# 
loop_
_struct_ref_seq.align_id 
_struct_ref_seq.ref_id 
_struct_ref_seq.pdbx_PDB_id_code 
_struct_ref_seq.pdbx_strand_id 
_struct_ref_seq.seq_align_beg 
_struct_ref_seq.pdbx_seq_align_beg_ins_code 
_struct_ref_seq.seq_align_end 
_struct_ref_seq.pdbx_seq_align_end_ins_code 
_struct_ref_seq.pdbx_db_accession 
_struct_ref_seq.db_align_beg 
_struct_ref_seq.pdbx_db_align_beg_ins_code 
_struct_ref_seq.db_align_end 
_struct_ref_seq.pdbx_db_align_end_ins_code 
_struct_ref_seq.pdbx_auth_seq_align_beg 
_struct_ref_seq.pdbx_auth_seq_align_end 
1 1 3IYB 1 1 ? 235 ? P03300 647 ? 881 ? 68 302 
2 2 3IYB 2 1 ? 14  ? P03302 83  ? 96  ? 83 96  
3 3 3IYB 3 1 ? 231 ? Q9E912 342 ? 572 ? 1  231 
4 4 3IYB 4 1 ? 245 ? P03300 97  ? 341 ? 97 341 
5 5 3IYB 7 1 ? 11  ? 3IYB   42  ? 52  ? 42 52  
# 
loop_
_pdbx_struct_assembly.id 
_pdbx_struct_assembly.details 
_pdbx_struct_assembly.method_details 
_pdbx_struct_assembly.oligomeric_details 
_pdbx_struct_assembly.oligomeric_count 
1 'complete icosahedral assembly'                ? 300-meric  300 
2 'icosahedral asymmetric unit'                  ? pentameric 5   
3 'icosahedral pentamer'                         ? 25-meric   25  
4 'icosahedral 23 hexamer'                       ? 30-meric   30  
5 'icosahedral asymmetric unit, std point frame' ? pentameric 5   
# 
loop_
_pdbx_struct_assembly_gen.assembly_id 
_pdbx_struct_assembly_gen.oper_expression 
_pdbx_struct_assembly_gen.asym_id_list 
1 '(1-60)'           A,B,C,D,E 
2 1                  A,B,C,D,E 
3 '(1-5)'            A,B,C,D,E 
4 '(1,2,6,10,23,24)' A,B,C,D,E 
5 P                  A,B,C,D,E 
# 
loop_
_pdbx_struct_oper_list.id 
_pdbx_struct_oper_list.type 
_pdbx_struct_oper_list.name 
_pdbx_struct_oper_list.symmetry_operation 
_pdbx_struct_oper_list.matrix[1][1] 
_pdbx_struct_oper_list.matrix[1][2] 
_pdbx_struct_oper_list.matrix[1][3] 
_pdbx_struct_oper_list.vector[1] 
_pdbx_struct_oper_list.matrix[2][1] 
_pdbx_struct_oper_list.matrix[2][2] 
_pdbx_struct_oper_list.matrix[2][3] 
_pdbx_struct_oper_list.vector[2] 
_pdbx_struct_oper_list.matrix[3][1] 
_pdbx_struct_oper_list.matrix[3][2] 
_pdbx_struct_oper_list.matrix[3][3] 
_pdbx_struct_oper_list.vector[3] 
P  'identity operation'       1_555 x,y,z 1.00000000  0.00000000  0.00000000  0.00000    0.00000000  1.00000000  0.00000000  0.00000    0.00000000  0.00000000  1.00000000  0.00000    
1  'identity operation'       1_555 x,y,z 1.00000000  0.00000000  0.00000000  0.00000    0.00000000  1.00000000  0.00000000  0.00000    0.00000000  0.00000000  1.00000000  0.00000    
2  'point symmetry operation' ?     ?     0.30976818  -0.78779296 0.53237760  53.33597   0.81238121  0.51022586  0.28232310  -12.93160  -0.49404498 0.34503885  0.79803994  6.20450    
3  'point symmetry operation' ?     ?     -0.80705036 -0.46229458 0.36736008  83.34832   0.52666744  -0.28224533 0.80184723  25.55118   -0.26700397 0.84060768  0.47126170  -19.65633  
4  'point symmetry operation' ?     ?     -0.80705036 0.52666744  -0.26700397 48.56100   -0.46229458 -0.28224533 0.84060768  62.26644   0.36736008  0.80184723  0.47126170  -41.84371  
5  'point symmetry operation' ?     ?     0.30976818  0.81238121  -0.49404498 -2.95109   -0.78779296 0.51022586  0.34503885  46.47495   0.53237760  0.28232310  0.79803994  -29.69543  
6  'point symmetry operation' ?     ?     -0.50702423 -0.49109639 -0.70834368 -62.97787  -0.49109639 -0.51077583 0.70564324  35.80443   -0.70834368 0.70564324  0.01780006  -68.65310  
7  'point symmetry operation' ?     ?     -0.20606381 -0.09554605 -0.97386274 -88.06475  -0.91569023 0.36974557  0.15747895  20.59464   0.34503494  0.92420731  -0.16368176 -115.44795 
8  'point symmetry operation' ?     ?     0.33968018  -0.22243493 -0.91385999 -103.86214 -0.06107903 0.96436442  -0.25743076 -32.04891  0.93855565  0.14326181  0.31398938  -110.01222 
9  'point symmetry operation' ?     ?     0.37600809  -0.69640691 -0.61125717 -88.53857  0.89169357  0.45133770  0.03430523  -49.37463  0.25199300  -0.55795313 0.79068819  -59.85790  
10 'point symmetry operation' ?     ?     -0.14728401 -0.86244882 -0.48424110 -63.27070  0.62592823  -0.46034913 0.62951769  -7.43896   -0.76584676 -0.21038229 0.60763313  -34.29656  
11 'point symmetry operation' ?     ?     0.50001564  0.39174155  0.77234896  131.11970  0.39174155  -0.89769344 0.20170535  -73.64680  0.77234896  0.20170535  -0.60232220 -217.29956 
12 'point symmetry operation' ?     ?     0.09155728  0.07245827  0.99316013  157.51472  -0.70757172 -0.69704146 0.11608376  -39.89279  0.70068503  -0.71336035 -0.01254980 -182.45106 
13 'point symmetry operation' ?     ?     -0.40344051 0.30752073  0.86178115  167.62307  -0.84279719 0.24182485  -0.48084678 -67.89771  -0.35627045 -0.92029980 0.16161567  -135.93232 
14 'point symmetry operation' ?     ?     -0.30090762 0.77208061  0.55977329  147.47537  0.17294215  0.62142417  -0.76414854 -118.95972 -0.93784093 -0.13312973 -0.32051655 -142.03066 
15 'point symmetry operation' ?     ?     0.25745899  0.82413193  0.50450115  124.91504  0.93592905  -0.08283685 -0.34230813 -122.51285 -0.24031577 0.56030760  -0.79265611 -192.31838 
16 'point symmetry operation' ?     ?     -0.99299141 0.09935484  -0.06400528 60.63172   0.09935484  0.40846927  -0.90734859 -144.30695 -0.06400528 -0.90734859 -0.41547786 -217.36723 
17 'point symmetry operation' ?     ?     -0.19526166 0.81088074  -0.55167499 5.98762    0.81088074  -0.18292997 -0.55588581 -149.91957 -0.55167499 -0.55588581 -0.62180837 -211.62537 
18 'point symmetry operation' ?     ?     0.87081069  0.37720878  -0.31528124 -18.33571  0.37720878  -0.92394395 -0.06356969 -107.75387 -0.31528124 -0.06356969 -0.94686675 -237.71901 
19 'point symmetry operation' ?     ?     0.73194988  -0.60234114 0.31848785  21.27575   -0.60234114 -0.79051654 -0.11076437 -76.08142  0.31848785  -0.11076437 -0.94143334 -259.58762 
20 'point symmetry operation' ?     ?     -0.41994316 -0.77406432 0.47378493  70.08030   -0.77406432 0.03296012  -0.63224840 -98.67246  0.47378493  -0.63224840 -0.61301695 -247.00952 
21 'point symmetry operation' ?     ?     -0.45183915 -0.86832712 0.20457125  32.93952   0.83157049  -0.49298678 -0.25584088 -126.95015 0.32300450  0.05451649  0.94482594  -14.85862  
22 'point symmetry operation' ?     ?     -0.94644543 -0.01650222 -0.32244182 21.33836   -0.01650222 -0.99491503 0.09935671  -77.80979  -0.32244182 0.09935671  0.94136045  7.52632    
23 'point symmetry operation' ?     ?     -0.14728401 0.62592823  -0.76584676 -30.92842  -0.86244882 -0.46034913 -0.21038229 -65.20765  -0.48424110 0.62951769  0.60763313  -5.11559   
24 'point symmetry operation' ?     ?     0.84123118  0.17114719  -0.51287300 -51.62990  -0.53719986 0.37195902  -0.75700910 -106.55946 0.06120776  0.91233498  0.40484378  -35.31368  
25 'point symmetry operation' ?     ?     0.65300575  -0.75235340 0.08687830  -12.15735  0.50976165  0.35178784  -0.78510406 -144.71843 0.56011298  0.55696469  0.61324039  -41.33520  
26 'point symmetry operation' ?     ?     0.51061895  0.80977141  -0.28903037 16.26098   0.00170091  -0.33710791 -0.94146448 -179.40753 -0.85980544 0.48023799  -0.17351104 -98.11405  
27 'point symmetry operation' ?     ?     0.95881058  -0.08882241 0.26980149  31.23040   0.19179255  -0.49818296 -0.84559407 -180.79878 0.20951821  0.86251047  -0.46062762 -151.25941 
28 'point symmetry operation' ?     ?     0.09155728  -0.70757172 0.70068503  85.19210   0.07245827  -0.69704146 -0.71336035 -169.37353 0.99316013  0.11608376  -0.01254980 -154.09616 
29 'point symmetry operation' ?     ?     -0.89262636 -0.19138602 0.40815383  103.57283  -0.19138602 -0.65886773 -0.72750580 -160.92108 0.40815383  -0.72750580 0.55149410  -102.70401 
30 'point symmetry operation' ?     ?     -0.63363201 0.74638360  -0.20352392 60.97106   -0.23511647 -0.43641656 -0.86848190 -167.12243 -0.73704187 -0.50244611 0.45201459  -68.10517  
31 'point symmetry operation' ?     ?     -0.40808606 0.64375050  -0.64734153 -6.80923   0.02507640  0.71670724  0.69692317  73.98613   0.91259900  0.26817163  -0.30862118 -181.83160 
32 'point symmetry operation' ?     ?     0.71637457  0.42658750  -0.55211463 -40.91605  0.24569597  0.58639312  0.77186565  70.37949   0.65302447  -0.68859727 0.31526629  -138.53997 
33 'point symmetry operation' ?     ?     0.84123118  -0.53719986 0.06120776  -11.64957  0.17114719  0.37195902  0.91233498  80.68997   -0.51287300 -0.75700910 0.40484378  -92.84955  
34 'point symmetry operation' ?     ?     -0.20606381 -0.91569023 0.34503494  40.54493   -0.09554605 0.36974557  0.92420731  90.66883   -0.97386274 0.15747895  -0.16368176 -107.90293 
35 'point symmetry operation' ?     ?     -0.97818433 -0.18582276 -0.09287259 43.53643   -0.18582276 0.58281168  0.79107549  86.52563   -0.09287259 0.79107549  -0.60462735 -162.89686 
36 'point symmetry operation' ?     ?     0.34930626  -0.58519479 0.73180065  86.38228   -0.85834781 0.11338746  0.50038218  50.22223   -0.37579806 -0.80292611 -0.46269371 -208.51561 
37 'point symmetry operation' ?     ?     -0.72873972 -0.32126287 0.60475497  117.12083  -0.42098631 0.90670487  -0.02562828 6.07976    -0.54010086 -0.27326991 -0.79599912 -221.04682 
38 'point symmetry operation' ?     ?     -0.78550446 0.61884336  0.00395398  86.15944   0.61884336  0.78543157  0.01140766  -28.25811  0.00395398  0.01140766  -0.99992711 -251.25859 
39 'point symmetry operation' ?     ?     0.25745899  0.93592905  -0.24031577 36.28569   0.82413193  -0.08283685 0.56030760  -5.33761   0.50450115  -0.34230813 -0.79265611 -257.39927 
40 'point symmetry operation' ?     ?     0.95881058  0.19179255  0.20951821  36.42342   -0.08882241 -0.49818296 0.86251047  43.16591   0.26980149  -0.84559407 -0.46062762 -230.98265 
41 'point symmetry operation' ?     ?     -0.45183915 0.83157049  0.32300450  125.25077  -0.86832712 -0.49298678 0.05451649  -33.17243  0.20457125  -0.25584088 0.94482594  -25.17870  
42 'point symmetry operation' ?     ?     0.37600809  0.89169357  0.25199300  92.40203   -0.69640691 0.45133770  -0.55795313 -72.77215  -0.61125717 0.03430523  0.79068819  -5.09709   
43 'point symmetry operation' ?     ?     0.71637457  0.24569597  0.65302447  102.48925  0.42658750  0.58639312  -0.68859727 -119.21402 -0.55211463 0.77186565  0.31526629  -33.23688  
44 'point symmetry operation' ?     ?     0.09888537  -0.21367559 0.97188704  141.57223  0.94871601  -0.27446251 -0.15687016 -108.31697 0.30026588  0.93755697  0.17557714  -70.70984  
45 'point symmetry operation' ?     ?     -0.62311041 0.14841476  0.76792348  155.63962  0.14841476  -0.94155597 0.30239940  -55.14034  0.76792348  0.30239940  0.56466639  -65.72961  
46 'point symmetry operation' ?     ?     -0.40808606 0.02507640  0.91259900  161.30528  0.64375050  0.71670724  0.26817163  0.11912    -0.64734153 0.69692317  -0.30862118 -112.08763 
47 'point symmetry operation' ?     ?     -0.55690543 0.64916407  0.51811422  144.87756  0.64916407  -0.04892992 0.75907303  26.84988   0.51811422  0.75907303  -0.39416465 -157.54139 
48 'point symmetry operation' ?     ?     0.09888537  0.94871601  0.30026588  109.99437  -0.21367559 -0.27446251 0.93755697  66.81609   0.97188704  -0.15687016 0.17557714  -142.16889 
49 'point symmetry operation' ?     ?     0.65300575  0.50976165  0.56011298  104.86310  -0.75235340 0.35178784  0.55696469  64.78580   0.08687830  -0.78510406 0.61324039  -87.21440  
50 'point symmetry operation' ?     ?     0.33968018  -0.06107903 0.93855565  136.57499  -0.22243493 0.96436442  0.14326181  23.56481   -0.91385999 -0.25743076 0.31398938  -68.62316  
51 'point symmetry operation' ?     ?     0.34930626  -0.85834781 -0.37579806 -65.42549  -0.58519479 0.11338746  -0.80292611 -122.56674 0.73180065  0.50038218  -0.46269371 -184.82378 
52 'point symmetry operation' ?     ?     -0.40344051 -0.84279719 -0.35627045 -38.02673  0.30752073  0.24182485  -0.92029980 -160.22670 0.86178115  -0.48084678 0.16161567  -155.13401 
53 'point symmetry operation' ?     ?     -0.63363201 -0.23511647 -0.73704187 -50.85639  0.74638360  -0.43641656 -0.50244611 -152.66197 -0.20352392 -0.86848190 0.45201459  -101.94921 
54 'point symmetry operation' ?     ?     -0.02315140 0.12490026  -0.99189915 -86.18431  0.12490026  -0.98403020 -0.12682463 -110.32674 -0.99189915 -0.12682463 0.00718160  -98.76897  
55 'point symmetry operation' ?     ?     0.58433786  -0.26027788 -0.76863820 -95.18851  -0.69806045 -0.64423263 -0.31253148 -91.72686  -0.41383678 0.71917990  -0.55813921 -149.98827 
56 'point symmetry operation' ?     ?     0.51061895  0.00170091  -0.85980544 -92.35701  0.80977141  -0.33710791 0.48023799  -26.52928  -0.28903037 -0.94146448 -0.17351104 -181.22977 
57 'point symmetry operation' ?     ?     0.58433786  -0.69806045 -0.41383678 -70.47931  -0.26027788 -0.64423263 0.71917990  23.99965   -0.76863820 -0.31253148 -0.55813921 -185.54739 
58 'point symmetry operation' ?     ?     -0.18162793 -0.95929551 -0.21624848 -32.85369  -0.95929551 0.12448594  0.25348641  22.91059   -0.21624848 0.25348641  -0.94285801 -225.96490 
59 'point symmetry operation' ?     ?     -0.72873972 -0.42098631 -0.54010086 -31.47748  -0.32126287 0.90670487  -0.27326991 -28.29142  0.60475497  -0.02562828 -0.79599912 -246.62667 
60 'point symmetry operation' ?     ?     -0.30090762 0.17294215  -0.93784093 -68.25255  0.77208061  0.62142417  -0.13312973 -58.84693  0.55977329  -0.76414854 -0.32051655 -218.97884 
# 
_pdbx_validate_close_contact.id               1 
_pdbx_validate_close_contact.PDB_model_num    1 
_pdbx_validate_close_contact.auth_atom_id_1   CA 
_pdbx_validate_close_contact.auth_asym_id_1   1 
_pdbx_validate_close_contact.auth_comp_id_1   ASP 
_pdbx_validate_close_contact.auth_seq_id_1    288 
_pdbx_validate_close_contact.PDB_ins_code_1   ? 
_pdbx_validate_close_contact.label_alt_id_1   ? 
_pdbx_validate_close_contact.auth_atom_id_2   CA 
_pdbx_validate_close_contact.auth_asym_id_2   4 
_pdbx_validate_close_contact.auth_comp_id_2   ASN 
_pdbx_validate_close_contact.auth_seq_id_2    206 
_pdbx_validate_close_contact.PDB_ins_code_2   ? 
_pdbx_validate_close_contact.label_alt_id_2   ? 
_pdbx_validate_close_contact.dist             2.18 
# 
_pdbx_point_symmetry.entry_id             3IYB 
_pdbx_point_symmetry.Schoenflies_symbol   I 
_pdbx_point_symmetry.circular_symmetry    ? 
_pdbx_point_symmetry.H-M_notation         ? 
# 
_em_3d_fitting.id                1 
_em_3d_fitting.entry_id          3IYB 
_em_3d_fitting.ref_protocol      'RIGID BODY FIT' 
_em_3d_fitting.ref_space         RECIPROCAL 
_em_3d_fitting.overall_b_value   ? 
_em_3d_fitting.target_criteria   ? 
_em_3d_fitting.details           'REFINEMENT PROTOCOL--Rigid Body' 
_em_3d_fitting.method            ? 
# 
_em_3d_fitting_list.3d_fitting_id                 1 
_em_3d_fitting_list.id                            1 
_em_3d_fitting_list.pdb_entry_id                  1POV 
_em_3d_fitting_list.pdb_chain_id                  ? 
_em_3d_fitting_list.details                       ? 
_em_3d_fitting_list.initial_refinement_model_id   1 
_em_3d_fitting_list.chain_id                      ? 
_em_3d_fitting_list.chain_residue_range           ? 
_em_3d_fitting_list.pdb_chain_residue_range       ? 
_em_3d_fitting_list.source_name                   PDB 
_em_3d_fitting_list.type                          'experimental model' 
_em_3d_fitting_list.accession_code                1POV 
# 
_em_3d_reconstruction.entry_id                    3IYB 
_em_3d_reconstruction.id                          1 
_em_3d_reconstruction.resolution_method           'FSC 0.5 CUT-OFF' 
_em_3d_reconstruction.symmetry_type               POINT 
_em_3d_reconstruction.image_processing_id         1 
_em_3d_reconstruction.method                      PFT 
_em_3d_reconstruction.nominal_pixel_size          ? 
_em_3d_reconstruction.actual_pixel_size           ? 
_em_3d_reconstruction.resolution                  10 
_em_3d_reconstruction.magnification_calibration   ? 
_em_3d_reconstruction.details                     
'Details about the particle: 10,000 particle were partitioned into two distinct classes' 
_em_3d_reconstruction.num_class_averages          ? 
_em_3d_reconstruction.num_particles               ? 
_em_3d_reconstruction.algorithm                   ? 
# 
_em_buffer.id            1 
_em_buffer.specimen_id   1 
_em_buffer.name          '20mM Tris pH 7.4, 2mM CaCl2, 20mM NaCl' 
_em_buffer.pH            7.4 
_em_buffer.details       '20mM Tris pH 7.4, 2mM CaCl2, 20mM NaCl' 
# 
_em_entity_assembly.id                   1 
_em_entity_assembly.name                 '80S poliovirus' 
_em_entity_assembly.type                 VIRUS 
_em_entity_assembly.parent_id            0 
_em_entity_assembly.synonym              'poliovirus 1 mahoney' 
_em_entity_assembly.details              '60 promoters arranged as a icosahedron. native virus heat-treated at 56 degrees C' 
_em_entity_assembly.oligomeric_details   ? 
# 
_em_imaging.entry_id                        3IYB 
_em_imaging.id                              1 
_em_imaging.specimen_id                     1 
_em_imaging.date                            ? 
_em_imaging.temperature                     ? 
_em_imaging.microscope_model                'FEI TECNAI F30' 
_em_imaging.nominal_defocus_min             0.9 
_em_imaging.nominal_defocus_max             3.0 
_em_imaging.tilt_angle_min                  0.0 
_em_imaging.tilt_angle_max                  0.0 
_em_imaging.nominal_cs                      ? 
_em_imaging.mode                            OTHER 
_em_imaging.illumination_mode               OTHER 
_em_imaging.nominal_magnification           59000 
_em_imaging.calibrated_magnification        ? 
_em_imaging.electron_source                 'FIELD EMISSION GUN' 
_em_imaging.accelerating_voltage            200 
_em_imaging.details                         ? 
_em_imaging.specimen_holder_type            Eucentric 
_em_imaging.specimen_holder_model           'GATAN LIQUID NITROGEN' 
_em_imaging.recording_temperature_minimum   ? 
_em_imaging.recording_temperature_maximum   ? 
_em_imaging.detector_distance               0.0 
_em_imaging.electron_beam_tilt_params       ? 
_em_imaging.astigmatism                     ? 
_em_imaging.citation_id                     ? 
# 
_em_virus_entity.id                    1 
_em_virus_entity.virus_host_category   VERTEBRATES 
_em_virus_entity.entity_assembly_id    1 
_em_virus_entity.virus_type            VIRION 
_em_virus_entity.virus_isolate         SEROTYPE 
_em_virus_entity.empty                 YES 
_em_virus_entity.enveloped             NO 
_em_virus_entity.details               ? 
# 
_em_vitrification.entry_id              3IYB 
_em_vitrification.id                    1 
_em_vitrification.instrument            'HOMEMADE PLUNGER' 
_em_vitrification.details               ? 
_em_vitrification.cryogen_name          ETHANE 
_em_vitrification.humidity              ? 
_em_vitrification.temp                  ? 
_em_vitrification.method                'blot for 3 secs' 
_em_vitrification.time_resolved_state   ? 
_em_vitrification.citation_id           ? 
_em_vitrification.specimen_id           1 
# 
_em_experiment.reconstruction_method   'SINGLE PARTICLE' 
_em_experiment.entry_id                3IYB 
_em_experiment.id                      1 
_em_experiment.aggregation_state       PARTICLE 
_em_experiment.entity_assembly_id      1 
# 
_em_single_particle_entity.entry_id              3IYB 
_em_single_particle_entity.id                    1 
_em_single_particle_entity.point_symmetry        I 
_em_single_particle_entity.image_processing_id   1 
# 
loop_
_pdbx_unobs_or_zero_occ_residues.id 
_pdbx_unobs_or_zero_occ_residues.PDB_model_num 
_pdbx_unobs_or_zero_occ_residues.polymer_flag 
_pdbx_unobs_or_zero_occ_residues.occupancy_flag 
_pdbx_unobs_or_zero_occ_residues.auth_asym_id 
_pdbx_unobs_or_zero_occ_residues.auth_comp_id 
_pdbx_unobs_or_zero_occ_residues.auth_seq_id 
_pdbx_unobs_or_zero_occ_residues.PDB_ins_code 
_pdbx_unobs_or_zero_occ_residues.label_asym_id 
_pdbx_unobs_or_zero_occ_residues.label_comp_id 
_pdbx_unobs_or_zero_occ_residues.label_seq_id 
1  1 Y 1 4 SER 114 ? D SER 18 
2  1 Y 1 4 GLU 115 ? D GLU 19 
3  1 Y 1 4 ALA 116 ? D ALA 20 
4  1 Y 1 4 ASN 117 ? D ASN 21 
5  1 Y 1 4 PRO 118 ? D PRO 22 
6  1 Y 1 4 VAL 119 ? D VAL 23 
7  1 Y 1 4 ASP 120 ? D ASP 24 
8  1 Y 1 4 GLN 121 ? D GLN 25 
9  1 Y 1 4 PRO 122 ? D PRO 26 
10 1 Y 1 4 THR 123 ? D THR 27 
11 1 Y 1 4 GLU 124 ? D GLU 28 
12 1 Y 1 4 PRO 125 ? D PRO 29 
13 1 Y 1 4 ASP 126 ? D ASP 30 
# 
loop_
_chem_comp_atom.comp_id 
_chem_comp_atom.atom_id 
_chem_comp_atom.type_symbol 
_chem_comp_atom.pdbx_aromatic_flag 
_chem_comp_atom.pdbx_stereo_config 
_chem_comp_atom.pdbx_ordinal 
ALA N    N N N 1   
ALA CA   C N S 2   
ALA C    C N N 3   
ALA O    O N N 4   
ALA CB   C N N 5   
ALA OXT  O N N 6   
ALA H    H N N 7   
ALA H2   H N N 8   
ALA HA   H N N 9   
ALA HB1  H N N 10  
ALA HB2  H N N 11  
ALA HB3  H N N 12  
ALA HXT  H N N 13  
ARG N    N N N 14  
ARG CA   C N S 15  
ARG C    C N N 16  
ARG O    O N N 17  
ARG CB   C N N 18  
ARG CG   C N N 19  
ARG CD   C N N 20  
ARG NE   N N N 21  
ARG CZ   C N N 22  
ARG NH1  N N N 23  
ARG NH2  N N N 24  
ARG OXT  O N N 25  
ARG H    H N N 26  
ARG H2   H N N 27  
ARG HA   H N N 28  
ARG HB2  H N N 29  
ARG HB3  H N N 30  
ARG HG2  H N N 31  
ARG HG3  H N N 32  
ARG HD2  H N N 33  
ARG HD3  H N N 34  
ARG HE   H N N 35  
ARG HH11 H N N 36  
ARG HH12 H N N 37  
ARG HH21 H N N 38  
ARG HH22 H N N 39  
ARG HXT  H N N 40  
ASN N    N N N 41  
ASN CA   C N S 42  
ASN C    C N N 43  
ASN O    O N N 44  
ASN CB   C N N 45  
ASN CG   C N N 46  
ASN OD1  O N N 47  
ASN ND2  N N N 48  
ASN OXT  O N N 49  
ASN H    H N N 50  
ASN H2   H N N 51  
ASN HA   H N N 52  
ASN HB2  H N N 53  
ASN HB3  H N N 54  
ASN HD21 H N N 55  
ASN HD22 H N N 56  
ASN HXT  H N N 57  
ASP N    N N N 58  
ASP CA   C N S 59  
ASP C    C N N 60  
ASP O    O N N 61  
ASP CB   C N N 62  
ASP CG   C N N 63  
ASP OD1  O N N 64  
ASP OD2  O N N 65  
ASP OXT  O N N 66  
ASP H    H N N 67  
ASP H2   H N N 68  
ASP HA   H N N 69  
ASP HB2  H N N 70  
ASP HB3  H N N 71  
ASP HD2  H N N 72  
ASP HXT  H N N 73  
CYS N    N N N 74  
CYS CA   C N R 75  
CYS C    C N N 76  
CYS O    O N N 77  
CYS CB   C N N 78  
CYS SG   S N N 79  
CYS OXT  O N N 80  
CYS H    H N N 81  
CYS H2   H N N 82  
CYS HA   H N N 83  
CYS HB2  H N N 84  
CYS HB3  H N N 85  
CYS HG   H N N 86  
CYS HXT  H N N 87  
GLN N    N N N 88  
GLN CA   C N S 89  
GLN C    C N N 90  
GLN O    O N N 91  
GLN CB   C N N 92  
GLN CG   C N N 93  
GLN CD   C N N 94  
GLN OE1  O N N 95  
GLN NE2  N N N 96  
GLN OXT  O N N 97  
GLN H    H N N 98  
GLN H2   H N N 99  
GLN HA   H N N 100 
GLN HB2  H N N 101 
GLN HB3  H N N 102 
GLN HG2  H N N 103 
GLN HG3  H N N 104 
GLN HE21 H N N 105 
GLN HE22 H N N 106 
GLN HXT  H N N 107 
GLU N    N N N 108 
GLU CA   C N S 109 
GLU C    C N N 110 
GLU O    O N N 111 
GLU CB   C N N 112 
GLU CG   C N N 113 
GLU CD   C N N 114 
GLU OE1  O N N 115 
GLU OE2  O N N 116 
GLU OXT  O N N 117 
GLU H    H N N 118 
GLU H2   H N N 119 
GLU HA   H N N 120 
GLU HB2  H N N 121 
GLU HB3  H N N 122 
GLU HG2  H N N 123 
GLU HG3  H N N 124 
GLU HE2  H N N 125 
GLU HXT  H N N 126 
GLY N    N N N 127 
GLY CA   C N N 128 
GLY C    C N N 129 
GLY O    O N N 130 
GLY OXT  O N N 131 
GLY H    H N N 132 
GLY H2   H N N 133 
GLY HA2  H N N 134 
GLY HA3  H N N 135 
GLY HXT  H N N 136 
HIS N    N N N 137 
HIS CA   C N S 138 
HIS C    C N N 139 
HIS O    O N N 140 
HIS CB   C N N 141 
HIS CG   C Y N 142 
HIS ND1  N Y N 143 
HIS CD2  C Y N 144 
HIS CE1  C Y N 145 
HIS NE2  N Y N 146 
HIS OXT  O N N 147 
HIS H    H N N 148 
HIS H2   H N N 149 
HIS HA   H N N 150 
HIS HB2  H N N 151 
HIS HB3  H N N 152 
HIS HD1  H N N 153 
HIS HD2  H N N 154 
HIS HE1  H N N 155 
HIS HE2  H N N 156 
HIS HXT  H N N 157 
ILE N    N N N 158 
ILE CA   C N S 159 
ILE C    C N N 160 
ILE O    O N N 161 
ILE CB   C N S 162 
ILE CG1  C N N 163 
ILE CG2  C N N 164 
ILE CD1  C N N 165 
ILE OXT  O N N 166 
ILE H    H N N 167 
ILE H2   H N N 168 
ILE HA   H N N 169 
ILE HB   H N N 170 
ILE HG12 H N N 171 
ILE HG13 H N N 172 
ILE HG21 H N N 173 
ILE HG22 H N N 174 
ILE HG23 H N N 175 
ILE HD11 H N N 176 
ILE HD12 H N N 177 
ILE HD13 H N N 178 
ILE HXT  H N N 179 
LEU N    N N N 180 
LEU CA   C N S 181 
LEU C    C N N 182 
LEU O    O N N 183 
LEU CB   C N N 184 
LEU CG   C N N 185 
LEU CD1  C N N 186 
LEU CD2  C N N 187 
LEU OXT  O N N 188 
LEU H    H N N 189 
LEU H2   H N N 190 
LEU HA   H N N 191 
LEU HB2  H N N 192 
LEU HB3  H N N 193 
LEU HG   H N N 194 
LEU HD11 H N N 195 
LEU HD12 H N N 196 
LEU HD13 H N N 197 
LEU HD21 H N N 198 
LEU HD22 H N N 199 
LEU HD23 H N N 200 
LEU HXT  H N N 201 
LYS N    N N N 202 
LYS CA   C N S 203 
LYS C    C N N 204 
LYS O    O N N 205 
LYS CB   C N N 206 
LYS CG   C N N 207 
LYS CD   C N N 208 
LYS CE   C N N 209 
LYS NZ   N N N 210 
LYS OXT  O N N 211 
LYS H    H N N 212 
LYS H2   H N N 213 
LYS HA   H N N 214 
LYS HB2  H N N 215 
LYS HB3  H N N 216 
LYS HG2  H N N 217 
LYS HG3  H N N 218 
LYS HD2  H N N 219 
LYS HD3  H N N 220 
LYS HE2  H N N 221 
LYS HE3  H N N 222 
LYS HZ1  H N N 223 
LYS HZ2  H N N 224 
LYS HZ3  H N N 225 
LYS HXT  H N N 226 
MET N    N N N 227 
MET CA   C N S 228 
MET C    C N N 229 
MET O    O N N 230 
MET CB   C N N 231 
MET CG   C N N 232 
MET SD   S N N 233 
MET CE   C N N 234 
MET OXT  O N N 235 
MET H    H N N 236 
MET H2   H N N 237 
MET HA   H N N 238 
MET HB2  H N N 239 
MET HB3  H N N 240 
MET HG2  H N N 241 
MET HG3  H N N 242 
MET HE1  H N N 243 
MET HE2  H N N 244 
MET HE3  H N N 245 
MET HXT  H N N 246 
PHE N    N N N 247 
PHE CA   C N S 248 
PHE C    C N N 249 
PHE O    O N N 250 
PHE CB   C N N 251 
PHE CG   C Y N 252 
PHE CD1  C Y N 253 
PHE CD2  C Y N 254 
PHE CE1  C Y N 255 
PHE CE2  C Y N 256 
PHE CZ   C Y N 257 
PHE OXT  O N N 258 
PHE H    H N N 259 
PHE H2   H N N 260 
PHE HA   H N N 261 
PHE HB2  H N N 262 
PHE HB3  H N N 263 
PHE HD1  H N N 264 
PHE HD2  H N N 265 
PHE HE1  H N N 266 
PHE HE2  H N N 267 
PHE HZ   H N N 268 
PHE HXT  H N N 269 
PRO N    N N N 270 
PRO CA   C N S 271 
PRO C    C N N 272 
PRO O    O N N 273 
PRO CB   C N N 274 
PRO CG   C N N 275 
PRO CD   C N N 276 
PRO OXT  O N N 277 
PRO H    H N N 278 
PRO HA   H N N 279 
PRO HB2  H N N 280 
PRO HB3  H N N 281 
PRO HG2  H N N 282 
PRO HG3  H N N 283 
PRO HD2  H N N 284 
PRO HD3  H N N 285 
PRO HXT  H N N 286 
SER N    N N N 287 
SER CA   C N S 288 
SER C    C N N 289 
SER O    O N N 290 
SER CB   C N N 291 
SER OG   O N N 292 
SER OXT  O N N 293 
SER H    H N N 294 
SER H2   H N N 295 
SER HA   H N N 296 
SER HB2  H N N 297 
SER HB3  H N N 298 
SER HG   H N N 299 
SER HXT  H N N 300 
THR N    N N N 301 
THR CA   C N S 302 
THR C    C N N 303 
THR O    O N N 304 
THR CB   C N R 305 
THR OG1  O N N 306 
THR CG2  C N N 307 
THR OXT  O N N 308 
THR H    H N N 309 
THR H2   H N N 310 
THR HA   H N N 311 
THR HB   H N N 312 
THR HG1  H N N 313 
THR HG21 H N N 314 
THR HG22 H N N 315 
THR HG23 H N N 316 
THR HXT  H N N 317 
TRP N    N N N 318 
TRP CA   C N S 319 
TRP C    C N N 320 
TRP O    O N N 321 
TRP CB   C N N 322 
TRP CG   C Y N 323 
TRP CD1  C Y N 324 
TRP CD2  C Y N 325 
TRP NE1  N Y N 326 
TRP CE2  C Y N 327 
TRP CE3  C Y N 328 
TRP CZ2  C Y N 329 
TRP CZ3  C Y N 330 
TRP CH2  C Y N 331 
TRP OXT  O N N 332 
TRP H    H N N 333 
TRP H2   H N N 334 
TRP HA   H N N 335 
TRP HB2  H N N 336 
TRP HB3  H N N 337 
TRP HD1  H N N 338 
TRP HE1  H N N 339 
TRP HE3  H N N 340 
TRP HZ2  H N N 341 
TRP HZ3  H N N 342 
TRP HH2  H N N 343 
TRP HXT  H N N 344 
TYR N    N N N 345 
TYR CA   C N S 346 
TYR C    C N N 347 
TYR O    O N N 348 
TYR CB   C N N 349 
TYR CG   C Y N 350 
TYR CD1  C Y N 351 
TYR CD2  C Y N 352 
TYR CE1  C Y N 353 
TYR CE2  C Y N 354 
TYR CZ   C Y N 355 
TYR OH   O N N 356 
TYR OXT  O N N 357 
TYR H    H N N 358 
TYR H2   H N N 359 
TYR HA   H N N 360 
TYR HB2  H N N 361 
TYR HB3  H N N 362 
TYR HD1  H N N 363 
TYR HD2  H N N 364 
TYR HE1  H N N 365 
TYR HE2  H N N 366 
TYR HH   H N N 367 
TYR HXT  H N N 368 
VAL N    N N N 369 
VAL CA   C N S 370 
VAL C    C N N 371 
VAL O    O N N 372 
VAL CB   C N N 373 
VAL CG1  C N N 374 
VAL CG2  C N N 375 
VAL OXT  O N N 376 
VAL H    H N N 377 
VAL H2   H N N 378 
VAL HA   H N N 379 
VAL HB   H N N 380 
VAL HG11 H N N 381 
VAL HG12 H N N 382 
VAL HG13 H N N 383 
VAL HG21 H N N 384 
VAL HG22 H N N 385 
VAL HG23 H N N 386 
VAL HXT  H N N 387 
# 
loop_
_chem_comp_bond.comp_id 
_chem_comp_bond.atom_id_1 
_chem_comp_bond.atom_id_2 
_chem_comp_bond.value_order 
_chem_comp_bond.pdbx_aromatic_flag 
_chem_comp_bond.pdbx_stereo_config 
_chem_comp_bond.pdbx_ordinal 
ALA N   CA   sing N N 1   
ALA N   H    sing N N 2   
ALA N   H2   sing N N 3   
ALA CA  C    sing N N 4   
ALA CA  CB   sing N N 5   
ALA CA  HA   sing N N 6   
ALA C   O    doub N N 7   
ALA C   OXT  sing N N 8   
ALA CB  HB1  sing N N 9   
ALA CB  HB2  sing N N 10  
ALA CB  HB3  sing N N 11  
ALA OXT HXT  sing N N 12  
ARG N   CA   sing N N 13  
ARG N   H    sing N N 14  
ARG N   H2   sing N N 15  
ARG CA  C    sing N N 16  
ARG CA  CB   sing N N 17  
ARG CA  HA   sing N N 18  
ARG C   O    doub N N 19  
ARG C   OXT  sing N N 20  
ARG CB  CG   sing N N 21  
ARG CB  HB2  sing N N 22  
ARG CB  HB3  sing N N 23  
ARG CG  CD   sing N N 24  
ARG CG  HG2  sing N N 25  
ARG CG  HG3  sing N N 26  
ARG CD  NE   sing N N 27  
ARG CD  HD2  sing N N 28  
ARG CD  HD3  sing N N 29  
ARG NE  CZ   sing N N 30  
ARG NE  HE   sing N N 31  
ARG CZ  NH1  sing N N 32  
ARG CZ  NH2  doub N N 33  
ARG NH1 HH11 sing N N 34  
ARG NH1 HH12 sing N N 35  
ARG NH2 HH21 sing N N 36  
ARG NH2 HH22 sing N N 37  
ARG OXT HXT  sing N N 38  
ASN N   CA   sing N N 39  
ASN N   H    sing N N 40  
ASN N   H2   sing N N 41  
ASN CA  C    sing N N 42  
ASN CA  CB   sing N N 43  
ASN CA  HA   sing N N 44  
ASN C   O    doub N N 45  
ASN C   OXT  sing N N 46  
ASN CB  CG   sing N N 47  
ASN CB  HB2  sing N N 48  
ASN CB  HB3  sing N N 49  
ASN CG  OD1  doub N N 50  
ASN CG  ND2  sing N N 51  
ASN ND2 HD21 sing N N 52  
ASN ND2 HD22 sing N N 53  
ASN OXT HXT  sing N N 54  
ASP N   CA   sing N N 55  
ASP N   H    sing N N 56  
ASP N   H2   sing N N 57  
ASP CA  C    sing N N 58  
ASP CA  CB   sing N N 59  
ASP CA  HA   sing N N 60  
ASP C   O    doub N N 61  
ASP C   OXT  sing N N 62  
ASP CB  CG   sing N N 63  
ASP CB  HB2  sing N N 64  
ASP CB  HB3  sing N N 65  
ASP CG  OD1  doub N N 66  
ASP CG  OD2  sing N N 67  
ASP OD2 HD2  sing N N 68  
ASP OXT HXT  sing N N 69  
CYS N   CA   sing N N 70  
CYS N   H    sing N N 71  
CYS N   H2   sing N N 72  
CYS CA  C    sing N N 73  
CYS CA  CB   sing N N 74  
CYS CA  HA   sing N N 75  
CYS C   O    doub N N 76  
CYS C   OXT  sing N N 77  
CYS CB  SG   sing N N 78  
CYS CB  HB2  sing N N 79  
CYS CB  HB3  sing N N 80  
CYS SG  HG   sing N N 81  
CYS OXT HXT  sing N N 82  
GLN N   CA   sing N N 83  
GLN N   H    sing N N 84  
GLN N   H2   sing N N 85  
GLN CA  C    sing N N 86  
GLN CA  CB   sing N N 87  
GLN CA  HA   sing N N 88  
GLN C   O    doub N N 89  
GLN C   OXT  sing N N 90  
GLN CB  CG   sing N N 91  
GLN CB  HB2  sing N N 92  
GLN CB  HB3  sing N N 93  
GLN CG  CD   sing N N 94  
GLN CG  HG2  sing N N 95  
GLN CG  HG3  sing N N 96  
GLN CD  OE1  doub N N 97  
GLN CD  NE2  sing N N 98  
GLN NE2 HE21 sing N N 99  
GLN NE2 HE22 sing N N 100 
GLN OXT HXT  sing N N 101 
GLU N   CA   sing N N 102 
GLU N   H    sing N N 103 
GLU N   H2   sing N N 104 
GLU CA  C    sing N N 105 
GLU CA  CB   sing N N 106 
GLU CA  HA   sing N N 107 
GLU C   O    doub N N 108 
GLU C   OXT  sing N N 109 
GLU CB  CG   sing N N 110 
GLU CB  HB2  sing N N 111 
GLU CB  HB3  sing N N 112 
GLU CG  CD   sing N N 113 
GLU CG  HG2  sing N N 114 
GLU CG  HG3  sing N N 115 
GLU CD  OE1  doub N N 116 
GLU CD  OE2  sing N N 117 
GLU OE2 HE2  sing N N 118 
GLU OXT HXT  sing N N 119 
GLY N   CA   sing N N 120 
GLY N   H    sing N N 121 
GLY N   H2   sing N N 122 
GLY CA  C    sing N N 123 
GLY CA  HA2  sing N N 124 
GLY CA  HA3  sing N N 125 
GLY C   O    doub N N 126 
GLY C   OXT  sing N N 127 
GLY OXT HXT  sing N N 128 
HIS N   CA   sing N N 129 
HIS N   H    sing N N 130 
HIS N   H2   sing N N 131 
HIS CA  C    sing N N 132 
HIS CA  CB   sing N N 133 
HIS CA  HA   sing N N 134 
HIS C   O    doub N N 135 
HIS C   OXT  sing N N 136 
HIS CB  CG   sing N N 137 
HIS CB  HB2  sing N N 138 
HIS CB  HB3  sing N N 139 
HIS CG  ND1  sing Y N 140 
HIS CG  CD2  doub Y N 141 
HIS ND1 CE1  doub Y N 142 
HIS ND1 HD1  sing N N 143 
HIS CD2 NE2  sing Y N 144 
HIS CD2 HD2  sing N N 145 
HIS CE1 NE2  sing Y N 146 
HIS CE1 HE1  sing N N 147 
HIS NE2 HE2  sing N N 148 
HIS OXT HXT  sing N N 149 
ILE N   CA   sing N N 150 
ILE N   H    sing N N 151 
ILE N   H2   sing N N 152 
ILE CA  C    sing N N 153 
ILE CA  CB   sing N N 154 
ILE CA  HA   sing N N 155 
ILE C   O    doub N N 156 
ILE C   OXT  sing N N 157 
ILE CB  CG1  sing N N 158 
ILE CB  CG2  sing N N 159 
ILE CB  HB   sing N N 160 
ILE CG1 CD1  sing N N 161 
ILE CG1 HG12 sing N N 162 
ILE CG1 HG13 sing N N 163 
ILE CG2 HG21 sing N N 164 
ILE CG2 HG22 sing N N 165 
ILE CG2 HG23 sing N N 166 
ILE CD1 HD11 sing N N 167 
ILE CD1 HD12 sing N N 168 
ILE CD1 HD13 sing N N 169 
ILE OXT HXT  sing N N 170 
LEU N   CA   sing N N 171 
LEU N   H    sing N N 172 
LEU N   H2   sing N N 173 
LEU CA  C    sing N N 174 
LEU CA  CB   sing N N 175 
LEU CA  HA   sing N N 176 
LEU C   O    doub N N 177 
LEU C   OXT  sing N N 178 
LEU CB  CG   sing N N 179 
LEU CB  HB2  sing N N 180 
LEU CB  HB3  sing N N 181 
LEU CG  CD1  sing N N 182 
LEU CG  CD2  sing N N 183 
LEU CG  HG   sing N N 184 
LEU CD1 HD11 sing N N 185 
LEU CD1 HD12 sing N N 186 
LEU CD1 HD13 sing N N 187 
LEU CD2 HD21 sing N N 188 
LEU CD2 HD22 sing N N 189 
LEU CD2 HD23 sing N N 190 
LEU OXT HXT  sing N N 191 
LYS N   CA   sing N N 192 
LYS N   H    sing N N 193 
LYS N   H2   sing N N 194 
LYS CA  C    sing N N 195 
LYS CA  CB   sing N N 196 
LYS CA  HA   sing N N 197 
LYS C   O    doub N N 198 
LYS C   OXT  sing N N 199 
LYS CB  CG   sing N N 200 
LYS CB  HB2  sing N N 201 
LYS CB  HB3  sing N N 202 
LYS CG  CD   sing N N 203 
LYS CG  HG2  sing N N 204 
LYS CG  HG3  sing N N 205 
LYS CD  CE   sing N N 206 
LYS CD  HD2  sing N N 207 
LYS CD  HD3  sing N N 208 
LYS CE  NZ   sing N N 209 
LYS CE  HE2  sing N N 210 
LYS CE  HE3  sing N N 211 
LYS NZ  HZ1  sing N N 212 
LYS NZ  HZ2  sing N N 213 
LYS NZ  HZ3  sing N N 214 
LYS OXT HXT  sing N N 215 
MET N   CA   sing N N 216 
MET N   H    sing N N 217 
MET N   H2   sing N N 218 
MET CA  C    sing N N 219 
MET CA  CB   sing N N 220 
MET CA  HA   sing N N 221 
MET C   O    doub N N 222 
MET C   OXT  sing N N 223 
MET CB  CG   sing N N 224 
MET CB  HB2  sing N N 225 
MET CB  HB3  sing N N 226 
MET CG  SD   sing N N 227 
MET CG  HG2  sing N N 228 
MET CG  HG3  sing N N 229 
MET SD  CE   sing N N 230 
MET CE  HE1  sing N N 231 
MET CE  HE2  sing N N 232 
MET CE  HE3  sing N N 233 
MET OXT HXT  sing N N 234 
PHE N   CA   sing N N 235 
PHE N   H    sing N N 236 
PHE N   H2   sing N N 237 
PHE CA  C    sing N N 238 
PHE CA  CB   sing N N 239 
PHE CA  HA   sing N N 240 
PHE C   O    doub N N 241 
PHE C   OXT  sing N N 242 
PHE CB  CG   sing N N 243 
PHE CB  HB2  sing N N 244 
PHE CB  HB3  sing N N 245 
PHE CG  CD1  doub Y N 246 
PHE CG  CD2  sing Y N 247 
PHE CD1 CE1  sing Y N 248 
PHE CD1 HD1  sing N N 249 
PHE CD2 CE2  doub Y N 250 
PHE CD2 HD2  sing N N 251 
PHE CE1 CZ   doub Y N 252 
PHE CE1 HE1  sing N N 253 
PHE CE2 CZ   sing Y N 254 
PHE CE2 HE2  sing N N 255 
PHE CZ  HZ   sing N N 256 
PHE OXT HXT  sing N N 257 
PRO N   CA   sing N N 258 
PRO N   CD   sing N N 259 
PRO N   H    sing N N 260 
PRO CA  C    sing N N 261 
PRO CA  CB   sing N N 262 
PRO CA  HA   sing N N 263 
PRO C   O    doub N N 264 
PRO C   OXT  sing N N 265 
PRO CB  CG   sing N N 266 
PRO CB  HB2  sing N N 267 
PRO CB  HB3  sing N N 268 
PRO CG  CD   sing N N 269 
PRO CG  HG2  sing N N 270 
PRO CG  HG3  sing N N 271 
PRO CD  HD2  sing N N 272 
PRO CD  HD3  sing N N 273 
PRO OXT HXT  sing N N 274 
SER N   CA   sing N N 275 
SER N   H    sing N N 276 
SER N   H2   sing N N 277 
SER CA  C    sing N N 278 
SER CA  CB   sing N N 279 
SER CA  HA   sing N N 280 
SER C   O    doub N N 281 
SER C   OXT  sing N N 282 
SER CB  OG   sing N N 283 
SER CB  HB2  sing N N 284 
SER CB  HB3  sing N N 285 
SER OG  HG   sing N N 286 
SER OXT HXT  sing N N 287 
THR N   CA   sing N N 288 
THR N   H    sing N N 289 
THR N   H2   sing N N 290 
THR CA  C    sing N N 291 
THR CA  CB   sing N N 292 
THR CA  HA   sing N N 293 
THR C   O    doub N N 294 
THR C   OXT  sing N N 295 
THR CB  OG1  sing N N 296 
THR CB  CG2  sing N N 297 
THR CB  HB   sing N N 298 
THR OG1 HG1  sing N N 299 
THR CG2 HG21 sing N N 300 
THR CG2 HG22 sing N N 301 
THR CG2 HG23 sing N N 302 
THR OXT HXT  sing N N 303 
TRP N   CA   sing N N 304 
TRP N   H    sing N N 305 
TRP N   H2   sing N N 306 
TRP CA  C    sing N N 307 
TRP CA  CB   sing N N 308 
TRP CA  HA   sing N N 309 
TRP C   O    doub N N 310 
TRP C   OXT  sing N N 311 
TRP CB  CG   sing N N 312 
TRP CB  HB2  sing N N 313 
TRP CB  HB3  sing N N 314 
TRP CG  CD1  doub Y N 315 
TRP CG  CD2  sing Y N 316 
TRP CD1 NE1  sing Y N 317 
TRP CD1 HD1  sing N N 318 
TRP CD2 CE2  doub Y N 319 
TRP CD2 CE3  sing Y N 320 
TRP NE1 CE2  sing Y N 321 
TRP NE1 HE1  sing N N 322 
TRP CE2 CZ2  sing Y N 323 
TRP CE3 CZ3  doub Y N 324 
TRP CE3 HE3  sing N N 325 
TRP CZ2 CH2  doub Y N 326 
TRP CZ2 HZ2  sing N N 327 
TRP CZ3 CH2  sing Y N 328 
TRP CZ3 HZ3  sing N N 329 
TRP CH2 HH2  sing N N 330 
TRP OXT HXT  sing N N 331 
TYR N   CA   sing N N 332 
TYR N   H    sing N N 333 
TYR N   H2   sing N N 334 
TYR CA  C    sing N N 335 
TYR CA  CB   sing N N 336 
TYR CA  HA   sing N N 337 
TYR C   O    doub N N 338 
TYR C   OXT  sing N N 339 
TYR CB  CG   sing N N 340 
TYR CB  HB2  sing N N 341 
TYR CB  HB3  sing N N 342 
TYR CG  CD1  doub Y N 343 
TYR CG  CD2  sing Y N 344 
TYR CD1 CE1  sing Y N 345 
TYR CD1 HD1  sing N N 346 
TYR CD2 CE2  doub Y N 347 
TYR CD2 HD2  sing N N 348 
TYR CE1 CZ   doub Y N 349 
TYR CE1 HE1  sing N N 350 
TYR CE2 CZ   sing Y N 351 
TYR CE2 HE2  sing N N 352 
TYR CZ  OH   sing N N 353 
TYR OH  HH   sing N N 354 
TYR OXT HXT  sing N N 355 
VAL N   CA   sing N N 356 
VAL N   H    sing N N 357 
VAL N   H2   sing N N 358 
VAL CA  C    sing N N 359 
VAL CA  CB   sing N N 360 
VAL CA  HA   sing N N 361 
VAL C   O    doub N N 362 
VAL C   OXT  sing N N 363 
VAL CB  CG1  sing N N 364 
VAL CB  CG2  sing N N 365 
VAL CB  HB   sing N N 366 
VAL CG1 HG11 sing N N 367 
VAL CG1 HG12 sing N N 368 
VAL CG1 HG13 sing N N 369 
VAL CG2 HG21 sing N N 370 
VAL CG2 HG22 sing N N 371 
VAL CG2 HG23 sing N N 372 
VAL OXT HXT  sing N N 373 
# 
_em_ctf_correction.id        1 
_em_ctf_correction.details   'each micrograph' 
_em_ctf_correction.type      . 
# 
_em_entity_assembly_molwt.entity_assembly_id   1 
_em_entity_assembly_molwt.id                   1 
_em_entity_assembly_molwt.experimental_flag    YES 
_em_entity_assembly_molwt.value                8.3 
_em_entity_assembly_molwt.units                MEGADALTONS 
# 
_em_image_processing.id                   1 
_em_image_processing.image_recording_id   1 
_em_image_processing.details              ? 
# 
_em_image_recording.avg_electron_dose_per_image   15 
_em_image_recording.details                       ? 
_em_image_recording.id                            1 
_em_image_recording.film_or_detector_model        'KODAK SO-163 FILM' 
_em_image_recording.imaging_id                    1 
_em_image_recording.detector_mode                 ? 
_em_image_recording.average_exposure_time         ? 
_em_image_recording.num_diffraction_images        ? 
_em_image_recording.num_grids_imaged              ? 
_em_image_recording.num_real_images               ? 
# 
loop_
_em_software.id 
_em_software.name 
_em_software.version 
_em_software.category 
_em_software.details 
_em_software.image_processing_id 
1 INSOUT ? 'MODEL FITTING' 'rigid body' ? 
2 EM3DR  2 RECONSTRUCTION  ?            1 
3 PFT    2 RECONSTRUCTION  ?            1 
# 
_em_specimen.experiment_id           1 
_em_specimen.id                      1 
_em_specimen.concentration           0.2 
_em_specimen.vitrification_applied   YES 
_em_specimen.staining_applied        NO 
_em_specimen.embedding_applied       NO 
_em_specimen.shadowing_applied       NO 
_em_specimen.details                 '20mM Tris, 50mM NaCl, 2 mM CaCl2' 
# 
_em_virus_natural_host.entity_assembly_id   1 
_em_virus_natural_host.id                   1 
_em_virus_natural_host.ncbi_tax_id          9606 
_em_virus_natural_host.organism             'Homo sapiens' 
_em_virus_natural_host.strain               ? 
# 
loop_
_pdbx_coordinate_model.asym_id 
_pdbx_coordinate_model.type 
A 'CA ATOMS ONLY' 
B 'CA ATOMS ONLY' 
C 'CA ATOMS ONLY' 
D 'CA ATOMS ONLY' 
E 'CA ATOMS ONLY' 
# 
_pdbx_initial_refinement_model.id               1 
_pdbx_initial_refinement_model.type             'experimental model' 
_pdbx_initial_refinement_model.source_name      PDB 
_pdbx_initial_refinement_model.accession_code   1POV 
# 
_atom_sites.entry_id                    3IYB 
_atom_sites.fract_transf_matrix[1][1]   1.000000 
_atom_sites.fract_transf_matrix[1][2]   0.000000 
_atom_sites.fract_transf_matrix[1][3]   0.000000 
_atom_sites.fract_transf_matrix[2][1]   0.000000 
_atom_sites.fract_transf_matrix[2][2]   1.000000 
_atom_sites.fract_transf_matrix[2][3]   0.000000 
_atom_sites.fract_transf_matrix[3][1]   0.000000 
_atom_sites.fract_transf_matrix[3][2]   0.000000 
_atom_sites.fract_transf_matrix[3][3]   1.000000 
_atom_sites.fract_transf_vector[1]      0.000000 
_atom_sites.fract_transf_vector[2]      0.000000 
_atom_sites.fract_transf_vector[3]      0.000000 
# 
_atom_type.symbol   C 
# 
loop_
_atom_site.group_PDB 
_atom_site.id 
_atom_site.type_symbol 
_atom_site.label_atom_id 
_atom_site.label_alt_id 
_atom_site.label_comp_id 
_atom_site.label_asym_id 
_atom_site.label_entity_id 
_atom_site.label_seq_id 
_atom_site.pdbx_PDB_ins_code 
_atom_site.Cartn_x 
_atom_site.Cartn_y 
_atom_site.Cartn_z 
_atom_site.occupancy 
_atom_site.B_iso_or_equiv 
_atom_site.pdbx_formal_charge 
_atom_site.auth_seq_id 
_atom_site.auth_comp_id 
_atom_site.auth_asym_id 
_atom_site.auth_atom_id 
_atom_site.pdbx_PDB_model_num 
ATOM 1   C CA . GLN A 1 1   ? -3.205  12.964  -30.083 1.00 30.00 ? 68  GLN 1 CA 1 
ATOM 2   C CA . HIS A 1 2   ? -3.075  9.886   -27.622 1.00 30.00 ? 69  HIS 1 CA 1 
ATOM 3   C CA . ARG A 1 3   ? -2.148  10.120  -23.901 1.00 30.00 ? 70  ARG 1 CA 1 
ATOM 4   C CA . SER A 1 4   ? 1.237   8.881   -22.670 1.00 30.00 ? 71  SER 1 CA 1 
ATOM 5   C CA . ARG A 1 5   ? 1.807   7.054   -19.362 1.00 30.00 ? 72  ARG 1 CA 1 
ATOM 6   C CA . SER A 1 6   ? 5.429   8.244   -19.139 1.00 30.00 ? 73  SER 1 CA 1 
ATOM 7   C CA . GLU A 1 7   ? 5.286   10.420  -16.040 1.00 30.00 ? 74  GLU 1 CA 1 
ATOM 8   C CA . SER A 1 8   ? 3.914   7.452   -14.139 1.00 30.00 ? 75  SER 1 CA 1 
ATOM 9   C CA . SER A 1 9   ? 6.651   5.058   -15.109 1.00 30.00 ? 76  SER 1 CA 1 
ATOM 10  C CA . ILE A 1 10  ? 8.586   3.720   -12.063 1.00 30.00 ? 77  ILE 1 CA 1 
ATOM 11  C CA . GLU A 1 11  ? 11.538  6.015   -12.885 1.00 30.00 ? 78  GLU 1 CA 1 
ATOM 12  C CA . SER A 1 12  ? 9.418   9.098   -13.392 1.00 30.00 ? 79  SER 1 CA 1 
ATOM 13  C CA . PHE A 1 13  ? 7.593   8.322   -10.159 1.00 30.00 ? 80  PHE 1 CA 1 
ATOM 14  C CA . PHE A 1 14  ? 10.821  8.363   -8.164  1.00 30.00 ? 81  PHE 1 CA 1 
ATOM 15  C CA . ALA A 1 15  ? 12.716  10.873  -10.335 1.00 30.00 ? 82  ALA 1 CA 1 
ATOM 16  C CA . ARG A 1 16  ? 13.016  13.351  -7.490  1.00 30.00 ? 83  ARG 1 CA 1 
ATOM 17  C CA . GLY A 1 17  ? 15.426  14.094  -4.660  1.00 30.00 ? 84  GLY 1 CA 1 
ATOM 18  C CA . ALA A 1 18  ? 13.802  13.540  -1.269  1.00 30.00 ? 85  ALA 1 CA 1 
ATOM 19  C CA . CYS A 1 19  ? 14.985  14.605  2.193   1.00 30.00 ? 86  CYS 1 CA 1 
ATOM 20  C CA . VAL A 1 20  ? 15.995  11.428  3.993   1.00 30.00 ? 87  VAL 1 CA 1 
ATOM 21  C CA . THR A 1 21  ? 17.708  13.171  6.930   1.00 30.00 ? 88  THR 1 CA 1 
ATOM 22  C CA . ILE A 1 22  ? 19.017  16.333  8.588   1.00 30.00 ? 89  ILE 1 CA 1 
ATOM 23  C CA . MET A 1 23  ? 22.468  16.159  10.207  1.00 30.00 ? 90  MET 1 CA 1 
ATOM 24  C CA . THR A 1 24  ? 23.692  18.701  12.759  1.00 30.00 ? 91  THR 1 CA 1 
ATOM 25  C CA . VAL A 1 25  ? 27.266  19.647  13.372  1.00 30.00 ? 92  VAL 1 CA 1 
ATOM 26  C CA . ASP A 1 26  ? 29.104  22.618  14.811  1.00 30.00 ? 93  ASP 1 CA 1 
ATOM 27  C CA . ASN A 1 27  ? 32.346  24.450  15.385  1.00 30.00 ? 94  ASN 1 CA 1 
ATOM 28  C CA . PRO A 1 28  ? 32.702  25.918  18.901  1.00 30.00 ? 95  PRO 1 CA 1 
ATOM 29  C CA . ALA A 1 29  ? 35.163  28.230  20.700  1.00 30.00 ? 96  ALA 1 CA 1 
ATOM 30  C CA . SER A 1 30  ? 38.307  26.238  21.710  1.00 30.00 ? 97  SER 1 CA 1 
ATOM 31  C CA . THR A 1 31  ? 37.940  27.402  25.281  1.00 30.00 ? 98  THR 1 CA 1 
ATOM 32  C CA . THR A 1 32  ? 34.564  25.624  25.745  1.00 30.00 ? 99  THR 1 CA 1 
ATOM 33  C CA . ASN A 1 33  ? 34.091  22.923  28.409  1.00 30.00 ? 100 ASN 1 CA 1 
ATOM 34  C CA . LYS A 1 34  ? 31.756  20.932  25.993  1.00 30.00 ? 101 LYS 1 CA 1 
ATOM 35  C CA . ASP A 1 35  ? 33.073  18.858  22.983  1.00 30.00 ? 102 ASP 1 CA 1 
ATOM 36  C CA . LYS A 1 36  ? 33.087  19.955  19.287  1.00 30.00 ? 103 LYS 1 CA 1 
ATOM 37  C CA . LEU A 1 37  ? 30.022  18.482  17.656  1.00 30.00 ? 104 LEU 1 CA 1 
ATOM 38  C CA . PHE A 1 38  ? 30.325  16.066  14.789  1.00 30.00 ? 105 PHE 1 CA 1 
ATOM 39  C CA . ALA A 1 39  ? 27.483  14.107  13.210  1.00 30.00 ? 106 ALA 1 CA 1 
ATOM 40  C CA . VAL A 1 40  ? 27.082  10.349  12.870  1.00 30.00 ? 107 VAL 1 CA 1 
ATOM 41  C CA . TRP A 1 41  ? 24.037  9.190   10.882  1.00 30.00 ? 108 TRP 1 CA 1 
ATOM 42  C CA . LYS A 1 42  ? 23.042  5.646   10.175  1.00 30.00 ? 109 LYS 1 CA 1 
ATOM 43  C CA . ILE A 1 43  ? 21.992  5.451   6.524   1.00 30.00 ? 110 ILE 1 CA 1 
ATOM 44  C CA . THR A 1 44  ? 18.333  4.675   5.945   1.00 30.00 ? 111 THR 1 CA 1 
ATOM 45  C CA . TYR A 1 45  ? 15.222  5.721   4.033   1.00 30.00 ? 112 TYR 1 CA 1 
ATOM 46  C CA . LYS A 1 46  ? 13.064  5.392   7.130   1.00 30.00 ? 113 LYS 1 CA 1 
ATOM 47  C CA . ASP A 1 47  ? 13.792  8.481   9.220   1.00 30.00 ? 114 ASP 1 CA 1 
ATOM 48  C CA . THR A 1 48  ? 11.470  10.593  7.104   1.00 30.00 ? 115 THR 1 CA 1 
ATOM 49  C CA . VAL A 1 49  ? 8.025   9.511   5.826   1.00 30.00 ? 116 VAL 1 CA 1 
ATOM 50  C CA . GLN A 1 50  ? 7.479   10.521  2.206   1.00 30.00 ? 117 GLN 1 CA 1 
ATOM 51  C CA . LEU A 1 51  ? 10.135  8.630   0.224   1.00 30.00 ? 118 LEU 1 CA 1 
ATOM 52  C CA . ARG A 1 52  ? 9.437   5.677   2.560   1.00 30.00 ? 119 ARG 1 CA 1 
ATOM 53  C CA . ARG A 1 53  ? 5.712   5.501   1.719   1.00 30.00 ? 120 ARG 1 CA 1 
ATOM 54  C CA . LYS A 1 54  ? 6.517   5.672   -1.991  1.00 30.00 ? 121 LYS 1 CA 1 
ATOM 55  C CA . LEU A 1 55  ? 9.124   2.884   -1.868  1.00 30.00 ? 122 LEU 1 CA 1 
ATOM 56  C CA . GLU A 1 56  ? 6.820   0.736   0.225   1.00 30.00 ? 123 GLU 1 CA 1 
ATOM 57  C CA . PHE A 1 57  ? 4.348   0.476   -2.650  1.00 30.00 ? 124 PHE 1 CA 1 
ATOM 58  C CA . PHE A 1 58  ? 6.739   -2.366  -3.468  1.00 30.00 ? 125 PHE 1 CA 1 
ATOM 59  C CA . THR A 1 59  ? 8.272   -5.362  -1.658  1.00 30.00 ? 126 THR 1 CA 1 
ATOM 60  C CA . TYR A 1 60  ? 11.621  -5.511  -3.404  1.00 30.00 ? 127 TYR 1 CA 1 
ATOM 61  C CA . SER A 1 61  ? 13.620  -2.874  -5.271  1.00 30.00 ? 128 SER 1 CA 1 
ATOM 62  C CA . ARG A 1 62  ? 16.813  -2.448  -7.209  1.00 30.00 ? 129 ARG 1 CA 1 
ATOM 63  C CA . PHE A 1 63  ? 18.475  0.897   -7.963  1.00 30.00 ? 130 PHE 1 CA 1 
ATOM 64  C CA . ASP A 1 64  ? 21.579  3.015   -8.378  1.00 30.00 ? 131 ASP 1 CA 1 
ATOM 65  C CA . MET A 1 65  ? 21.401  5.890   -5.925  1.00 30.00 ? 132 MET 1 CA 1 
ATOM 66  C CA . GLU A 1 66  ? 22.069  9.633   -6.023  1.00 30.00 ? 133 GLU 1 CA 1 
ATOM 67  C CA . LEU A 1 67  ? 22.809  11.638  -2.893  1.00 30.00 ? 134 LEU 1 CA 1 
ATOM 68  C CA . THR A 1 68  ? 22.749  15.432  -2.824  1.00 30.00 ? 135 THR 1 CA 1 
ATOM 69  C CA . PHE A 1 69  ? 23.836  17.528  0.126   1.00 30.00 ? 136 PHE 1 CA 1 
ATOM 70  C CA . VAL A 1 70  ? 22.438  20.900  1.125   1.00 30.00 ? 137 VAL 1 CA 1 
ATOM 71  C CA . VAL A 1 71  ? 24.495  22.646  3.747   1.00 30.00 ? 138 VAL 1 CA 1 
ATOM 72  C CA . THR A 1 72  ? 23.356  25.662  5.716   1.00 30.00 ? 139 THR 1 CA 1 
ATOM 73  C CA . ALA A 1 73  ? 24.968  27.457  8.650   1.00 30.00 ? 140 ALA 1 CA 1 
ATOM 74  C CA . ASN A 1 74  ? 24.228  30.132  11.220  1.00 30.00 ? 141 ASN 1 CA 1 
ATOM 75  C CA . PHE A 1 75  ? 25.262  32.047  14.290  1.00 30.00 ? 142 PHE 1 CA 1 
ATOM 76  C CA . THR A 1 76  ? 24.304  30.767  17.733  1.00 30.00 ? 143 THR 1 CA 1 
ATOM 77  C CA . GLU A 1 77  ? 25.161  33.653  20.088  1.00 30.00 ? 144 GLU 1 CA 1 
ATOM 78  C CA . THR A 1 78  ? 24.570  37.458  20.161  1.00 30.00 ? 145 THR 1 CA 1 
ATOM 79  C CA . ASN A 1 79  ? 28.318  37.786  20.024  1.00 30.00 ? 146 ASN 1 CA 1 
ATOM 80  C CA . ASN A 1 80  ? 28.742  40.090  17.015  1.00 30.00 ? 147 ASN 1 CA 1 
ATOM 81  C CA . GLY A 1 81  ? 32.082  38.396  16.181  1.00 30.00 ? 148 GLY 1 CA 1 
ATOM 82  C CA . HIS A 1 82  ? 32.706  36.369  12.949  1.00 30.00 ? 149 HIS 1 CA 1 
ATOM 83  C CA . ALA A 1 83  ? 33.934  33.231  11.209  1.00 30.00 ? 150 ALA 1 CA 1 
ATOM 84  C CA . LEU A 1 84  ? 35.809  32.468  7.999   1.00 30.00 ? 151 LEU 1 CA 1 
ATOM 85  C CA . ASN A 1 85  ? 34.265  30.135  5.423   1.00 30.00 ? 152 ASN 1 CA 1 
ATOM 86  C CA . GLN A 1 86  ? 33.711  26.582  6.525   1.00 30.00 ? 153 GLN 1 CA 1 
ATOM 87  C CA . VAL A 1 87  ? 34.801  23.395  4.916   1.00 30.00 ? 154 VAL 1 CA 1 
ATOM 88  C CA . TYR A 1 88  ? 32.869  20.231  5.682   1.00 30.00 ? 155 TYR 1 CA 1 
ATOM 89  C CA . GLN A 1 89  ? 33.998  16.629  5.532   1.00 30.00 ? 156 GLN 1 CA 1 
ATOM 90  C CA . ILE A 1 90  ? 31.370  14.026  4.710   1.00 30.00 ? 157 ILE 1 CA 1 
ATOM 91  C CA . MET A 1 91  ? 32.866  10.618  5.334   1.00 30.00 ? 158 MET 1 CA 1 
ATOM 92  C CA . TYR A 1 92  ? 31.201  7.337   4.500   1.00 30.00 ? 159 TYR 1 CA 1 
ATOM 93  C CA . VAL A 1 93  ? 31.985  4.671   7.119   1.00 30.00 ? 160 VAL 1 CA 1 
ATOM 94  C CA . PRO A 1 94  ? 31.046  1.223   5.756   1.00 30.00 ? 161 PRO 1 CA 1 
ATOM 95  C CA . PRO A 1 95  ? 30.038  -1.599  8.143   1.00 30.00 ? 162 PRO 1 CA 1 
ATOM 96  C CA . GLY A 1 96  ? 33.290  -2.763  9.677   1.00 30.00 ? 163 GLY 1 CA 1 
ATOM 97  C CA . ALA A 1 97  ? 35.346  0.364   9.449   1.00 30.00 ? 164 ALA 1 CA 1 
ATOM 98  C CA . PRO A 1 98  ? 36.434  2.485   12.455  1.00 30.00 ? 165 PRO 1 CA 1 
ATOM 99  C CA . VAL A 1 99  ? 33.695  4.911   13.492  1.00 30.00 ? 166 VAL 1 CA 1 
ATOM 100 C CA . PRO A 1 100 ? 34.965  8.332   14.534  1.00 30.00 ? 167 PRO 1 CA 1 
ATOM 101 C CA . GLU A 1 101 ? 34.864  9.221   18.192  1.00 30.00 ? 168 GLU 1 CA 1 
ATOM 102 C CA . LYS A 1 102 ? 36.131  12.760  17.789  1.00 30.00 ? 169 LYS 1 CA 1 
ATOM 103 C CA . TRP A 1 103 ? 36.044  15.619  15.259  1.00 30.00 ? 170 TRP 1 CA 1 
ATOM 104 C CA . ASP A 1 104 ? 39.813  15.288  15.622  1.00 30.00 ? 171 ASP 1 CA 1 
ATOM 105 C CA . ASP A 1 105 ? 40.760  11.647  15.292  1.00 30.00 ? 172 ASP 1 CA 1 
ATOM 106 C CA . TYR A 1 106 ? 42.675  9.376   12.928  1.00 30.00 ? 173 TYR 1 CA 1 
ATOM 107 C CA . THR A 1 107 ? 39.593  7.915   11.268  1.00 30.00 ? 174 THR 1 CA 1 
ATOM 108 C CA . TRP A 1 108 ? 39.217  11.150  9.291   1.00 30.00 ? 175 TRP 1 CA 1 
ATOM 109 C CA . GLN A 1 109 ? 42.493  10.416  7.436   1.00 30.00 ? 176 GLN 1 CA 1 
ATOM 110 C CA . THR A 1 110 ? 40.063  8.516   5.208   1.00 30.00 ? 177 THR 1 CA 1 
ATOM 111 C CA . SER A 1 111 ? 42.638  6.490   3.294   1.00 30.00 ? 178 SER 1 CA 1 
ATOM 112 C CA . SER A 1 112 ? 40.241  3.868   2.002   1.00 30.00 ? 179 SER 1 CA 1 
ATOM 113 C CA . ASN A 1 113 ? 36.812  5.261   2.861   1.00 30.00 ? 180 ASN 1 CA 1 
ATOM 114 C CA . PRO A 1 114 ? 35.084  7.716   0.482   1.00 30.00 ? 181 PRO 1 CA 1 
ATOM 115 C CA . SER A 1 115 ? 35.025  11.284  1.701   1.00 30.00 ? 182 SER 1 CA 1 
ATOM 116 C CA . ILE A 1 116 ? 33.481  14.486  0.383   1.00 30.00 ? 183 ILE 1 CA 1 
ATOM 117 C CA . PHE A 1 117 ? 35.136  17.765  1.185   1.00 30.00 ? 184 PHE 1 CA 1 
ATOM 118 C CA . TYR A 1 118 ? 32.524  20.428  0.799   1.00 30.00 ? 185 TYR 1 CA 1 
ATOM 119 C CA . THR A 1 119 ? 33.132  24.145  0.653   1.00 30.00 ? 186 THR 1 CA 1 
ATOM 120 C CA . TYR A 1 120 ? 30.420  26.290  2.214   1.00 30.00 ? 187 TYR 1 CA 1 
ATOM 121 C CA . GLY A 1 121 ? 28.575  28.570  -0.178  1.00 30.00 ? 188 GLY 1 CA 1 
ATOM 122 C CA . THR A 1 122 ? 29.199  26.424  -3.212  1.00 30.00 ? 189 THR 1 CA 1 
ATOM 123 C CA . ALA A 1 123 ? 26.695  24.399  -5.272  1.00 30.00 ? 190 ALA 1 CA 1 
ATOM 124 C CA . PRO A 1 124 ? 25.269  21.557  -3.162  1.00 30.00 ? 191 PRO 1 CA 1 
ATOM 125 C CA . ALA A 1 125 ? 27.501  18.489  -3.100  1.00 30.00 ? 192 ALA 1 CA 1 
ATOM 126 C CA . ARG A 1 126 ? 26.576  15.366  -5.053  1.00 30.00 ? 193 ARG 1 CA 1 
ATOM 127 C CA . ILE A 1 127 ? 27.633  11.775  -5.639  1.00 30.00 ? 194 ILE 1 CA 1 
ATOM 128 C CA . SER A 1 128 ? 26.318  8.520   -7.110  1.00 30.00 ? 195 SER 1 CA 1 
ATOM 129 C CA . VAL A 1 129 ? 26.363  5.088   -5.471  1.00 30.00 ? 196 VAL 1 CA 1 
ATOM 130 C CA . PRO A 1 130 ? 25.813  1.798   -7.383  1.00 30.00 ? 197 PRO 1 CA 1 
ATOM 131 C CA . TYR A 1 131 ? 23.328  -0.886  -6.298  1.00 30.00 ? 198 TYR 1 CA 1 
ATOM 132 C CA . VAL A 1 132 ? 25.270  -2.011  -3.232  1.00 30.00 ? 199 VAL 1 CA 1 
ATOM 133 C CA . GLY A 1 133 ? 23.027  -4.776  -1.942  1.00 30.00 ? 200 GLY 1 CA 1 
ATOM 134 C CA . ILE A 1 134 ? 24.451  -8.130  -0.806  1.00 30.00 ? 201 ILE 1 CA 1 
ATOM 135 C CA . SER A 1 135 ? 21.220  -9.754  -2.021  1.00 30.00 ? 202 SER 1 CA 1 
ATOM 136 C CA . ASN A 1 136 ? 19.825  -9.682  -5.593  1.00 30.00 ? 203 ASN 1 CA 1 
ATOM 137 C CA . ALA A 1 137 ? 17.518  -6.881  -4.569  1.00 30.00 ? 204 ALA 1 CA 1 
ATOM 138 C CA . TYR A 1 138 ? 16.941  -4.440  -1.716  1.00 30.00 ? 205 TYR 1 CA 1 
ATOM 139 C CA . SER A 1 139 ? 14.288  -5.853  0.543   1.00 30.00 ? 206 SER 1 CA 1 
ATOM 140 C CA . HIS A 1 140 ? 11.655  -3.348  1.748   1.00 30.00 ? 207 HIS 1 CA 1 
ATOM 141 C CA . PHE A 1 141 ? 6.022   -4.355  2.579   1.00 30.00 ? 208 PHE 1 CA 1 
ATOM 142 C CA . TYR A 1 142 ? 7.519   -7.392  4.332   1.00 30.00 ? 209 TYR 1 CA 1 
ATOM 143 C CA . ASP A 1 143 ? 5.065   -9.759  5.968   1.00 30.00 ? 210 ASP 1 CA 1 
ATOM 144 C CA . GLY A 1 144 ? 7.673   -11.392 8.077   1.00 30.00 ? 211 GLY 1 CA 1 
ATOM 145 C CA . PHE A 1 145 ? 10.485  -11.363 10.555  1.00 30.00 ? 212 PHE 1 CA 1 
ATOM 146 C CA . SER A 1 146 ? 14.175  -10.657 10.734  1.00 30.00 ? 213 SER 1 CA 1 
ATOM 147 C CA . LYS A 1 147 ? 14.678  -13.774 12.720  1.00 30.00 ? 214 LYS 1 CA 1 
ATOM 148 C CA . VAL A 1 148 ? 12.981  -16.959 13.832  1.00 30.00 ? 215 VAL 1 CA 1 
ATOM 149 C CA . PRO A 1 149 ? 12.384  -17.789 17.501  1.00 30.00 ? 216 PRO 1 CA 1 
ATOM 150 C CA . LEU A 1 150 ? 13.942  -21.141 18.321  1.00 30.00 ? 217 LEU 1 CA 1 
ATOM 151 C CA . LYS A 1 151 ? 12.252  -23.261 20.977  1.00 30.00 ? 218 LYS 1 CA 1 
ATOM 152 C CA . ASP A 1 152 ? 15.709  -24.259 22.173  1.00 30.00 ? 219 ASP 1 CA 1 
ATOM 153 C CA . GLN A 1 153 ? 17.369  -20.845 22.584  1.00 30.00 ? 220 GLN 1 CA 1 
ATOM 154 C CA . SER A 1 154 ? 15.884  -18.301 25.059  1.00 30.00 ? 221 SER 1 CA 1 
ATOM 155 C CA . ALA A 1 155 ? 12.781  -16.208 24.345  1.00 30.00 ? 222 ALA 1 CA 1 
ATOM 156 C CA . ALA A 1 156 ? 14.585  -12.840 24.273  1.00 30.00 ? 223 ALA 1 CA 1 
ATOM 157 C CA . LEU A 1 157 ? 17.218  -13.847 21.719  1.00 30.00 ? 224 LEU 1 CA 1 
ATOM 158 C CA . GLY A 1 158 ? 14.741  -15.177 19.264  1.00 30.00 ? 225 GLY 1 CA 1 
ATOM 159 C CA . ASP A 1 159 ? 12.786  -11.952 19.215  1.00 30.00 ? 226 ASP 1 CA 1 
ATOM 160 C CA . SER A 1 160 ? 12.418  -9.267  16.559  1.00 30.00 ? 227 SER 1 CA 1 
ATOM 161 C CA . LEU A 1 161 ? 10.138  -6.572  15.101  1.00 30.00 ? 228 LEU 1 CA 1 
ATOM 162 C CA . TYR A 1 162 ? 7.246   -7.408  12.822  1.00 30.00 ? 229 TYR 1 CA 1 
ATOM 163 C CA . GLY A 1 163 ? 7.619   -6.313  9.217   1.00 30.00 ? 230 GLY 1 CA 1 
ATOM 164 C CA . ALA A 1 164 ? 11.257  -5.334  9.552   1.00 30.00 ? 231 ALA 1 CA 1 
ATOM 165 C CA . ALA A 1 165 ? 14.219  -6.805  7.634   1.00 30.00 ? 232 ALA 1 CA 1 
ATOM 166 C CA . SER A 1 166 ? 17.705  -5.354  8.411   1.00 30.00 ? 233 SER 1 CA 1 
ATOM 167 C CA . LEU A 1 167 ? 22.591  -4.994  12.640  1.00 30.00 ? 234 LEU 1 CA 1 
ATOM 168 C CA . ASN A 1 168 ? 24.343  -2.858  10.066  1.00 30.00 ? 235 ASN 1 CA 1 
ATOM 169 C CA . ASP A 1 169 ? 23.104  -2.883  6.446   1.00 30.00 ? 236 ASP 1 CA 1 
ATOM 170 C CA . PHE A 1 170 ? 24.739  0.128   4.831   1.00 30.00 ? 237 PHE 1 CA 1 
ATOM 171 C CA . GLY A 1 171 ? 27.028  1.653   7.406   1.00 30.00 ? 238 GLY 1 CA 1 
ATOM 172 C CA . ILE A 1 172 ? 27.048  5.352   8.290   1.00 30.00 ? 239 ILE 1 CA 1 
ATOM 173 C CA . LEU A 1 173 ? 27.672  8.941   7.293   1.00 30.00 ? 240 LEU 1 CA 1 
ATOM 174 C CA . ALA A 1 174 ? 30.050  10.798  9.548   1.00 30.00 ? 241 ALA 1 CA 1 
ATOM 175 C CA . VAL A 1 175 ? 30.189  14.603  9.180   1.00 30.00 ? 242 VAL 1 CA 1 
ATOM 176 C CA . ARG A 1 176 ? 32.446  17.289  10.603  1.00 30.00 ? 243 ARG 1 CA 1 
ATOM 177 C CA . VAL A 1 177 ? 33.545  20.913  10.278  1.00 30.00 ? 244 VAL 1 CA 1 
ATOM 178 C CA . VAL A 1 178 ? 37.197  20.568  9.200   1.00 30.00 ? 245 VAL 1 CA 1 
ATOM 179 C CA . ASN A 1 179 ? 38.000  24.093  10.361  1.00 30.00 ? 246 ASN 1 CA 1 
ATOM 180 C CA . ASP A 1 180 ? 39.494  24.562  13.803  1.00 30.00 ? 247 ASP 1 CA 1 
ATOM 181 C CA . HIS A 1 181 ? 37.635  25.918  16.807  1.00 30.00 ? 248 HIS 1 CA 1 
ATOM 182 C CA . ASN A 1 182 ? 36.613  29.511  16.268  1.00 30.00 ? 249 ASN 1 CA 1 
ATOM 183 C CA . PRO A 1 183 ? 36.175  32.198  19.020  1.00 30.00 ? 250 PRO 1 CA 1 
ATOM 184 C CA . THR A 1 184 ? 32.633  32.836  17.972  1.00 30.00 ? 251 THR 1 CA 1 
ATOM 185 C CA . LYS A 1 185 ? 30.509  29.736  17.425  1.00 30.00 ? 252 LYS 1 CA 1 
ATOM 186 C CA . VAL A 1 186 ? 28.766  28.539  14.299  1.00 30.00 ? 253 VAL 1 CA 1 
ATOM 187 C CA . THR A 1 187 ? 26.198  25.779  14.010  1.00 30.00 ? 254 THR 1 CA 1 
ATOM 188 C CA . SER A 1 188 ? 25.607  24.001  10.720  1.00 30.00 ? 255 SER 1 CA 1 
ATOM 189 C CA . LYS A 1 189 ? 23.112  21.656  9.173   1.00 30.00 ? 256 LYS 1 CA 1 
ATOM 190 C CA . ILE A 1 190 ? 23.398  19.092  6.443   1.00 30.00 ? 257 ILE 1 CA 1 
ATOM 191 C CA . ARG A 1 191 ? 20.353  18.007  4.539   1.00 30.00 ? 258 ARG 1 CA 1 
ATOM 192 C CA . VAL A 1 192 ? 20.596  14.732  2.698   1.00 30.00 ? 259 VAL 1 CA 1 
ATOM 193 C CA . TYR A 1 193 ? 18.450  14.374  -0.374  1.00 30.00 ? 260 TYR 1 CA 1 
ATOM 194 C CA . LEU A 1 194 ? 18.015  10.935  -1.929  1.00 30.00 ? 261 LEU 1 CA 1 
ATOM 195 C CA . LYS A 1 195 ? 17.023  9.989   -5.418  1.00 30.00 ? 262 LYS 1 CA 1 
ATOM 196 C CA . PRO A 1 196 ? 16.767  6.488   -6.829  1.00 30.00 ? 263 PRO 1 CA 1 
ATOM 197 C CA . LYS A 1 197 ? 18.106  6.184   -10.385 1.00 30.00 ? 264 LYS 1 CA 1 
ATOM 198 C CA . HIS A 1 198 ? 18.009  3.262   -12.841 1.00 30.00 ? 265 HIS 1 CA 1 
ATOM 199 C CA . ILE A 1 199 ? 15.270  1.644   -10.738 1.00 30.00 ? 266 ILE 1 CA 1 
ATOM 200 C CA . ARG A 1 200 ? 13.391  -1.616  -10.794 1.00 30.00 ? 267 ARG 1 CA 1 
ATOM 201 C CA . VAL A 1 201 ? 10.650  -2.797  -8.486  1.00 30.00 ? 268 VAL 1 CA 1 
ATOM 202 C CA . TRP A 1 202 ? 8.874   -6.054  -7.737  1.00 30.00 ? 269 TRP 1 CA 1 
ATOM 203 C CA . CYS A 1 203 ? 5.864   -7.420  -5.805  1.00 30.00 ? 270 CYS 1 CA 1 
ATOM 204 C CA . PRO A 1 204 ? 3.446   -4.531  -5.223  1.00 30.00 ? 271 PRO 1 CA 1 
ATOM 205 C CA . ARG A 1 205 ? 1.765   -3.584  -1.964  1.00 30.00 ? 272 ARG 1 CA 1 
ATOM 206 C CA . PRO A 1 206 ? -0.986  -1.287  -0.680  1.00 30.00 ? 273 PRO 1 CA 1 
ATOM 207 C CA . PRO A 1 207 ? 0.156   2.114   0.572   1.00 30.00 ? 274 PRO 1 CA 1 
ATOM 208 C CA . ARG A 1 208 ? 0.645   2.807   4.291   1.00 30.00 ? 275 ARG 1 CA 1 
ATOM 209 C CA . ALA A 1 209 ? -2.753  3.882   5.581   1.00 30.00 ? 276 ALA 1 CA 1 
ATOM 210 C CA . VAL A 1 210 ? -1.918  4.736   9.169   1.00 30.00 ? 277 VAL 1 CA 1 
ATOM 211 C CA . ALA A 1 211 ? 0.965   6.676   10.733  1.00 30.00 ? 278 ALA 1 CA 1 
ATOM 212 C CA . TYR A 1 212 ? 4.325   5.030   10.736  1.00 30.00 ? 279 TYR 1 CA 1 
ATOM 213 C CA . TYR A 1 213 ? 5.595   3.875   14.131  1.00 30.00 ? 280 TYR 1 CA 1 
ATOM 214 C CA . GLY A 1 214 ? 9.222   3.032   13.915  1.00 30.00 ? 281 GLY 1 CA 1 
ATOM 215 C CA . PRO A 1 215 ? 11.311  1.105   11.326  1.00 30.00 ? 282 PRO 1 CA 1 
ATOM 216 C CA . GLY A 1 216 ? 8.856   -1.746  11.177  1.00 30.00 ? 283 GLY 1 CA 1 
ATOM 217 C CA . VAL A 1 217 ? 5.209   -2.222  10.238  1.00 30.00 ? 284 VAL 1 CA 1 
ATOM 218 C CA . ASP A 1 218 ? 3.989   -1.436  13.741  1.00 30.00 ? 285 ASP 1 CA 1 
ATOM 219 C CA . TYR A 1 219 ? 1.170   0.869   14.562  1.00 30.00 ? 286 TYR 1 CA 1 
ATOM 220 C CA . LYS A 1 220 ? 0.252   2.971   17.515  1.00 30.00 ? 287 LYS 1 CA 1 
ATOM 221 C CA . ASP A 1 221 ? -2.942  3.043   19.525  1.00 30.00 ? 288 ASP 1 CA 1 
ATOM 222 C CA . GLY A 1 222 ? -5.037  6.085   18.681  1.00 30.00 ? 289 GLY 1 CA 1 
ATOM 223 C CA . THR A 1 223 ? -3.721  6.425   15.087  1.00 30.00 ? 290 THR 1 CA 1 
ATOM 224 C CA . LEU A 1 224 ? -7.338  7.351   12.704  1.00 30.00 ? 291 LEU 1 CA 1 
ATOM 225 C CA . THR A 1 225 ? -10.366 9.163   11.265  1.00 30.00 ? 292 THR 1 CA 1 
ATOM 226 C CA . PRO A 1 226 ? -9.322  10.889  8.026   1.00 30.00 ? 293 PRO 1 CA 1 
ATOM 227 C CA . LEU A 1 227 ? -12.634 10.937  6.231   1.00 30.00 ? 294 LEU 1 CA 1 
ATOM 228 C CA . SER A 1 228 ? -15.112 13.722  6.330   1.00 30.00 ? 295 SER 1 CA 1 
ATOM 229 C CA . THR A 1 229 ? -18.905 13.696  6.926   1.00 30.00 ? 296 THR 1 CA 1 
ATOM 230 C CA . LYS A 1 230 ? -21.059 13.621  3.782   1.00 30.00 ? 297 LYS 1 CA 1 
ATOM 231 C CA . ASP A 1 231 ? -24.551 12.196  3.450   1.00 30.00 ? 298 ASP 1 CA 1 
ATOM 232 C CA . LEU A 1 232 ? -25.383 9.448   0.981   1.00 30.00 ? 299 LEU 1 CA 1 
ATOM 233 C CA . THR A 1 233 ? -28.079 11.224  -1.045  1.00 30.00 ? 300 THR 1 CA 1 
ATOM 234 C CA . THR A 1 234 ? -26.379 14.614  -1.154  1.00 30.00 ? 301 THR 1 CA 1 
ATOM 235 C CA . TYR A 1 235 ? -24.407 15.860  -4.171  1.00 30.00 ? 302 TYR 1 CA 1 
ATOM 236 C CA . LEU B 2 1   ? -26.745 -7.609  -24.562 1.00 30.00 ? 83  LEU 2 CA 1 
ATOM 237 C CA . GLN B 2 2   ? -26.771 -3.785  -24.470 1.00 30.00 ? 84  GLN 2 CA 1 
ATOM 238 C CA . LEU B 2 3   ? -29.837 -2.073  -26.153 1.00 30.00 ? 85  LEU 2 CA 1 
ATOM 239 C CA . THR B 2 4   ? -28.809 1.623   -26.716 1.00 30.00 ? 86  THR 2 CA 1 
ATOM 240 C CA . LEU B 2 5   ? -30.347 4.871   -28.184 1.00 30.00 ? 87  LEU 2 CA 1 
ATOM 241 C CA . GLY B 2 6   ? -28.455 8.192   -27.803 1.00 30.00 ? 88  GLY 2 CA 1 
ATOM 242 C CA . ASN B 2 7   ? -27.357 8.442   -24.099 1.00 30.00 ? 89  ASN 2 CA 1 
ATOM 243 C CA . SER B 2 8   ? -30.089 5.995   -23.051 1.00 30.00 ? 90  SER 2 CA 1 
ATOM 244 C CA . THR B 2 9   ? -29.295 2.226   -22.751 1.00 30.00 ? 91  THR 2 CA 1 
ATOM 245 C CA . ILE B 2 10  ? -31.023 -1.043  -21.738 1.00 30.00 ? 92  ILE 2 CA 1 
ATOM 246 C CA . THR B 2 11  ? -28.764 -3.950  -20.433 1.00 30.00 ? 93  THR 2 CA 1 
ATOM 247 C CA . THR B 2 12  ? -30.611 -7.158  -21.692 1.00 30.00 ? 94  THR 2 CA 1 
ATOM 248 C CA . GLN B 2 13  ? -29.987 -10.952 -21.610 1.00 30.00 ? 95  GLN 2 CA 1 
ATOM 249 C CA . GLU B 2 14  ? -33.679 -11.407 -22.281 1.00 30.00 ? 96  GLU 2 CA 1 
ATOM 250 C CA . GLY C 3 1   ? 46.228  23.808  -21.833 1.00 30.00 ? 1   GLY 3 CA 1 
ATOM 251 C CA . LEU C 3 2   ? 43.048  23.708  -24.039 1.00 30.00 ? 2   LEU 3 CA 1 
ATOM 252 C CA . PRO C 3 3   ? 41.536  27.188  -23.856 1.00 30.00 ? 3   PRO 3 CA 1 
ATOM 253 C CA . VAL C 3 4   ? 38.156  27.164  -22.107 1.00 30.00 ? 4   VAL 3 CA 1 
ATOM 254 C CA . MET C 3 5   ? 35.556  29.638  -20.886 1.00 30.00 ? 5   MET 3 CA 1 
ATOM 255 C CA . ASN C 3 6   ? 33.157  29.105  -18.025 1.00 30.00 ? 6   ASN 3 CA 1 
ATOM 256 C CA . THR C 3 7   ? 29.500  29.661  -18.600 1.00 30.00 ? 7   THR 3 CA 1 
ATOM 257 C CA . PRO C 3 8   ? 26.650  30.552  -16.197 1.00 30.00 ? 8   PRO 3 CA 1 
ATOM 258 C CA . GLY C 3 9   ? 25.560  27.485  -14.233 1.00 30.00 ? 9   GLY 3 CA 1 
ATOM 259 C CA . SER C 3 10  ? 29.156  26.584  -13.417 1.00 30.00 ? 10  SER 3 CA 1 
ATOM 260 C CA . ASN C 3 11  ? 29.759  25.031  -9.982  1.00 30.00 ? 11  ASN 3 CA 1 
ATOM 261 C CA . GLN C 3 12  ? 26.062  24.862  -9.184  1.00 30.00 ? 12  GLN 3 CA 1 
ATOM 262 C CA . TYR C 3 13  ? 19.857  22.552  -7.055  1.00 30.00 ? 13  TYR 3 CA 1 
ATOM 263 C CA . LEU C 3 14  ? 16.654  21.511  -8.690  1.00 30.00 ? 14  LEU 3 CA 1 
ATOM 264 C CA . THR C 3 15  ? 15.307  18.371  -6.975  1.00 30.00 ? 15  THR 3 CA 1 
ATOM 265 C CA . ALA C 3 16  ? 13.779  17.247  -10.293 1.00 30.00 ? 16  ALA 3 CA 1 
ATOM 266 C CA . ASP C 3 17  ? 16.981  17.585  -12.281 1.00 30.00 ? 17  ASP 3 CA 1 
ATOM 267 C CA . ASN C 3 18  ? 18.589  14.804  -14.246 1.00 30.00 ? 18  ASN 3 CA 1 
ATOM 268 C CA . PHE C 3 19  ? 22.371  15.015  -14.402 1.00 30.00 ? 19  PHE 3 CA 1 
ATOM 269 C CA . GLN C 3 20  ? 25.432  12.795  -14.119 1.00 30.00 ? 20  GLN 3 CA 1 
ATOM 270 C CA . SER C 3 21  ? 27.540  12.780  -10.963 1.00 30.00 ? 21  SER 3 CA 1 
ATOM 271 C CA . PRO C 3 22  ? 30.771  11.140  -9.825  1.00 30.00 ? 22  PRO 3 CA 1 
ATOM 272 C CA . CYS C 3 23  ? 30.645  7.633   -8.331  1.00 30.00 ? 23  CYS 3 CA 1 
ATOM 273 C CA . ALA C 3 24  ? 31.716  7.273   -4.676  1.00 30.00 ? 24  ALA 3 CA 1 
ATOM 274 C CA . LEU C 3 25  ? 32.388  3.554   -5.031  1.00 30.00 ? 25  LEU 3 CA 1 
ATOM 275 C CA . PRO C 3 26  ? 34.427  3.130   -8.197  1.00 30.00 ? 26  PRO 3 CA 1 
ATOM 276 C CA . GLU C 3 27  ? 34.743  -0.235  -9.949  1.00 30.00 ? 27  GLU 3 CA 1 
ATOM 277 C CA . PHE C 3 28  ? 32.180  -1.751  -7.585  1.00 30.00 ? 28  PHE 3 CA 1 
ATOM 278 C CA . ASP C 3 29  ? 31.044  -5.114  -8.907  1.00 30.00 ? 29  ASP 3 CA 1 
ATOM 279 C CA . VAL C 3 30  ? 27.279  -5.180  -8.625  1.00 30.00 ? 30  VAL 3 CA 1 
ATOM 280 C CA . THR C 3 31  ? 25.228  -8.224  -7.632  1.00 30.00 ? 31  THR 3 CA 1 
ATOM 281 C CA . PRO C 3 32  ? 23.365  -9.475  -10.704 1.00 30.00 ? 32  PRO 3 CA 1 
ATOM 282 C CA . PRO C 3 33  ? 19.561  -9.368  -11.024 1.00 30.00 ? 33  PRO 3 CA 1 
ATOM 283 C CA . ILE C 3 34  ? 17.439  -12.492 -10.664 1.00 30.00 ? 34  ILE 3 CA 1 
ATOM 284 C CA . ASP C 3 35  ? 14.049  -13.090 -12.257 1.00 30.00 ? 35  ASP 3 CA 1 
ATOM 285 C CA . ILE C 3 36  ? 11.872  -12.165 -9.315  1.00 30.00 ? 36  ILE 3 CA 1 
ATOM 286 C CA . PRO C 3 37  ? 8.181   -12.732 -9.978  1.00 30.00 ? 37  PRO 3 CA 1 
ATOM 287 C CA . GLY C 3 38  ? 5.835   -9.769  -9.924  1.00 30.00 ? 38  GLY 3 CA 1 
ATOM 288 C CA . GLU C 3 39  ? 7.752   -6.882  -11.498 1.00 30.00 ? 39  GLU 3 CA 1 
ATOM 289 C CA . VAL C 3 40  ? 6.007   -3.572  -11.908 1.00 30.00 ? 40  VAL 3 CA 1 
ATOM 290 C CA . LYS C 3 41  ? 6.819   -1.157  -14.700 1.00 30.00 ? 41  LYS 3 CA 1 
ATOM 291 C CA . ASN C 3 42  ? 4.249   1.606   -14.335 1.00 30.00 ? 42  ASN 3 CA 1 
ATOM 292 C CA . MET C 3 43  ? 2.174   2.958   -11.428 1.00 30.00 ? 43  MET 3 CA 1 
ATOM 293 C CA . MET C 3 44  ? -0.830  2.830   -13.754 1.00 30.00 ? 44  MET 3 CA 1 
ATOM 294 C CA . GLU C 3 45  ? -0.477  -0.956  -13.824 1.00 30.00 ? 45  GLU 3 CA 1 
ATOM 295 C CA . LEU C 3 46  ? -1.380  -0.833  -10.187 1.00 30.00 ? 46  LEU 3 CA 1 
ATOM 296 C CA . ALA C 3 47  ? -4.259  1.579   -10.656 1.00 30.00 ? 47  ALA 3 CA 1 
ATOM 297 C CA . GLU C 3 48  ? -5.771  -0.961  -13.003 1.00 30.00 ? 48  GLU 3 CA 1 
ATOM 298 C CA . ILE C 3 49  ? -6.033  -3.569  -10.246 1.00 30.00 ? 49  ILE 3 CA 1 
ATOM 299 C CA . ASP C 3 50  ? -10.896 -0.106  -9.753  1.00 30.00 ? 50  ASP 3 CA 1 
ATOM 300 C CA . THR C 3 51  ? -10.982 0.833   -6.070  1.00 30.00 ? 51  THR 3 CA 1 
ATOM 301 C CA . MET C 3 52  ? -13.958 0.835   -3.710  1.00 30.00 ? 52  MET 3 CA 1 
ATOM 302 C CA . ILE C 3 53  ? -16.075 3.922   -3.031  1.00 30.00 ? 53  ILE 3 CA 1 
ATOM 303 C CA . PRO C 3 54  ? -16.772 5.218   0.490   1.00 30.00 ? 54  PRO 3 CA 1 
ATOM 304 C CA . PHE C 3 55  ? -20.390 6.156   -0.417  1.00 30.00 ? 55  PHE 3 CA 1 
ATOM 305 C CA . ASP C 3 56  ? -21.974 6.478   2.973   1.00 30.00 ? 56  ASP 3 CA 1 
ATOM 306 C CA . LEU C 3 57  ? -19.772 9.053   4.683   1.00 30.00 ? 57  LEU 3 CA 1 
ATOM 307 C CA . SER C 3 58  ? -22.578 9.609   7.154   1.00 30.00 ? 58  SER 3 CA 1 
ATOM 308 C CA . ALA C 3 59  ? -21.679 10.905  10.619  1.00 30.00 ? 59  ALA 3 CA 1 
ATOM 309 C CA . THR C 3 60  ? -21.999 7.637   12.425  1.00 30.00 ? 60  THR 3 CA 1 
ATOM 310 C CA . LYS C 3 61  ? -20.571 5.371   9.772   1.00 30.00 ? 61  LYS 3 CA 1 
ATOM 311 C CA . LYS C 3 62  ? -17.732 7.297   8.196   1.00 30.00 ? 62  LYS 3 CA 1 
ATOM 312 C CA . ASN C 3 63  ? -14.215 6.112   9.064   1.00 30.00 ? 63  ASN 3 CA 1 
ATOM 313 C CA . THR C 3 64  ? -15.558 2.616   9.570   1.00 30.00 ? 64  THR 3 CA 1 
ATOM 314 C CA . MET C 3 65  ? -15.951 -0.490  7.318   1.00 30.00 ? 65  MET 3 CA 1 
ATOM 315 C CA . GLU C 3 66  ? -19.593 0.624   6.846   1.00 30.00 ? 66  GLU 3 CA 1 
ATOM 316 C CA . MET C 3 67  ? -18.928 3.710   4.746   1.00 30.00 ? 67  MET 3 CA 1 
ATOM 317 C CA . TYR C 3 68  ? -18.420 1.291   1.868   1.00 30.00 ? 68  TYR 3 CA 1 
ATOM 318 C CA . ARG C 3 69  ? -21.854 -0.381  1.958   1.00 30.00 ? 69  ARG 3 CA 1 
ATOM 319 C CA . VAL C 3 70  ? -24.922 1.104   0.198   1.00 30.00 ? 70  VAL 3 CA 1 
ATOM 320 C CA . ARG C 3 71  ? -27.989 -0.502  1.714   1.00 30.00 ? 71  ARG 3 CA 1 
ATOM 321 C CA . LEU C 3 72  ? -31.028 -1.557  -0.303  1.00 30.00 ? 72  LEU 3 CA 1 
ATOM 322 C CA . SER C 3 73  ? -34.338 -3.232  0.465   1.00 30.00 ? 73  SER 3 CA 1 
ATOM 323 C CA . ASP C 3 74  ? -37.400 -5.087  -0.780  1.00 30.00 ? 74  ASP 3 CA 1 
ATOM 324 C CA . LYS C 3 75  ? -39.425 -1.992  -0.120  1.00 30.00 ? 75  LYS 3 CA 1 
ATOM 325 C CA . PRO C 3 76  ? -42.115 -0.668  -2.430  1.00 30.00 ? 76  PRO 3 CA 1 
ATOM 326 C CA . HIS C 3 77  ? -41.218 1.216   -5.573  1.00 30.00 ? 77  HIS 3 CA 1 
ATOM 327 C CA . THR C 3 78  ? -40.096 4.757   -5.257  1.00 30.00 ? 78  THR 3 CA 1 
ATOM 328 C CA . ASP C 3 79  ? -38.633 7.374   -7.590  1.00 30.00 ? 79  ASP 3 CA 1 
ATOM 329 C CA . ASP C 3 80  ? -36.337 8.696   -4.941  1.00 30.00 ? 80  ASP 3 CA 1 
ATOM 330 C CA . PRO C 3 81  ? -32.536 8.393   -5.124  1.00 30.00 ? 81  PRO 3 CA 1 
ATOM 331 C CA . ILE C 3 82  ? -30.587 5.452   -3.670  1.00 30.00 ? 82  ILE 3 CA 1 
ATOM 332 C CA . LEU C 3 83  ? -27.471 7.618   -3.826  1.00 30.00 ? 83  LEU 3 CA 1 
ATOM 333 C CA . CYS C 3 84  ? -26.489 11.024  -5.177  1.00 30.00 ? 84  CYS 3 CA 1 
ATOM 334 C CA . LEU C 3 85  ? -22.857 11.812  -6.088  1.00 30.00 ? 85  LEU 3 CA 1 
ATOM 335 C CA . SER C 3 86  ? -20.968 14.650  -7.857  1.00 30.00 ? 86  SER 3 CA 1 
ATOM 336 C CA . LEU C 3 87  ? -18.426 14.121  -10.628 1.00 30.00 ? 87  LEU 3 CA 1 
ATOM 337 C CA . SER C 3 88  ? -15.558 15.785  -8.835  1.00 30.00 ? 88  SER 3 CA 1 
ATOM 338 C CA . PRO C 3 89  ? -13.082 12.906  -8.862  1.00 30.00 ? 89  PRO 3 CA 1 
ATOM 339 C CA . ALA C 3 90  ? -10.457 14.698  -6.794  1.00 30.00 ? 90  ALA 3 CA 1 
ATOM 340 C CA . SER C 3 91  ? -12.553 16.964  -4.600  1.00 30.00 ? 91  SER 3 CA 1 
ATOM 341 C CA . ASP C 3 92  ? -15.743 15.096  -3.705  1.00 30.00 ? 92  ASP 3 CA 1 
ATOM 342 C CA . PRO C 3 93  ? -15.425 13.451  -0.255  1.00 30.00 ? 93  PRO 3 CA 1 
ATOM 343 C CA . ARG C 3 94  ? -16.593 10.106  -1.598  1.00 30.00 ? 94  ARG 3 CA 1 
ATOM 344 C CA . LEU C 3 95  ? -14.287 10.004  -4.612  1.00 30.00 ? 95  LEU 3 CA 1 
ATOM 345 C CA . SER C 3 96  ? -11.285 11.962  -3.345  1.00 30.00 ? 96  SER 3 CA 1 
ATOM 346 C CA . HIS C 3 97  ? -9.712  9.236   -1.244  1.00 30.00 ? 97  HIS 3 CA 1 
ATOM 347 C CA . THR C 3 98  ? -10.062 6.408   -3.728  1.00 30.00 ? 98  THR 3 CA 1 
ATOM 348 C CA . MET C 3 99  ? -6.843  5.379   -5.571  1.00 30.00 ? 99  MET 3 CA 1 
ATOM 349 C CA . LEU C 3 100 ? -7.952  7.466   -8.564  1.00 30.00 ? 100 LEU 3 CA 1 
ATOM 350 C CA . GLY C 3 101 ? -8.770  10.434  -6.370  1.00 30.00 ? 101 GLY 3 CA 1 
ATOM 351 C CA . GLU C 3 102 ? -5.479  10.212  -4.509  1.00 30.00 ? 102 GLU 3 CA 1 
ATOM 352 C CA . ILE C 3 103 ? -3.369  10.217  -7.653  1.00 30.00 ? 103 ILE 3 CA 1 
ATOM 353 C CA . LEU C 3 104 ? -5.511  13.048  -8.998  1.00 30.00 ? 104 LEU 3 CA 1 
ATOM 354 C CA . ASN C 3 105 ? -4.442  15.126  -6.040  1.00 30.00 ? 105 ASN 3 CA 1 
ATOM 355 C CA . TYR C 3 106 ? -0.783  15.065  -6.941  1.00 30.00 ? 106 TYR 3 CA 1 
ATOM 356 C CA . TYR C 3 107 ? -1.882  16.865  -10.118 1.00 30.00 ? 107 TYR 3 CA 1 
ATOM 357 C CA . THR C 3 108 ? -3.737  20.040  -11.130 1.00 30.00 ? 108 THR 3 CA 1 
ATOM 358 C CA . HIS C 3 109 ? -5.615  19.064  -14.268 1.00 30.00 ? 109 HIS 3 CA 1 
ATOM 359 C CA . TRP C 3 110 ? -7.567  15.987  -15.302 1.00 30.00 ? 110 TRP 3 CA 1 
ATOM 360 C CA . ALA C 3 111 ? -9.205  14.704  -18.432 1.00 30.00 ? 111 ALA 3 CA 1 
ATOM 361 C CA . GLY C 3 112 ? -10.850 11.544  -19.599 1.00 30.00 ? 112 GLY 3 CA 1 
ATOM 362 C CA . SER C 3 113 ? -13.642 9.033   -19.182 1.00 30.00 ? 113 SER 3 CA 1 
ATOM 363 C CA . LEU C 3 114 ? -14.452 7.574   -15.793 1.00 30.00 ? 114 LEU 3 CA 1 
ATOM 364 C CA . LYS C 3 115 ? -15.769 4.079   -15.170 1.00 30.00 ? 115 LYS 3 CA 1 
ATOM 365 C CA . PHE C 3 116 ? -18.242 3.172   -12.429 1.00 30.00 ? 116 PHE 3 CA 1 
ATOM 366 C CA . THR C 3 117 ? -18.982 -0.393  -11.397 1.00 30.00 ? 117 THR 3 CA 1 
ATOM 367 C CA . PHE C 3 118 ? -21.643 -1.622  -8.974  1.00 30.00 ? 118 PHE 3 CA 1 
ATOM 368 C CA . LEU C 3 119 ? -21.597 -4.962  -7.203  1.00 30.00 ? 119 LEU 3 CA 1 
ATOM 369 C CA . PHE C 3 120 ? -24.751 -6.522  -5.781  1.00 30.00 ? 120 PHE 3 CA 1 
ATOM 370 C CA . CYS C 3 121 ? -23.908 -8.394  -2.601  1.00 30.00 ? 121 CYS 3 CA 1 
ATOM 371 C CA . GLY C 3 122 ? -27.400 -9.572  -1.729  1.00 30.00 ? 122 GLY 3 CA 1 
ATOM 372 C CA . SER C 3 123 ? -28.687 -13.163 -2.047  1.00 30.00 ? 123 SER 3 CA 1 
ATOM 373 C CA . MET C 3 124 ? -29.270 -15.324 -5.096  1.00 30.00 ? 124 MET 3 CA 1 
ATOM 374 C CA . MET C 3 125 ? -33.008 -15.402 -4.495  1.00 30.00 ? 125 MET 3 CA 1 
ATOM 375 C CA . ALA C 3 126 ? -33.145 -11.620 -4.610  1.00 30.00 ? 126 ALA 3 CA 1 
ATOM 376 C CA . THR C 3 127 ? -34.233 -9.975  -7.845  1.00 30.00 ? 127 THR 3 CA 1 
ATOM 377 C CA . GLY C 3 128 ? -34.576 -6.402  -9.106  1.00 30.00 ? 128 GLY 3 CA 1 
ATOM 378 C CA . LYS C 3 129 ? -33.889 -3.633  -11.580 1.00 30.00 ? 129 LYS 3 CA 1 
ATOM 379 C CA . LEU C 3 130 ? -31.924 -0.475  -10.887 1.00 30.00 ? 130 LEU 3 CA 1 
ATOM 380 C CA . LEU C 3 131 ? -31.297 2.608   -12.951 1.00 30.00 ? 131 LEU 3 CA 1 
ATOM 381 C CA . VAL C 3 132 ? -27.844 4.178   -13.007 1.00 30.00 ? 132 VAL 3 CA 1 
ATOM 382 C CA . SER C 3 133 ? -27.560 7.705   -14.286 1.00 30.00 ? 133 SER 3 CA 1 
ATOM 383 C CA . TYR C 3 134 ? -25.190 10.432  -15.337 1.00 30.00 ? 134 TYR 3 CA 1 
ATOM 384 C CA . ALA C 3 135 ? -26.242 13.994  -15.925 1.00 30.00 ? 135 ALA 3 CA 1 
ATOM 385 C CA . PRO C 3 136 ? -23.905 16.481  -17.564 1.00 30.00 ? 136 PRO 3 CA 1 
ATOM 386 C CA . PRO C 3 137 ? -23.742 19.815  -15.743 1.00 30.00 ? 137 PRO 3 CA 1 
ATOM 387 C CA . GLY C 3 138 ? -25.843 22.973  -16.059 1.00 30.00 ? 138 GLY 3 CA 1 
ATOM 388 C CA . ALA C 3 139 ? -29.211 22.043  -14.644 1.00 30.00 ? 139 ALA 3 CA 1 
ATOM 389 C CA . ASP C 3 140 ? -30.795 21.151  -11.295 1.00 30.00 ? 140 ASP 3 CA 1 
ATOM 390 C CA . PRO C 3 141 ? -29.146 18.036  -9.907  1.00 30.00 ? 141 PRO 3 CA 1 
ATOM 391 C CA . PRO C 3 142 ? -31.538 15.093  -10.298 1.00 30.00 ? 142 PRO 3 CA 1 
ATOM 392 C CA . LYS C 3 143 ? -33.729 14.326  -7.307  1.00 30.00 ? 143 LYS 3 CA 1 
ATOM 393 C CA . LYS C 3 144 ? -36.089 11.992  -9.035  1.00 30.00 ? 144 LYS 3 CA 1 
ATOM 394 C CA . ARG C 3 145 ? -35.910 9.041   -11.461 1.00 30.00 ? 145 ARG 3 CA 1 
ATOM 395 C CA . LYS C 3 146 ? -38.034 11.026  -13.861 1.00 30.00 ? 146 LYS 3 CA 1 
ATOM 396 C CA . GLU C 3 147 ? -35.272 13.523  -14.380 1.00 30.00 ? 147 GLU 3 CA 1 
ATOM 397 C CA . ALA C 3 148 ? -32.312 11.158  -14.082 1.00 30.00 ? 148 ALA 3 CA 1 
ATOM 398 C CA . MET C 3 149 ? -33.971 9.114   -16.848 1.00 30.00 ? 149 MET 3 CA 1 
ATOM 399 C CA . LEU C 3 150 ? -33.424 12.022  -19.172 1.00 30.00 ? 150 LEU 3 CA 1 
ATOM 400 C CA . GLY C 3 151 ? -29.646 11.865  -19.148 1.00 30.00 ? 151 GLY 3 CA 1 
ATOM 401 C CA . THR C 3 152 ? -27.062 9.172   -19.863 1.00 30.00 ? 152 THR 3 CA 1 
ATOM 402 C CA . HIS C 3 153 ? -28.280 5.983   -18.271 1.00 30.00 ? 153 HIS 3 CA 1 
ATOM 403 C CA . VAL C 3 154 ? -28.112 2.280   -17.879 1.00 30.00 ? 154 VAL 3 CA 1 
ATOM 404 C CA . ILE C 3 155 ? -30.664 -0.234  -16.628 1.00 30.00 ? 155 ILE 3 CA 1 
ATOM 405 C CA . TRP C 3 156 ? -29.197 -2.856  -14.365 1.00 30.00 ? 156 TRP 3 CA 1 
ATOM 406 C CA . ASP C 3 157 ? -30.897 -6.208  -13.816 1.00 30.00 ? 157 ASP 3 CA 1 
ATOM 407 C CA . ILE C 3 158 ? -29.728 -7.466  -10.415 1.00 30.00 ? 158 ILE 3 CA 1 
ATOM 408 C CA . GLY C 3 159 ? -31.206 -10.896 -10.804 1.00 30.00 ? 159 GLY 3 CA 1 
ATOM 409 C CA . LEU C 3 160 ? -29.573 -11.596 -14.158 1.00 30.00 ? 160 LEU 3 CA 1 
ATOM 410 C CA . GLN C 3 161 ? -26.168 -10.215 -13.365 1.00 30.00 ? 161 GLN 3 CA 1 
ATOM 411 C CA . SER C 3 162 ? -24.580 -9.473  -10.043 1.00 30.00 ? 162 SER 3 CA 1 
ATOM 412 C CA . SER C 3 163 ? -22.455 -6.599  -11.156 1.00 30.00 ? 163 SER 3 CA 1 
ATOM 413 C CA . CYS C 3 164 ? -22.867 -3.676  -13.505 1.00 30.00 ? 164 CYS 3 CA 1 
ATOM 414 C CA . THR C 3 165 ? -20.551 -1.217  -15.194 1.00 30.00 ? 165 THR 3 CA 1 
ATOM 415 C CA . MET C 3 166 ? -21.297 2.278   -16.405 1.00 30.00 ? 166 MET 3 CA 1 
ATOM 416 C CA . VAL C 3 167 ? -18.865 4.454   -18.296 1.00 30.00 ? 167 VAL 3 CA 1 
ATOM 417 C CA . VAL C 3 168 ? -19.130 8.202   -17.703 1.00 30.00 ? 168 VAL 3 CA 1 
ATOM 418 C CA . PRO C 3 169 ? -17.794 9.485   -21.036 1.00 30.00 ? 169 PRO 3 CA 1 
ATOM 419 C CA . TRP C 3 170 ? -15.611 12.584  -21.136 1.00 30.00 ? 170 TRP 3 CA 1 
ATOM 420 C CA . ILE C 3 171 ? -17.868 15.512  -21.801 1.00 30.00 ? 171 ILE 3 CA 1 
ATOM 421 C CA . SER C 3 172 ? -16.564 18.932  -20.920 1.00 30.00 ? 172 SER 3 CA 1 
ATOM 422 C CA . ASN C 3 173 ? -16.441 22.495  -22.258 1.00 30.00 ? 173 ASN 3 CA 1 
ATOM 423 C CA . THR C 3 174 ? -12.847 22.921  -21.183 1.00 30.00 ? 174 THR 3 CA 1 
ATOM 424 C CA . THR C 3 175 ? -10.015 20.699  -22.474 1.00 30.00 ? 175 THR 3 CA 1 
ATOM 425 C CA . TYR C 3 176 ? -9.177  19.766  -18.954 1.00 30.00 ? 176 TYR 3 CA 1 
ATOM 426 C CA . ARG C 3 177 ? -10.918 20.075  -15.579 1.00 30.00 ? 177 ARG 3 CA 1 
ATOM 427 C CA . GLN C 3 178 ? -9.318  21.221  -12.312 1.00 30.00 ? 178 GLN 3 CA 1 
ATOM 428 C CA . THR C 3 179 ? -8.656  18.836  -9.399  1.00 30.00 ? 179 THR 3 CA 1 
ATOM 429 C CA . ILE C 3 180 ? -10.599 21.115  -7.040  1.00 30.00 ? 180 ILE 3 CA 1 
ATOM 430 C CA . ASP C 3 181 ? -14.278 22.046  -6.528  1.00 30.00 ? 181 ASP 3 CA 1 
ATOM 431 C CA . ASP C 3 182 ? -14.845 24.779  -9.039  1.00 30.00 ? 182 ASP 3 CA 1 
ATOM 432 C CA . SER C 3 183 ? -18.093 25.756  -10.819 1.00 30.00 ? 183 SER 3 CA 1 
ATOM 433 C CA . PHE C 3 184 ? -16.275 26.755  -13.943 1.00 30.00 ? 184 PHE 3 CA 1 
ATOM 434 C CA . THR C 3 185 ? -15.060 23.193  -14.517 1.00 30.00 ? 185 THR 3 CA 1 
ATOM 435 C CA . GLU C 3 186 ? -17.899 21.190  -12.926 1.00 30.00 ? 186 GLU 3 CA 1 
ATOM 436 C CA . GLY C 3 187 ? -18.546 17.653  -14.191 1.00 30.00 ? 187 GLY 3 CA 1 
ATOM 437 C CA . GLY C 3 188 ? -22.167 16.797  -13.406 1.00 30.00 ? 188 GLY 3 CA 1 
ATOM 438 C CA . TYR C 3 189 ? -24.138 14.258  -11.446 1.00 30.00 ? 189 TYR 3 CA 1 
ATOM 439 C CA . ILE C 3 190 ? -24.124 10.533  -10.861 1.00 30.00 ? 190 ILE 3 CA 1 
ATOM 440 C CA . SER C 3 191 ? -27.220 9.074   -9.290  1.00 30.00 ? 191 SER 3 CA 1 
ATOM 441 C CA . VAL C 3 192 ? -28.797 5.646   -8.745  1.00 30.00 ? 192 VAL 3 CA 1 
ATOM 442 C CA . PHE C 3 193 ? -32.434 4.538   -8.650  1.00 30.00 ? 193 PHE 3 CA 1 
ATOM 443 C CA . TYR C 3 194 ? -34.939 1.721   -8.330  1.00 30.00 ? 194 TYR 3 CA 1 
ATOM 444 C CA . GLN C 3 195 ? -36.262 0.935   -11.810 1.00 30.00 ? 195 GLN 3 CA 1 
ATOM 445 C CA . THR C 3 196 ? -38.764 -1.648  -10.581 1.00 30.00 ? 196 THR 3 CA 1 
ATOM 446 C CA . ARG C 3 197 ? -37.955 -2.740  -6.975  1.00 30.00 ? 197 ARG 3 CA 1 
ATOM 447 C CA . ILE C 3 198 ? -35.974 -5.362  -5.077  1.00 30.00 ? 198 ILE 3 CA 1 
ATOM 448 C CA . VAL C 3 199 ? -38.026 -8.494  -4.721  1.00 30.00 ? 199 VAL 3 CA 1 
ATOM 449 C CA . VAL C 3 200 ? -37.360 -11.443 -2.445  1.00 30.00 ? 200 VAL 3 CA 1 
ATOM 450 C CA . PRO C 3 201 ? -39.205 -14.626 -1.516  1.00 30.00 ? 201 PRO 3 CA 1 
ATOM 451 C CA . LEU C 3 202 ? -40.017 -15.734 2.047   1.00 30.00 ? 202 LEU 3 CA 1 
ATOM 452 C CA . SER C 3 203 ? -37.219 -17.102 4.280   1.00 30.00 ? 203 SER 3 CA 1 
ATOM 453 C CA . THR C 3 204 ? -34.811 -14.666 2.760   1.00 30.00 ? 204 THR 3 CA 1 
ATOM 454 C CA . PRO C 3 205 ? -33.161 -11.380 3.728   1.00 30.00 ? 205 PRO 3 CA 1 
ATOM 455 C CA . ARG C 3 206 ? -35.108 -8.230  2.856   1.00 30.00 ? 206 ARG 3 CA 1 
ATOM 456 C CA . GLU C 3 207 ? -32.148 -5.959  3.092   1.00 30.00 ? 207 GLU 3 CA 1 
ATOM 457 C CA . MET C 3 208 ? -28.889 -6.196  1.287   1.00 30.00 ? 208 MET 3 CA 1 
ATOM 458 C CA . ASP C 3 209 ? -25.791 -4.291  0.315   1.00 30.00 ? 209 ASP 3 CA 1 
ATOM 459 C CA . ILE C 3 210 ? -24.305 -3.001  -2.845  1.00 30.00 ? 210 ILE 3 CA 1 
ATOM 460 C CA . LEU C 3 211 ? -20.669 -2.114  -3.223  1.00 30.00 ? 211 LEU 3 CA 1 
ATOM 461 C CA . GLY C 3 212 ? -19.490 0.415   -5.744  1.00 30.00 ? 212 GLY 3 CA 1 
ATOM 462 C CA . PHE C 3 213 ? -16.228 1.040   -7.514  1.00 30.00 ? 213 PHE 3 CA 1 
ATOM 463 C CA . VAL C 3 214 ? -14.458 3.682   -9.590  1.00 30.00 ? 214 VAL 3 CA 1 
ATOM 464 C CA . SER C 3 215 ? -11.512 3.891   -11.929 1.00 30.00 ? 215 SER 3 CA 1 
ATOM 465 C CA . ALA C 3 216 ? -10.106 5.757   -14.895 1.00 30.00 ? 216 ALA 3 CA 1 
ATOM 466 C CA . CYS C 3 217 ? -10.549 4.639   -18.494 1.00 30.00 ? 217 CYS 3 CA 1 
ATOM 467 C CA . ASN C 3 218 ? -7.526  4.402   -20.874 1.00 30.00 ? 218 ASN 3 CA 1 
ATOM 468 C CA . ASP C 3 219 ? -8.389  7.709   -22.500 1.00 30.00 ? 219 ASP 3 CA 1 
ATOM 469 C CA . PHE C 3 220 ? -7.490  9.413   -19.220 1.00 30.00 ? 220 PHE 3 CA 1 
ATOM 470 C CA . SER C 3 221 ? -4.710  11.764  -18.307 1.00 30.00 ? 221 SER 3 CA 1 
ATOM 471 C CA . VAL C 3 222 ? -3.506  14.359  -15.880 1.00 30.00 ? 222 VAL 3 CA 1 
ATOM 472 C CA . ARG C 3 223 ? -1.258  17.394  -15.779 1.00 30.00 ? 223 ARG 3 CA 1 
ATOM 473 C CA . LEU C 3 224 ? 0.770   19.883  -13.749 1.00 30.00 ? 224 LEU 3 CA 1 
ATOM 474 C CA . LEU C 3 225 ? 2.342   17.946  -10.918 1.00 30.00 ? 225 LEU 3 CA 1 
ATOM 475 C CA . ARG C 3 226 ? 1.693   19.356  -7.468  1.00 30.00 ? 226 ARG 3 CA 1 
ATOM 476 C CA . ASP C 3 227 ? 1.791   18.666  -3.776  1.00 30.00 ? 227 ASP 3 CA 1 
ATOM 477 C CA . THR C 3 228 ? -1.194  17.086  -2.107  1.00 30.00 ? 228 THR 3 CA 1 
ATOM 478 C CA . THR C 3 229 ? -3.300  18.124  0.870   1.00 30.00 ? 229 THR 3 CA 1 
ATOM 479 C CA . HIS C 3 230 ? -4.046  14.518  1.724   1.00 30.00 ? 230 HIS 3 CA 1 
ATOM 480 C CA . ILE C 3 231 ? -1.104  14.279  4.102   1.00 30.00 ? 231 ILE 3 CA 1 
ATOM 481 C CA . ALA D 4 1   ? -14.320 -22.843 -13.046 1.00 30.00 ? 97  ALA 4 CA 1 
ATOM 482 C CA . ALA D 4 2   ? -15.431 -19.492 -14.541 1.00 30.00 ? 98  ALA 4 CA 1 
ATOM 483 C CA . ASN D 4 3   ? -15.116 -19.027 -10.770 1.00 30.00 ? 99  ASN 4 CA 1 
ATOM 484 C CA . SER D 4 4   ? -11.341 -19.424 -10.837 1.00 30.00 ? 100 SER 4 CA 1 
ATOM 485 C CA . VAL D 4 5   ? -8.600  -16.850 -11.052 1.00 30.00 ? 101 VAL 4 CA 1 
ATOM 486 C CA . VAL D 4 6   ? -4.923  -16.823 -11.919 1.00 30.00 ? 102 VAL 4 CA 1 
ATOM 487 C CA . ALA D 4 7   ? -3.255  -14.097 -9.884  1.00 30.00 ? 103 ALA 4 CA 1 
ATOM 488 C CA . TYR D 4 8   ? -1.650  -11.331 -11.920 1.00 30.00 ? 104 TYR 4 CA 1 
ATOM 489 C CA . GLY D 4 9   ? -2.363  -13.449 -14.986 1.00 30.00 ? 105 GLY 4 CA 1 
ATOM 490 C CA . ARG D 4 10  ? 0.601   -15.561 -13.930 1.00 30.00 ? 106 ARG 4 CA 1 
ATOM 491 C CA . TRP D 4 11  ? 0.742   -19.252 -13.541 1.00 30.00 ? 107 TRP 4 CA 1 
ATOM 492 C CA . PRO D 4 12  ? 3.046   -20.921 -10.990 1.00 30.00 ? 108 PRO 4 CA 1 
ATOM 493 C CA . GLU D 4 13  ? 6.487   -21.867 -12.275 1.00 30.00 ? 109 GLU 4 CA 1 
ATOM 494 C CA . TYR D 4 14  ? 9.806   -23.478 -11.264 1.00 30.00 ? 110 TYR 4 CA 1 
ATOM 495 C CA . LEU D 4 15  ? 12.699  -21.338 -10.116 1.00 30.00 ? 111 LEU 4 CA 1 
ATOM 496 C CA . ARG D 4 16  ? 14.310  -21.469 -13.436 1.00 30.00 ? 112 ARG 4 CA 1 
ATOM 497 C CA . ASP D 4 17  ? 17.263  -20.839 -15.483 1.00 30.00 ? 113 ASP 4 CA 1 
ATOM 498 C CA . VAL D 4 31  ? 7.136   -33.600 -5.701  1.00 30.00 ? 127 VAL 4 CA 1 
ATOM 499 C CA . ALA D 4 32  ? 4.199   -35.207 -3.794  1.00 30.00 ? 128 ALA 4 CA 1 
ATOM 500 C CA . ALA D 4 33  ? 4.723   -33.333 -0.544  1.00 30.00 ? 129 ALA 4 CA 1 
ATOM 501 C CA . CYS D 4 34  ? 3.240   -30.567 -2.661  1.00 30.00 ? 130 CYS 4 CA 1 
ATOM 502 C CA . ARG D 4 35  ? -0.376  -31.711 -2.887  1.00 30.00 ? 131 ARG 4 CA 1 
ATOM 503 C CA . PHE D 4 36  ? -3.868  -30.764 -1.654  1.00 30.00 ? 132 PHE 4 CA 1 
ATOM 504 C CA . TYR D 4 37  ? -4.223  -30.245 2.044   1.00 30.00 ? 133 TYR 4 CA 1 
ATOM 505 C CA . THR D 4 38  ? -7.643  -29.553 3.562   1.00 30.00 ? 134 THR 4 CA 1 
ATOM 506 C CA . LEU D 4 39  ? -7.591  -27.299 6.611   1.00 30.00 ? 135 LEU 4 CA 1 
ATOM 507 C CA . ASP D 4 40  ? -9.901  -27.198 9.587   1.00 30.00 ? 136 ASP 4 CA 1 
ATOM 508 C CA . THR D 4 41  ? -13.349 -26.138 8.571   1.00 30.00 ? 137 THR 4 CA 1 
ATOM 509 C CA . VAL D 4 42  ? -14.689 -22.844 9.846   1.00 30.00 ? 138 VAL 4 CA 1 
ATOM 510 C CA . SER D 4 43  ? -18.252 -21.623 10.413  1.00 30.00 ? 139 SER 4 CA 1 
ATOM 511 C CA . TRP D 4 44  ? -19.936 -18.676 8.752   1.00 30.00 ? 140 TRP 4 CA 1 
ATOM 512 C CA . THR D 4 45  ? -22.679 -17.058 10.759  1.00 30.00 ? 141 THR 4 CA 1 
ATOM 513 C CA . LYS D 4 46  ? -24.946 -14.014 10.636  1.00 30.00 ? 142 LYS 4 CA 1 
ATOM 514 C CA . GLU D 4 47  ? -22.311 -12.313 12.763  1.00 30.00 ? 143 GLU 4 CA 1 
ATOM 515 C CA . SER D 4 48  ? -18.923 -13.388 11.419  1.00 30.00 ? 144 SER 4 CA 1 
ATOM 516 C CA . ARG D 4 49  ? -16.687 -10.442 10.462  1.00 30.00 ? 145 ARG 4 CA 1 
ATOM 517 C CA . GLY D 4 50  ? -14.142 -12.434 8.472   1.00 30.00 ? 146 GLY 4 CA 1 
ATOM 518 C CA . TRP D 4 51  ? -11.164 -14.799 8.476   1.00 30.00 ? 147 TRP 4 CA 1 
ATOM 519 C CA . TRP D 4 52  ? -7.476  -14.703 7.546   1.00 30.00 ? 148 TRP 4 CA 1 
ATOM 520 C CA . TRP D 4 53  ? -4.610  -17.060 6.964   1.00 30.00 ? 149 TRP 4 CA 1 
ATOM 521 C CA . LYS D 4 54  ? -1.007  -16.827 5.792   1.00 30.00 ? 150 LYS 4 CA 1 
ATOM 522 C CA . LEU D 4 55  ? 1.087   -18.885 3.379   1.00 30.00 ? 151 LEU 4 CA 1 
ATOM 523 C CA . PRO D 4 56  ? 3.240   -20.849 3.920   1.00 30.00 ? 152 PRO 4 CA 1 
ATOM 524 C CA . ASP D 4 57  ? 2.301   -20.631 7.601   1.00 30.00 ? 153 ASP 4 CA 1 
ATOM 525 C CA . ALA D 4 58  ? -1.139  -22.290 7.388   1.00 30.00 ? 154 ALA 4 CA 1 
ATOM 526 C CA . LEU D 4 59  ? 0.515   -25.324 5.845   1.00 30.00 ? 155 LEU 4 CA 1 
ATOM 527 C CA . ARG D 4 60  ? 3.439   -25.628 8.259   1.00 30.00 ? 156 ARG 4 CA 1 
ATOM 528 C CA . ASP D 4 61  ? 2.164   -28.894 9.749   1.00 30.00 ? 157 ASP 4 CA 1 
ATOM 529 C CA . MET D 4 62  ? 0.893   -30.542 6.612   1.00 30.00 ? 158 MET 4 CA 1 
ATOM 530 C CA . GLY D 4 63  ? 2.639   -33.866 6.151   1.00 30.00 ? 159 GLY 4 CA 1 
ATOM 531 C CA . LEU D 4 64  ? 5.840   -33.947 4.116   1.00 30.00 ? 160 LEU 4 CA 1 
ATOM 532 C CA . PHE D 4 65  ? 5.365   -30.367 2.962   1.00 30.00 ? 161 PHE 4 CA 1 
ATOM 533 C CA . GLY D 4 66  ? 5.803   -29.048 6.458   1.00 30.00 ? 162 GLY 4 CA 1 
ATOM 534 C CA . GLN D 4 67  ? 8.801   -31.302 7.040   1.00 30.00 ? 163 GLN 4 CA 1 
ATOM 535 C CA . ASN D 4 68  ? 10.480  -30.112 3.897   1.00 30.00 ? 164 ASN 4 CA 1 
ATOM 536 C CA . MET D 4 69  ? 9.869   -26.555 4.952   1.00 30.00 ? 165 MET 4 CA 1 
ATOM 537 C CA . TYR D 4 70  ? 11.605  -26.906 8.299   1.00 30.00 ? 166 TYR 4 CA 1 
ATOM 538 C CA . TYR D 4 71  ? 14.541  -29.063 7.080   1.00 30.00 ? 167 TYR 4 CA 1 
ATOM 539 C CA . HIS D 4 72  ? 15.594  -26.410 4.555   1.00 30.00 ? 168 HIS 4 CA 1 
ATOM 540 C CA . TYR D 4 73  ? 16.966  -22.874 4.793   1.00 30.00 ? 169 TYR 4 CA 1 
ATOM 541 C CA . LEU D 4 74  ? 15.209  -21.839 1.648   1.00 30.00 ? 170 LEU 4 CA 1 
ATOM 542 C CA . GLY D 4 75  ? 12.010  -22.766 -0.055  1.00 30.00 ? 171 GLY 4 CA 1 
ATOM 543 C CA . ARG D 4 76  ? 9.650   -21.460 -2.701  1.00 30.00 ? 172 ARG 4 CA 1 
ATOM 544 C CA . SER D 4 77  ? 6.198   -22.369 -3.770  1.00 30.00 ? 173 SER 4 CA 1 
ATOM 545 C CA . GLY D 4 78  ? 3.103   -21.242 -5.511  1.00 30.00 ? 174 GLY 4 CA 1 
ATOM 546 C CA . TYR D 4 79  ? -0.436  -22.231 -4.447  1.00 30.00 ? 175 TYR 4 CA 1 
ATOM 547 C CA . THR D 4 80  ? -3.863  -23.346 -5.521  1.00 30.00 ? 176 THR 4 CA 1 
ATOM 548 C CA . VAL D 4 81  ? -6.418  -22.074 -3.029  1.00 30.00 ? 177 VAL 4 CA 1 
ATOM 549 C CA . HIS D 4 82  ? -9.812  -23.729 -3.225  1.00 30.00 ? 178 HIS 4 CA 1 
ATOM 550 C CA . VAL D 4 83  ? -12.500 -22.127 -1.015  1.00 30.00 ? 179 VAL 4 CA 1 
ATOM 551 C CA . GLN D 4 84  ? -15.575 -24.349 -0.500  1.00 30.00 ? 180 GLN 4 CA 1 
ATOM 552 C CA . CYS D 4 85  ? -18.895 -23.019 0.781   1.00 30.00 ? 181 CYS 4 CA 1 
ATOM 553 C CA . ASN D 4 86  ? -22.328 -24.335 -0.117  1.00 30.00 ? 182 ASN 4 CA 1 
ATOM 554 C CA . ALA D 4 87  ? -25.853 -23.369 0.872   1.00 30.00 ? 183 ALA 4 CA 1 
ATOM 555 C CA . SER D 4 88  ? -29.475 -23.735 -0.408  1.00 30.00 ? 184 SER 4 CA 1 
ATOM 556 C CA . LYS D 4 89  ? -31.416 -21.782 -3.060  1.00 30.00 ? 185 LYS 4 CA 1 
ATOM 557 C CA . PHE D 4 90  ? -33.164 -20.093 -0.173  1.00 30.00 ? 186 PHE 4 CA 1 
ATOM 558 C CA . HIS D 4 91  ? -29.978 -18.960 1.529   1.00 30.00 ? 187 HIS 4 CA 1 
ATOM 559 C CA . GLN D 4 92  ? -28.217 -15.721 0.634   1.00 30.00 ? 188 GLN 4 CA 1 
ATOM 560 C CA . GLY D 4 93  ? -24.909 -13.985 1.124   1.00 30.00 ? 189 GLY 4 CA 1 
ATOM 561 C CA . ALA D 4 94  ? -21.607 -13.140 -0.491  1.00 30.00 ? 190 ALA 4 CA 1 
ATOM 562 C CA . LEU D 4 95  ? -18.037 -13.936 0.377   1.00 30.00 ? 191 LEU 4 CA 1 
ATOM 563 C CA . GLY D 4 96  ? -15.113 -11.848 -0.802  1.00 30.00 ? 192 GLY 4 CA 1 
ATOM 564 C CA . VAL D 4 97  ? -12.017 -14.051 -1.178  1.00 30.00 ? 193 VAL 4 CA 1 
ATOM 565 C CA . PHE D 4 98  ? -8.853  -11.986 -1.337  1.00 30.00 ? 194 PHE 4 CA 1 
ATOM 566 C CA . ALA D 4 99  ? -5.264  -13.077 -2.013  1.00 30.00 ? 195 ALA 4 CA 1 
ATOM 567 C CA . VAL D 4 100 ? -2.894  -10.389 -0.697  1.00 30.00 ? 196 VAL 4 CA 1 
ATOM 568 C CA . PRO D 4 101 ? 0.868   -10.285 -1.450  1.00 30.00 ? 197 PRO 4 CA 1 
ATOM 569 C CA . GLU D 4 102 ? 2.946   -9.248  1.633   1.00 30.00 ? 198 GLU 4 CA 1 
ATOM 570 C CA . MET D 4 103 ? -0.194  -8.945  3.741   1.00 30.00 ? 199 MET 4 CA 1 
ATOM 571 C CA . CYS D 4 104 ? 1.164   -7.010  6.672   1.00 30.00 ? 200 CYS 4 CA 1 
ATOM 572 C CA . LEU D 4 105 ? -1.502  -6.585  9.316   1.00 30.00 ? 201 LEU 4 CA 1 
ATOM 573 C CA . ALA D 4 106 ? -1.929  -3.930  12.008  1.00 30.00 ? 202 ALA 4 CA 1 
ATOM 574 C CA . GLY D 4 107 ? -1.194  -4.544  15.686  1.00 30.00 ? 203 GLY 4 CA 1 
ATOM 575 C CA . ASP D 4 108 ? -3.119  -4.245  18.985  1.00 30.00 ? 204 ASP 4 CA 1 
ATOM 576 C CA . SER D 4 109 ? -0.984  -1.494  20.508  1.00 30.00 ? 205 SER 4 CA 1 
ATOM 577 C CA . ASN D 4 110 ? -1.218  2.252   20.590  1.00 30.00 ? 206 ASN 4 CA 1 
ATOM 578 C CA . THR D 4 111 ? 1.840   2.879   22.721  1.00 30.00 ? 207 THR 4 CA 1 
ATOM 579 C CA . THR D 4 112 ? 4.346   0.972   20.568  1.00 30.00 ? 208 THR 4 CA 1 
ATOM 580 C CA . THR D 4 113 ? 4.467   -0.098  16.882  1.00 30.00 ? 209 THR 4 CA 1 
ATOM 581 C CA . MET D 4 114 ? 5.464   -3.114  14.723  1.00 30.00 ? 210 MET 4 CA 1 
ATOM 582 C CA . HIS D 4 115 ? 5.397   -5.271  17.815  1.00 30.00 ? 211 HIS 4 CA 1 
ATOM 583 C CA . THR D 4 116 ? 3.230   -8.343  17.107  1.00 30.00 ? 212 THR 4 CA 1 
ATOM 584 C CA . SER D 4 117 ? 5.046   -11.474 18.247  1.00 30.00 ? 213 SER 4 CA 1 
ATOM 585 C CA . TYR D 4 118 ? 6.171   -14.190 15.796  1.00 30.00 ? 214 TYR 4 CA 1 
ATOM 586 C CA . GLN D 4 119 ? 3.864   -16.590 17.613  1.00 30.00 ? 215 GLN 4 CA 1 
ATOM 587 C CA . ASN D 4 120 ? 0.847   -14.397 17.220  1.00 30.00 ? 216 ASN 4 CA 1 
ATOM 588 C CA . ALA D 4 121 ? 1.601   -13.353 13.696  1.00 30.00 ? 217 ALA 4 CA 1 
ATOM 589 C CA . ASN D 4 122 ? 1.758   -16.974 12.672  1.00 30.00 ? 218 ASN 4 CA 1 
ATOM 590 C CA . PRO D 4 123 ? -1.438  -18.813 13.660  1.00 30.00 ? 219 PRO 4 CA 1 
ATOM 591 C CA . GLY D 4 124 ? -0.809  -21.839 11.539  1.00 30.00 ? 220 GLY 4 CA 1 
ATOM 592 C CA . GLU D 4 125 ? -3.802  -23.725 10.038  1.00 30.00 ? 221 GLU 4 CA 1 
ATOM 593 C CA . LYS D 4 126 ? -5.983  -22.528 12.850  1.00 30.00 ? 222 LYS 4 CA 1 
ATOM 594 C CA . GLY D 4 127 ? -6.551  -19.271 11.218  1.00 30.00 ? 223 GLY 4 CA 1 
ATOM 595 C CA . GLY D 4 128 ? -6.757  -15.836 12.677  1.00 30.00 ? 224 GLY 4 CA 1 
ATOM 596 C CA . THR D 4 129 ? -9.868  -13.604 12.426  1.00 30.00 ? 225 THR 4 CA 1 
ATOM 597 C CA . PHE D 4 130 ? -11.120 -10.080 11.567  1.00 30.00 ? 226 PHE 4 CA 1 
ATOM 598 C CA . THR D 4 131 ? -12.905 -7.603  13.877  1.00 30.00 ? 227 THR 4 CA 1 
ATOM 599 C CA . GLY D 4 132 ? -15.479 -4.802  13.507  1.00 30.00 ? 228 GLY 4 CA 1 
ATOM 600 C CA . THR D 4 133 ? -13.652 -2.443  15.907  1.00 30.00 ? 229 THR 4 CA 1 
ATOM 601 C CA . PHE D 4 134 ? -10.216 -1.442  17.077  1.00 30.00 ? 230 PHE 4 CA 1 
ATOM 602 C CA . THR D 4 135 ? -9.470  -2.387  20.668  1.00 30.00 ? 231 THR 4 CA 1 
ATOM 603 C CA . PRO D 4 136 ? -6.086  -1.071  21.836  1.00 30.00 ? 232 PRO 4 CA 1 
ATOM 604 C CA . ASP D 4 137 ? -4.159  -3.477  24.107  1.00 30.00 ? 233 ASP 4 CA 1 
ATOM 605 C CA . ASN D 4 138 ? -3.868  -1.229  27.124  1.00 30.00 ? 234 ASN 4 CA 1 
ATOM 606 C CA . ASN D 4 139 ? -1.967  -3.724  29.306  1.00 30.00 ? 235 ASN 4 CA 1 
ATOM 607 C CA . GLN D 4 140 ? 1.300   -1.797  29.410  1.00 30.00 ? 236 GLN 4 CA 1 
ATOM 608 C CA . THR D 4 141 ? 3.328   -4.049  31.685  1.00 30.00 ? 237 THR 4 CA 1 
ATOM 609 C CA . SER D 4 142 ? 2.451   -7.394  30.104  1.00 30.00 ? 238 SER 4 CA 1 
ATOM 610 C CA . PRO D 4 143 ? 1.606   -6.784  26.418  1.00 30.00 ? 239 PRO 4 CA 1 
ATOM 611 C CA . ALA D 4 144 ? -0.681  -9.040  24.324  1.00 30.00 ? 240 ALA 4 CA 1 
ATOM 612 C CA . ARG D 4 145 ? 1.617   -8.408  21.401  1.00 30.00 ? 241 ARG 4 CA 1 
ATOM 613 C CA . ARG D 4 146 ? -0.851  -9.346  18.742  1.00 30.00 ? 242 ARG 4 CA 1 
ATOM 614 C CA . PHE D 4 147 ? -2.782  -8.131  15.683  1.00 30.00 ? 243 PHE 4 CA 1 
ATOM 615 C CA . CYS D 4 148 ? -6.018  -6.204  15.757  1.00 30.00 ? 244 CYS 4 CA 1 
ATOM 616 C CA . PRO D 4 149 ? -7.431  -6.449  12.225  1.00 30.00 ? 245 PRO 4 CA 1 
ATOM 617 C CA . VAL D 4 150 ? -10.396 -4.130  11.525  1.00 30.00 ? 246 VAL 4 CA 1 
ATOM 618 C CA . ASP D 4 151 ? -12.600 -5.499  8.736   1.00 30.00 ? 247 ASP 4 CA 1 
ATOM 619 C CA . TYR D 4 152 ? -13.511 -2.314  6.807   1.00 30.00 ? 248 TYR 4 CA 1 
ATOM 620 C CA . LEU D 4 153 ? -9.818  -1.380  6.831   1.00 30.00 ? 249 LEU 4 CA 1 
ATOM 621 C CA . LEU D 4 154 ? -8.598  -4.785  5.606   1.00 30.00 ? 250 LEU 4 CA 1 
ATOM 622 C CA . GLY D 4 155 ? -6.702  -5.015  8.876   1.00 30.00 ? 251 GLY 4 CA 1 
ATOM 623 C CA . ASN D 4 156 ? -4.039  -2.780  7.287   1.00 30.00 ? 252 ASN 4 CA 1 
ATOM 624 C CA . GLY D 4 157 ? -5.180  0.841   7.117   1.00 30.00 ? 253 GLY 4 CA 1 
ATOM 625 C CA . THR D 4 158 ? -6.729  0.675   3.668   1.00 30.00 ? 254 THR 4 CA 1 
ATOM 626 C CA . LEU D 4 159 ? -10.438 0.546   2.725   1.00 30.00 ? 255 LEU 4 CA 1 
ATOM 627 C CA . LEU D 4 160 ? -11.959 -2.904  2.170   1.00 30.00 ? 256 LEU 4 CA 1 
ATOM 628 C CA . GLY D 4 161 ? -13.944 -1.654  -0.812  1.00 30.00 ? 257 GLY 4 CA 1 
ATOM 629 C CA . ASN D 4 162 ? -10.670 -1.312  -2.670  1.00 30.00 ? 258 ASN 4 CA 1 
ATOM 630 C CA . ALA D 4 163 ? -9.320  -4.768  -1.736  1.00 30.00 ? 259 ALA 4 CA 1 
ATOM 631 C CA . PHE D 4 164 ? -10.379 -5.865  -5.195  1.00 30.00 ? 260 PHE 4 CA 1 
ATOM 632 C CA . VAL D 4 165 ? -7.209  -4.393  -6.739  1.00 30.00 ? 261 VAL 4 CA 1 
ATOM 633 C CA . PHE D 4 166 ? -5.721  -7.591  -5.255  1.00 30.00 ? 262 PHE 4 CA 1 
ATOM 634 C CA . PRO D 4 167 ? -6.039  -11.063 -6.894  1.00 30.00 ? 263 PRO 4 CA 1 
ATOM 635 C CA . HIS D 4 168 ? -9.483  -12.150 -5.806  1.00 30.00 ? 264 HIS 4 CA 1 
ATOM 636 C CA . GLN D 4 169 ? -12.710 -13.985 -6.306  1.00 30.00 ? 265 GLN 4 CA 1 
ATOM 637 C CA . ILE D 4 170 ? -16.311 -13.726 -5.061  1.00 30.00 ? 266 ILE 4 CA 1 
ATOM 638 C CA . ILE D 4 171 ? -18.548 -16.471 -3.749  1.00 30.00 ? 267 ILE 4 CA 1 
ATOM 639 C CA . ASN D 4 172 ? -22.096 -15.400 -4.319  1.00 30.00 ? 268 ASN 4 CA 1 
ATOM 640 C CA . LEU D 4 173 ? -24.339 -17.980 -2.671  1.00 30.00 ? 269 LEU 4 CA 1 
ATOM 641 C CA . ARG D 4 174 ? -26.954 -17.337 -5.357  1.00 30.00 ? 270 ARG 4 CA 1 
ATOM 642 C CA . THR D 4 175 ? -24.687 -18.285 -8.253  1.00 30.00 ? 271 THR 4 CA 1 
ATOM 643 C CA . ASN D 4 176 ? -21.744 -20.346 -6.977  1.00 30.00 ? 272 ASN 4 CA 1 
ATOM 644 C CA . ASN D 4 177 ? -20.572 -22.454 -4.056  1.00 30.00 ? 273 ASN 4 CA 1 
ATOM 645 C CA . CYS D 4 178 ? -16.812 -22.361 -4.452  1.00 30.00 ? 274 CYS 4 CA 1 
ATOM 646 C CA . ALA D 4 179 ? -13.834 -20.294 -5.523  1.00 30.00 ? 275 ALA 4 CA 1 
ATOM 647 C CA . THR D 4 180 ? -10.420 -21.226 -6.880  1.00 30.00 ? 276 THR 4 CA 1 
ATOM 648 C CA . LEU D 4 181 ? -7.403  -18.983 -6.773  1.00 30.00 ? 277 LEU 4 CA 1 
ATOM 649 C CA . VAL D 4 182 ? -4.188  -19.959 -8.546  1.00 30.00 ? 278 VAL 4 CA 1 
ATOM 650 C CA . LEU D 4 183 ? -1.339  -18.093 -6.874  1.00 30.00 ? 279 LEU 4 CA 1 
ATOM 651 C CA . PRO D 4 184 ? 2.185   -17.617 -8.273  1.00 30.00 ? 280 PRO 4 CA 1 
ATOM 652 C CA . TYR D 4 185 ? 5.304   -17.226 -6.083  1.00 30.00 ? 281 TYR 4 CA 1 
ATOM 653 C CA . VAL D 4 186 ? 5.467   -13.484 -5.517  1.00 30.00 ? 282 VAL 4 CA 1 
ATOM 654 C CA . ASN D 4 187 ? 8.439   -11.808 -3.887  1.00 30.00 ? 283 ASN 4 CA 1 
ATOM 655 C CA . SER D 4 188 ? 11.342  -9.332  -4.100  1.00 30.00 ? 284 SER 4 CA 1 
ATOM 656 C CA . LEU D 4 189 ? 13.586  -12.442 -4.306  1.00 30.00 ? 285 LEU 4 CA 1 
ATOM 657 C CA . SER D 4 190 ? 13.718  -15.682 -6.353  1.00 30.00 ? 286 SER 4 CA 1 
ATOM 658 C CA . ILE D 4 191 ? 13.655  -17.733 -3.188  1.00 30.00 ? 287 ILE 4 CA 1 
ATOM 659 C CA . ASP D 4 192 ? 13.492  -16.985 0.540   1.00 30.00 ? 288 ASP 4 CA 1 
ATOM 660 C CA . SER D 4 193 ? 13.079  -18.307 4.090   1.00 30.00 ? 289 SER 4 CA 1 
ATOM 661 C CA . MET D 4 194 ? 9.662   -19.926 4.448   1.00 30.00 ? 290 MET 4 CA 1 
ATOM 662 C CA . VAL D 4 195 ? 9.989   -19.841 8.227   1.00 30.00 ? 291 VAL 4 CA 1 
ATOM 663 C CA . LYS D 4 196 ? 10.789  -16.139 8.606   1.00 30.00 ? 292 LYS 4 CA 1 
ATOM 664 C CA . HIS D 4 197 ? 8.601   -14.840 5.843   1.00 30.00 ? 293 HIS 4 CA 1 
ATOM 665 C CA . ASN D 4 198 ? 5.052   -15.282 4.659   1.00 30.00 ? 294 ASN 4 CA 1 
ATOM 666 C CA . ASN D 4 199 ? 4.458   -14.526 0.971   1.00 30.00 ? 295 ASN 4 CA 1 
ATOM 667 C CA . TRP D 4 200 ? 0.726   -14.519 0.523   1.00 30.00 ? 296 TRP 4 CA 1 
ATOM 668 C CA . GLY D 4 201 ? -2.203  -13.703 2.771   1.00 30.00 ? 297 GLY 4 CA 1 
ATOM 669 C CA . ILE D 4 202 ? -5.683  -15.198 2.320   1.00 30.00 ? 298 ILE 4 CA 1 
ATOM 670 C CA . ALA D 4 203 ? -8.482  -12.917 3.453   1.00 30.00 ? 299 ALA 4 CA 1 
ATOM 671 C CA . ILE D 4 204 ? -12.122 -13.972 3.467   1.00 30.00 ? 300 ILE 4 CA 1 
ATOM 672 C CA . LEU D 4 205 ? -14.754 -11.398 4.271   1.00 30.00 ? 301 LEU 4 CA 1 
ATOM 673 C CA . PRO D 4 206 ? -18.562 -11.280 4.154   1.00 30.00 ? 302 PRO 4 CA 1 
ATOM 674 C CA . LEU D 4 207 ? -19.280 -8.673  1.467   1.00 30.00 ? 303 LEU 4 CA 1 
ATOM 675 C CA . ALA D 4 208 ? -22.914 -9.474  1.979   1.00 30.00 ? 304 ALA 4 CA 1 
ATOM 676 C CA . PRO D 4 209 ? -24.116 -11.052 5.261   1.00 30.00 ? 305 PRO 4 CA 1 
ATOM 677 C CA . LEU D 4 210 ? -25.367 -14.624 5.560   1.00 30.00 ? 306 LEU 4 CA 1 
ATOM 678 C CA . ASN D 4 211 ? -29.070 -14.975 5.560   1.00 30.00 ? 307 ASN 4 CA 1 
ATOM 679 C CA . PHE D 4 212 ? -31.523 -17.784 5.490   1.00 30.00 ? 308 PHE 4 CA 1 
ATOM 680 C CA . ALA D 4 213 ? -35.237 -18.255 4.884   1.00 30.00 ? 309 ALA 4 CA 1 
ATOM 681 C CA . SER D 4 214 ? -36.211 -16.680 8.144   1.00 30.00 ? 310 SER 4 CA 1 
ATOM 682 C CA . GLU D 4 215 ? -34.026 -18.182 10.915  1.00 30.00 ? 311 GLU 4 CA 1 
ATOM 683 C CA . SER D 4 216 ? -32.836 -15.459 13.269  1.00 30.00 ? 312 SER 4 CA 1 
ATOM 684 C CA . SER D 4 217 ? -29.473 -17.211 13.417  1.00 30.00 ? 313 SER 4 CA 1 
ATOM 685 C CA . PRO D 4 218 ? -28.240 -19.384 10.548  1.00 30.00 ? 314 PRO 4 CA 1 
ATOM 686 C CA . GLU D 4 219 ? -24.903 -21.048 9.889   1.00 30.00 ? 315 GLU 4 CA 1 
ATOM 687 C CA . ILE D 4 220 ? -22.935 -22.555 7.062   1.00 30.00 ? 316 ILE 4 CA 1 
ATOM 688 C CA . PRO D 4 221 ? -19.448 -24.066 6.816   1.00 30.00 ? 317 PRO 4 CA 1 
ATOM 689 C CA . ILE D 4 222 ? -16.509 -22.717 4.847   1.00 30.00 ? 318 ILE 4 CA 1 
ATOM 690 C CA . THR D 4 223 ? -13.805 -25.244 4.020   1.00 30.00 ? 319 THR 4 CA 1 
ATOM 691 C CA . LEU D 4 224 ? -10.383 -24.344 2.662   1.00 30.00 ? 320 LEU 4 CA 1 
ATOM 692 C CA . THR D 4 225 ? -8.410  -26.870 0.598   1.00 30.00 ? 321 THR 4 CA 1 
ATOM 693 C CA . ILE D 4 226 ? -4.927  -25.600 -0.377  1.00 30.00 ? 322 ILE 4 CA 1 
ATOM 694 C CA . ALA D 4 227 ? -2.153  -27.087 -2.498  1.00 30.00 ? 323 ALA 4 CA 1 
ATOM 695 C CA . PRO D 4 228 ? 1.451   -25.888 -2.908  1.00 30.00 ? 324 PRO 4 CA 1 
ATOM 696 C CA . MET D 4 229 ? 2.597   -25.664 -6.519  1.00 30.00 ? 325 MET 4 CA 1 
ATOM 697 C CA . CYS D 4 230 ? 5.752   -25.921 -8.695  1.00 30.00 ? 326 CYS 4 CA 1 
ATOM 698 C CA . CYS D 4 231 ? 7.493   -26.087 -5.381  1.00 30.00 ? 327 CYS 4 CA 1 
ATOM 699 C CA . GLU D 4 232 ? 11.079  -26.297 -4.450  1.00 30.00 ? 328 GLU 4 CA 1 
ATOM 700 C CA . PHE D 4 233 ? 13.364  -26.303 -1.469  1.00 30.00 ? 329 PHE 4 CA 1 
ATOM 701 C CA . ASN D 4 234 ? 16.997  -25.666 -0.743  1.00 30.00 ? 330 ASN 4 CA 1 
ATOM 702 C CA . GLY D 4 235 ? 19.792  -25.664 1.798   1.00 30.00 ? 331 GLY 4 CA 1 
ATOM 703 C CA . LEU D 4 236 ? 19.203  -28.884 3.675   1.00 30.00 ? 332 LEU 4 CA 1 
ATOM 704 C CA . ARG D 4 237 ? 20.377  -29.275 7.246   1.00 30.00 ? 333 ARG 4 CA 1 
ATOM 705 C CA . ASN D 4 238 ? 19.144  -30.193 10.767  1.00 30.00 ? 334 ASN 4 CA 1 
ATOM 706 C CA . ILE D 4 239 ? 15.516  -29.391 11.416  1.00 30.00 ? 335 ILE 4 CA 1 
ATOM 707 C CA . THR D 4 240 ? 14.127  -26.023 12.457  1.00 30.00 ? 336 THR 4 CA 1 
ATOM 708 C CA . LEU D 4 241 ? 12.270  -26.265 15.757  1.00 30.00 ? 337 LEU 4 CA 1 
ATOM 709 C CA . PRO D 4 242 ? 10.377  -23.014 16.166  1.00 30.00 ? 338 PRO 4 CA 1 
ATOM 710 C CA . ARG D 4 243 ? 9.134   -21.543 19.402  1.00 30.00 ? 339 ARG 4 CA 1 
ATOM 711 C CA . LEU D 4 244 ? 5.503   -21.422 18.244  1.00 30.00 ? 340 LEU 4 CA 1 
ATOM 712 C CA . GLN D 4 245 ? 4.120   -22.148 21.742  1.00 30.00 ? 341 GLN 4 CA 1 
ATOM 713 C CA . UNK E 5 1   ? -0.909  12.569  13.033  1.00 30.00 ? 42  UNK 7 CA 1 
ATOM 714 C CA . UNK E 5 2   ? 1.253   12.335  9.909   1.00 30.00 ? 43  UNK 7 CA 1 
ATOM 715 C CA . UNK E 5 3   ? -1.142  14.655  8.076   1.00 30.00 ? 44  UNK 7 CA 1 
ATOM 716 C CA . UNK E 5 4   ? -0.609  17.137  10.914  1.00 30.00 ? 45  UNK 7 CA 1 
ATOM 717 C CA . UNK E 5 5   ? 3.185   16.800  10.765  1.00 30.00 ? 46  UNK 7 CA 1 
ATOM 718 C CA . UNK E 5 6   ? 3.018   17.208  6.984   1.00 30.00 ? 47  UNK 7 CA 1 
ATOM 719 C CA . UNK E 5 7   ? 1.075   20.493  7.372   1.00 30.00 ? 48  UNK 7 CA 1 
ATOM 720 C CA . UNK E 5 8   ? 3.719   21.753  9.782   1.00 30.00 ? 49  UNK 7 CA 1 
ATOM 721 C CA . UNK E 5 9   ? 6.456   20.725  7.410   1.00 30.00 ? 50  UNK 7 CA 1 
ATOM 722 C CA . UNK E 5 10  ? 4.896   22.114  4.236   1.00 30.00 ? 51  UNK 7 CA 1 
ATOM 723 C CA . UNK E 5 11  ? 3.887   25.345  5.978   1.00 30.00 ? 52  UNK 7 CA 1 
# 
